data_6HVC
# 
_entry.id   6HVC 
# 
_audit_conform.dict_name       mmcif_pdbx.dic 
_audit_conform.dict_version    5.403 
_audit_conform.dict_location   http://mmcif.pdb.org/dictionaries/ascii/mmcif_pdbx.dic 
# 
loop_
_database_2.database_id 
_database_2.database_code 
_database_2.pdbx_database_accession 
_database_2.pdbx_DOI 
PDB   6HVC         pdb_00006hvc 10.2210/pdb6hvc/pdb 
WWPDB D_1200012377 ?            ?                   
BMRB  34319        ?            10.13018/BMR34319   
# 
loop_
_pdbx_audit_revision_history.ordinal 
_pdbx_audit_revision_history.data_content_type 
_pdbx_audit_revision_history.major_revision 
_pdbx_audit_revision_history.minor_revision 
_pdbx_audit_revision_history.revision_date 
_pdbx_audit_revision_history.part_number 
1 'Structure model' 1 0 2019-01-16 ? 
2 'Structure model' 1 1 2019-04-24 ? 
3 'Structure model' 1 2 2025-04-09 ? 
# 
_pdbx_audit_revision_details.ordinal             1 
_pdbx_audit_revision_details.revision_ordinal    1 
_pdbx_audit_revision_details.data_content_type   'Structure model' 
_pdbx_audit_revision_details.provider            repository 
_pdbx_audit_revision_details.type                'Initial release' 
_pdbx_audit_revision_details.description         ? 
_pdbx_audit_revision_details.details             ? 
# 
loop_
_pdbx_audit_revision_group.ordinal 
_pdbx_audit_revision_group.revision_ordinal 
_pdbx_audit_revision_group.data_content_type 
_pdbx_audit_revision_group.group 
1 2 'Structure model' 'Data collection'      
2 2 'Structure model' 'Database references'  
3 3 'Structure model' 'Data collection'      
4 3 'Structure model' 'Database references'  
5 3 'Structure model' 'Derived calculations' 
6 3 'Structure model' 'Structure summary'    
# 
loop_
_pdbx_audit_revision_category.ordinal 
_pdbx_audit_revision_category.revision_ordinal 
_pdbx_audit_revision_category.data_content_type 
_pdbx_audit_revision_category.category 
1  2 'Structure model' citation                  
2  2 'Structure model' citation_author           
3  2 'Structure model' database_PDB_rev          
4  2 'Structure model' database_PDB_rev_record   
5  2 'Structure model' pdbx_database_proc        
6  3 'Structure model' chem_comp_atom            
7  3 'Structure model' chem_comp_bond            
8  3 'Structure model' database_2                
9  3 'Structure model' pdbx_entry_details        
10 3 'Structure model' pdbx_modification_feature 
11 3 'Structure model' struct_conn               
# 
loop_
_pdbx_audit_revision_item.ordinal 
_pdbx_audit_revision_item.revision_ordinal 
_pdbx_audit_revision_item.data_content_type 
_pdbx_audit_revision_item.item 
1  2 'Structure model' '_citation.journal_abbrev'            
2  2 'Structure model' '_citation.journal_id_ISSN'           
3  2 'Structure model' '_citation.journal_volume'            
4  2 'Structure model' '_citation.page_first'                
5  2 'Structure model' '_citation.page_last'                 
6  2 'Structure model' '_citation_author.identifier_ORCID'   
7  2 'Structure model' '_citation_author.name'               
8  3 'Structure model' '_database_2.pdbx_DOI'                
9  3 'Structure model' '_database_2.pdbx_database_accession' 
10 3 'Structure model' '_struct_conn.pdbx_dist_value'        
11 3 'Structure model' '_struct_conn.pdbx_leaving_atom_flag' 
# 
_pdbx_database_status.status_code                     REL 
_pdbx_database_status.status_code_sf                  ? 
_pdbx_database_status.status_code_mr                  REL 
_pdbx_database_status.entry_id                        6HVC 
_pdbx_database_status.recvd_initial_deposition_date   2018-10-10 
_pdbx_database_status.SG_entry                        N 
_pdbx_database_status.deposit_site                    PDBE 
_pdbx_database_status.process_site                    PDBE 
_pdbx_database_status.status_code_cs                  REL 
_pdbx_database_status.methods_development_category    ? 
_pdbx_database_status.pdb_format_compatible           Y 
_pdbx_database_status.status_code_nmr_data            ? 
# 
_pdbx_database_related.db_name        BMRB 
_pdbx_database_related.details        . 
_pdbx_database_related.db_id          34319 
_pdbx_database_related.content_type   unspecified 
# 
loop_
_audit_author.name 
_audit_author.pdbx_ordinal 
_audit_author.identifier_ORCID 
'Brancaccio, D.'                  1  ? 
'Carotenuto, A.'                  2  ? 
'Merlino, F.'                     3  ? 
'Billard, E.'                     4  ? 
'Yousif, A.M.'                    5  ? 
'Di Maro, S.'                     6  ? 
'Abate, L.'                       7  ? 
'Bellavita, R.'                   8  ? 
;D'Emmanuele di Villa Bianca, R.
;
9  ? 
'Santicioli, P.'                  10 ? 
'Marinelli, L.'                   11 ? 
'Novellino, E.'                   12 ? 
'Hebert, T.E.'                    13 ? 
'Lubell, W.D.'                    14 ? 
'Chatenet, D.'                    15 ? 
'Grieco, P.'                      16 ? 
# 
_citation.abstract                  ? 
_citation.abstract_id_CAS           ? 
_citation.book_id_ISBN              ? 
_citation.book_publisher            ? 
_citation.book_publisher_city       ? 
_citation.book_title                ? 
_citation.coordinate_linkage        ? 
_citation.country                   US 
_citation.database_id_Medline       ? 
_citation.details                   ? 
_citation.id                        primary 
_citation.journal_abbrev            J.Med.Chem. 
_citation.journal_id_ASTM           JMCMAR 
_citation.journal_id_CSD            0151 
_citation.journal_id_ISSN           0022-2623 
_citation.journal_full              ? 
_citation.journal_issue             ? 
_citation.journal_volume            62 
_citation.language                  ? 
_citation.page_first                1455 
_citation.page_last                 1467 
_citation.title                     
'Functional Selectivity Revealed by N-Methylation Scanning of Human Urotensin II and Related Peptides.' 
_citation.year                      2019 
_citation.database_id_CSD           ? 
_citation.pdbx_database_id_DOI      10.1021/acs.jmedchem.8b01601 
_citation.pdbx_database_id_PubMed   30615452 
_citation.unpublished_flag          ? 
# 
loop_
_citation_author.citation_id 
_citation_author.name 
_citation_author.ordinal 
_citation_author.identifier_ORCID 
primary 'Merlino, F.'                     1  0000-0002-9607-229X 
primary 'Billard, E.'                     2  ?                   
primary 'Yousif, A.M.'                    3  ?                   
primary 'Di Maro, S.'                     4  0000-0002-9286-4433 
primary 'Brancaccio, D.'                  5  ?                   
primary 'Abate, L.'                       6  ?                   
primary 'Carotenuto, A.'                  7  0000-0001-7532-5449 
primary 'Bellavita, R.'                   8  ?                   
primary 
;d'Emmanuele di Villa Bianca, R.
;
9  ?                   
primary 'Santicioli, P.'                  10 ?                   
primary 'Marinelli, L.'                   11 0000-0002-4084-8044 
primary 'Novellino, E.'                   12 0000-0002-2181-2142 
primary 'Hebert, T.E.'                    13 ?                   
primary 'Lubell, W.D.'                    14 ?                   
primary 'Chatenet, D.'                    15 0000-0002-7270-4328 
primary 'Grieco, P.'                      16 0000-0002-6854-8123 
# 
_entity.id                         1 
_entity.type                       polymer 
_entity.src_method                 syn 
_entity.pdbx_description           Urotensin-2 
_entity.formula_weight             1078.284 
_entity.pdbx_number_of_molecules   1 
_entity.pdbx_ec                    ? 
_entity.pdbx_mutation              ? 
_entity.pdbx_fragment              ? 
_entity.details                    ? 
# 
_entity_name_com.entity_id   1 
_entity_name_com.name        'Urotensin II,UII' 
# 
_entity_poly.entity_id                      1 
_entity_poly.type                           'polypeptide(L)' 
_entity_poly.nstd_linkage                   no 
_entity_poly.nstd_monomer                   yes 
_entity_poly.pdbx_seq_one_letter_code       'DCFW(NMK)YCV' 
_entity_poly.pdbx_seq_one_letter_code_can   DCFWXYCV 
_entity_poly.pdbx_strand_id                 A 
_entity_poly.pdbx_target_identifier         ? 
# 
loop_
_entity_poly_seq.entity_id 
_entity_poly_seq.num 
_entity_poly_seq.mon_id 
_entity_poly_seq.hetero 
1 1 ASP n 
1 2 CYS n 
1 3 PHE n 
1 4 TRP n 
1 5 NMK n 
1 6 TYR n 
1 7 CYS n 
1 8 VAL n 
# 
_pdbx_entity_src_syn.entity_id              1 
_pdbx_entity_src_syn.pdbx_src_id            1 
_pdbx_entity_src_syn.pdbx_alt_source_flag   sample 
_pdbx_entity_src_syn.pdbx_beg_seq_num       1 
_pdbx_entity_src_syn.pdbx_end_seq_num       8 
_pdbx_entity_src_syn.organism_scientific    'Homo sapiens' 
_pdbx_entity_src_syn.organism_common_name   Human 
_pdbx_entity_src_syn.ncbi_taxonomy_id       9606 
_pdbx_entity_src_syn.details                ? 
# 
loop_
_chem_comp.id 
_chem_comp.type 
_chem_comp.mon_nstd_flag 
_chem_comp.name 
_chem_comp.pdbx_synonyms 
_chem_comp.formula 
_chem_comp.formula_weight 
ASP 'L-peptide linking' y 'ASPARTIC ACID'   ? 'C4 H7 N O4'     133.103 
CYS 'L-peptide linking' y CYSTEINE          ? 'C3 H7 N O2 S'   121.158 
LYS 'L-peptide linking' y LYSINE            ? 'C6 H15 N2 O2 1' 147.195 
NMK non-polymer         . 'N-methyl Lysine' ? 'C7 H17 N2 O2 1' 161.222 
PHE 'L-peptide linking' y PHENYLALANINE     ? 'C9 H11 N O2'    165.189 
TRP 'L-peptide linking' y TRYPTOPHAN        ? 'C11 H12 N2 O2'  204.225 
TYR 'L-peptide linking' y TYROSINE          ? 'C9 H11 N O3'    181.189 
VAL 'L-peptide linking' y VALINE            ? 'C5 H11 N O2'    117.146 
# 
loop_
_pdbx_poly_seq_scheme.asym_id 
_pdbx_poly_seq_scheme.entity_id 
_pdbx_poly_seq_scheme.seq_id 
_pdbx_poly_seq_scheme.mon_id 
_pdbx_poly_seq_scheme.ndb_seq_num 
_pdbx_poly_seq_scheme.pdb_seq_num 
_pdbx_poly_seq_scheme.auth_seq_num 
_pdbx_poly_seq_scheme.pdb_mon_id 
_pdbx_poly_seq_scheme.auth_mon_id 
_pdbx_poly_seq_scheme.pdb_strand_id 
_pdbx_poly_seq_scheme.pdb_ins_code 
_pdbx_poly_seq_scheme.hetero 
A 1 1 ASP 1 4  4  ASP ASP A . n 
A 1 2 CYS 2 5  5  CYS CYS A . n 
A 1 3 PHE 3 6  6  PHE PHE A . n 
A 1 4 TRP 4 7  7  TRP TRP A . n 
A 1 5 NMK 5 8  8  NMK NMK A . n 
A 1 6 TYR 6 9  9  TYR TYR A . n 
A 1 7 CYS 7 10 10 CYS CYS A . n 
A 1 8 VAL 8 11 11 VAL VAL A . n 
# 
_exptl.absorpt_coefficient_mu     ? 
_exptl.absorpt_correction_T_max   ? 
_exptl.absorpt_correction_T_min   ? 
_exptl.absorpt_correction_type    ? 
_exptl.absorpt_process_details    ? 
_exptl.entry_id                   6HVC 
_exptl.crystals_number            ? 
_exptl.details                    ? 
_exptl.method                     'SOLUTION NMR' 
_exptl.method_details             ? 
# 
_struct.entry_id                     6HVC 
_struct.title                        'NMR structure of Urotensin Peptide Asp-c[Cys-Phe-Trp-(N-Me)Lys-Tyr-Cys]-Val in SDS solution' 
_struct.pdbx_model_details           ? 
_struct.pdbx_formula_weight          ? 
_struct.pdbx_formula_weight_method   ? 
_struct.pdbx_model_type_details      ? 
_struct.pdbx_CASP_flag               N 
# 
_struct_keywords.entry_id        6HVC 
_struct_keywords.text            
'G protein-coupled receptor, urotensin II receptor, NMR solutions, SDS, N-Methylation, PEPTIDE BINDING PROTEIN' 
_struct_keywords.pdbx_keywords   'PEPTIDE BINDING PROTEIN' 
# 
_struct_asym.id                            A 
_struct_asym.pdbx_blank_PDB_chainid_flag   N 
_struct_asym.pdbx_modified                 N 
_struct_asym.entity_id                     1 
_struct_asym.details                       ? 
# 
_struct_ref.id                         1 
_struct_ref.db_name                    UNP 
_struct_ref.db_code                    UTS2_HUMAN 
_struct_ref.pdbx_db_accession          O95399 
_struct_ref.pdbx_db_isoform            ? 
_struct_ref.entity_id                  1 
_struct_ref.pdbx_seq_one_letter_code   DCFWKYCV 
_struct_ref.pdbx_align_begin           117 
# 
_struct_ref_seq.align_id                      1 
_struct_ref_seq.ref_id                        1 
_struct_ref_seq.pdbx_PDB_id_code              6HVC 
_struct_ref_seq.pdbx_strand_id                A 
_struct_ref_seq.seq_align_beg                 1 
_struct_ref_seq.pdbx_seq_align_beg_ins_code   ? 
_struct_ref_seq.seq_align_end                 8 
_struct_ref_seq.pdbx_seq_align_end_ins_code   ? 
_struct_ref_seq.pdbx_db_accession             O95399 
_struct_ref_seq.db_align_beg                  117 
_struct_ref_seq.pdbx_db_align_beg_ins_code    ? 
_struct_ref_seq.db_align_end                  124 
_struct_ref_seq.pdbx_db_align_end_ins_code    ? 
_struct_ref_seq.pdbx_auth_seq_align_beg       4 
_struct_ref_seq.pdbx_auth_seq_align_end       11 
# 
_struct_ref_seq_dif.align_id                     1 
_struct_ref_seq_dif.pdbx_pdb_id_code             6HVC 
_struct_ref_seq_dif.mon_id                       NMK 
_struct_ref_seq_dif.pdbx_pdb_strand_id           A 
_struct_ref_seq_dif.seq_num                      5 
_struct_ref_seq_dif.pdbx_pdb_ins_code            ? 
_struct_ref_seq_dif.pdbx_seq_db_name             UNP 
_struct_ref_seq_dif.pdbx_seq_db_accession_code   O95399 
_struct_ref_seq_dif.db_mon_id                    LYS 
_struct_ref_seq_dif.pdbx_seq_db_seq_num          121 
_struct_ref_seq_dif.details                      conflict 
_struct_ref_seq_dif.pdbx_auth_seq_num            8 
_struct_ref_seq_dif.pdbx_ordinal                 1 
# 
_pdbx_struct_assembly.id                   1 
_pdbx_struct_assembly.details              author_and_software_defined_assembly 
_pdbx_struct_assembly.method_details       PISA 
_pdbx_struct_assembly.oligomeric_details   monomeric 
_pdbx_struct_assembly.oligomeric_count     1 
# 
loop_
_pdbx_struct_assembly_prop.biol_id 
_pdbx_struct_assembly_prop.type 
_pdbx_struct_assembly_prop.value 
_pdbx_struct_assembly_prop.details 
1 'ABSA (A^2)' 0    ? 
1 MORE         0    ? 
1 'SSA (A^2)'  1120 ? 
# 
_pdbx_struct_assembly_gen.assembly_id       1 
_pdbx_struct_assembly_gen.oper_expression   1 
_pdbx_struct_assembly_gen.asym_id_list      A 
# 
_pdbx_struct_assembly_auth_evidence.id                     1 
_pdbx_struct_assembly_auth_evidence.assembly_id            1 
_pdbx_struct_assembly_auth_evidence.experimental_support   'assay for oligomerization' 
_pdbx_struct_assembly_auth_evidence.details                ? 
# 
_pdbx_struct_oper_list.id                   1 
_pdbx_struct_oper_list.type                 'identity operation' 
_pdbx_struct_oper_list.name                 1_555 
_pdbx_struct_oper_list.symmetry_operation   ? 
_pdbx_struct_oper_list.matrix[1][1]         1.0000000000 
_pdbx_struct_oper_list.matrix[1][2]         0.0000000000 
_pdbx_struct_oper_list.matrix[1][3]         0.0000000000 
_pdbx_struct_oper_list.vector[1]            0.0000000000 
_pdbx_struct_oper_list.matrix[2][1]         0.0000000000 
_pdbx_struct_oper_list.matrix[2][2]         1.0000000000 
_pdbx_struct_oper_list.matrix[2][3]         0.0000000000 
_pdbx_struct_oper_list.vector[2]            0.0000000000 
_pdbx_struct_oper_list.matrix[3][1]         0.0000000000 
_pdbx_struct_oper_list.matrix[3][2]         0.0000000000 
_pdbx_struct_oper_list.matrix[3][3]         1.0000000000 
_pdbx_struct_oper_list.vector[3]            0.0000000000 
# 
loop_
_struct_conn.id 
_struct_conn.conn_type_id 
_struct_conn.pdbx_leaving_atom_flag 
_struct_conn.pdbx_PDB_id 
_struct_conn.ptnr1_label_asym_id 
_struct_conn.ptnr1_label_comp_id 
_struct_conn.ptnr1_label_seq_id 
_struct_conn.ptnr1_label_atom_id 
_struct_conn.pdbx_ptnr1_label_alt_id 
_struct_conn.pdbx_ptnr1_PDB_ins_code 
_struct_conn.pdbx_ptnr1_standard_comp_id 
_struct_conn.ptnr1_symmetry 
_struct_conn.ptnr2_label_asym_id 
_struct_conn.ptnr2_label_comp_id 
_struct_conn.ptnr2_label_seq_id 
_struct_conn.ptnr2_label_atom_id 
_struct_conn.pdbx_ptnr2_label_alt_id 
_struct_conn.pdbx_ptnr2_PDB_ins_code 
_struct_conn.ptnr1_auth_asym_id 
_struct_conn.ptnr1_auth_comp_id 
_struct_conn.ptnr1_auth_seq_id 
_struct_conn.ptnr2_auth_asym_id 
_struct_conn.ptnr2_auth_comp_id 
_struct_conn.ptnr2_auth_seq_id 
_struct_conn.ptnr2_symmetry 
_struct_conn.pdbx_ptnr3_label_atom_id 
_struct_conn.pdbx_ptnr3_label_seq_id 
_struct_conn.pdbx_ptnr3_label_comp_id 
_struct_conn.pdbx_ptnr3_label_asym_id 
_struct_conn.pdbx_ptnr3_label_alt_id 
_struct_conn.pdbx_ptnr3_PDB_ins_code 
_struct_conn.details 
_struct_conn.pdbx_dist_value 
_struct_conn.pdbx_value_order 
_struct_conn.pdbx_role 
disulf1 disulf ?    ? A CYS 2 SG ? ? ? 1_555 A CYS 7 SG ? ? A CYS 5 A CYS 10 1_555 ? ? ? ? ? ? ? 2.015 ? ? 
covale1 covale both ? A TRP 4 C  ? ? ? 1_555 A NMK 5 N  ? ? A TRP 7 A NMK 8  1_555 ? ? ? ? ? ? ? 1.364 ? ? 
covale2 covale both ? A NMK 5 C  ? ? ? 1_555 A TYR 6 N  ? ? A NMK 8 A TYR 9  1_555 ? ? ? ? ? ? ? 1.357 ? ? 
# 
loop_
_struct_conn_type.id 
_struct_conn_type.criteria 
_struct_conn_type.reference 
disulf ? ? 
covale ? ? 
# 
loop_
_pdbx_modification_feature.ordinal 
_pdbx_modification_feature.label_comp_id 
_pdbx_modification_feature.label_asym_id 
_pdbx_modification_feature.label_seq_id 
_pdbx_modification_feature.label_alt_id 
_pdbx_modification_feature.modified_residue_label_comp_id 
_pdbx_modification_feature.modified_residue_label_asym_id 
_pdbx_modification_feature.modified_residue_label_seq_id 
_pdbx_modification_feature.modified_residue_label_alt_id 
_pdbx_modification_feature.auth_comp_id 
_pdbx_modification_feature.auth_asym_id 
_pdbx_modification_feature.auth_seq_id 
_pdbx_modification_feature.PDB_ins_code 
_pdbx_modification_feature.symmetry 
_pdbx_modification_feature.modified_residue_auth_comp_id 
_pdbx_modification_feature.modified_residue_auth_asym_id 
_pdbx_modification_feature.modified_residue_auth_seq_id 
_pdbx_modification_feature.modified_residue_PDB_ins_code 
_pdbx_modification_feature.modified_residue_symmetry 
_pdbx_modification_feature.comp_id_linking_atom 
_pdbx_modification_feature.modified_residue_id_linking_atom 
_pdbx_modification_feature.modified_residue_id 
_pdbx_modification_feature.ref_pcm_id 
_pdbx_modification_feature.ref_comp_id 
_pdbx_modification_feature.type 
_pdbx_modification_feature.category 
1 NMK A 5 ? .   . . . NMK A 8 ? 1_555 .   . .  . .     .  .  LYS 1 NMK Methylation 'Named protein modification' 
2 CYS A 2 ? CYS A 7 ? CYS A 5 ? 1_555 CYS A 10 ? 1_555 SG SG .   . .   None        'Disulfide bridge'           
# 
_pdbx_entry_details.entry_id                   6HVC 
_pdbx_entry_details.compound_details           ? 
_pdbx_entry_details.source_details             ? 
_pdbx_entry_details.nonpolymer_details         ? 
_pdbx_entry_details.sequence_details           ? 
_pdbx_entry_details.has_ligand_of_interest     ? 
_pdbx_entry_details.has_protein_modification   Y 
# 
loop_
_pdbx_validate_close_contact.id 
_pdbx_validate_close_contact.PDB_model_num 
_pdbx_validate_close_contact.auth_atom_id_1 
_pdbx_validate_close_contact.auth_asym_id_1 
_pdbx_validate_close_contact.auth_comp_id_1 
_pdbx_validate_close_contact.auth_seq_id_1 
_pdbx_validate_close_contact.PDB_ins_code_1 
_pdbx_validate_close_contact.label_alt_id_1 
_pdbx_validate_close_contact.auth_atom_id_2 
_pdbx_validate_close_contact.auth_asym_id_2 
_pdbx_validate_close_contact.auth_comp_id_2 
_pdbx_validate_close_contact.auth_seq_id_2 
_pdbx_validate_close_contact.PDB_ins_code_2 
_pdbx_validate_close_contact.label_alt_id_2 
_pdbx_validate_close_contact.dist 
1 3  H2 A ASP 4 ? ? O   A VAL 11 ? ? 1.58 
2 6  HH A TYR 9 ? ? O   A VAL 11 ? ? 1.39 
3 6  H2 A ASP 4 ? ? OXT A VAL 11 ? ? 1.59 
4 7  HH A TYR 9 ? ? O   A VAL 11 ? ? 1.38 
5 7  H1 A ASP 4 ? ? OXT A VAL 11 ? ? 1.58 
6 8  HH A TYR 9 ? ? OXT A VAL 11 ? ? 1.41 
7 9  H3 A ASP 4 ? ? OXT A VAL 11 ? ? 1.59 
8 10 H1 A ASP 4 ? ? O   A VAL 11 ? ? 1.56 
# 
loop_
_pdbx_validate_rmsd_angle.id 
_pdbx_validate_rmsd_angle.PDB_model_num 
_pdbx_validate_rmsd_angle.auth_atom_id_1 
_pdbx_validate_rmsd_angle.auth_asym_id_1 
_pdbx_validate_rmsd_angle.auth_comp_id_1 
_pdbx_validate_rmsd_angle.auth_seq_id_1 
_pdbx_validate_rmsd_angle.PDB_ins_code_1 
_pdbx_validate_rmsd_angle.label_alt_id_1 
_pdbx_validate_rmsd_angle.auth_atom_id_2 
_pdbx_validate_rmsd_angle.auth_asym_id_2 
_pdbx_validate_rmsd_angle.auth_comp_id_2 
_pdbx_validate_rmsd_angle.auth_seq_id_2 
_pdbx_validate_rmsd_angle.PDB_ins_code_2 
_pdbx_validate_rmsd_angle.label_alt_id_2 
_pdbx_validate_rmsd_angle.auth_atom_id_3 
_pdbx_validate_rmsd_angle.auth_asym_id_3 
_pdbx_validate_rmsd_angle.auth_comp_id_3 
_pdbx_validate_rmsd_angle.auth_seq_id_3 
_pdbx_validate_rmsd_angle.PDB_ins_code_3 
_pdbx_validate_rmsd_angle.label_alt_id_3 
_pdbx_validate_rmsd_angle.angle_value 
_pdbx_validate_rmsd_angle.angle_target_value 
_pdbx_validate_rmsd_angle.angle_deviation 
_pdbx_validate_rmsd_angle.angle_standard_deviation 
_pdbx_validate_rmsd_angle.linker_flag 
1 9  CD1 A TRP 7 ? ? NE1 A TRP 7 ? ? CE2 A TRP 7 ? ? 103.35 109.00 -5.65 0.90 N 
2 10 CD1 A TRP 7 ? ? NE1 A TRP 7 ? ? CE2 A TRP 7 ? ? 103.24 109.00 -5.76 0.90 N 
# 
loop_
_pdbx_validate_torsion.id 
_pdbx_validate_torsion.PDB_model_num 
_pdbx_validate_torsion.auth_comp_id 
_pdbx_validate_torsion.auth_asym_id 
_pdbx_validate_torsion.auth_seq_id 
_pdbx_validate_torsion.PDB_ins_code 
_pdbx_validate_torsion.label_alt_id 
_pdbx_validate_torsion.phi 
_pdbx_validate_torsion.psi 
1 2  TYR A 9  ? ? -163.03 111.79 
2 5  CYS A 10 ? ? -102.60 70.56  
3 6  TYR A 9  ? ? -162.04 106.92 
4 6  CYS A 10 ? ? -113.88 64.54  
5 7  TYR A 9  ? ? -161.60 114.37 
6 8  TYR A 9  ? ? -160.61 114.57 
7 9  CYS A 10 ? ? -108.10 76.03  
8 10 TYR A 9  ? ? -160.49 97.13  
9 10 CYS A 10 ? ? -103.99 73.26  
# 
loop_
_pdbx_validate_planes.id 
_pdbx_validate_planes.PDB_model_num 
_pdbx_validate_planes.auth_comp_id 
_pdbx_validate_planes.auth_asym_id 
_pdbx_validate_planes.auth_seq_id 
_pdbx_validate_planes.PDB_ins_code 
_pdbx_validate_planes.label_alt_id 
_pdbx_validate_planes.rmsd 
_pdbx_validate_planes.type 
1 6 TYR A 9 ? ? 0.081 'SIDE CHAIN' 
2 8 TYR A 9 ? ? 0.072 'SIDE CHAIN' 
# 
_pdbx_nmr_ensemble.entry_id                                      6HVC 
_pdbx_nmr_ensemble.conformers_calculated_total_number            100 
_pdbx_nmr_ensemble.conformers_submitted_total_number             10 
_pdbx_nmr_ensemble.conformer_selection_criteria                  'structures with the lowest energy' 
_pdbx_nmr_ensemble.representative_conformer                      ? 
_pdbx_nmr_ensemble.average_constraints_per_residue               ? 
_pdbx_nmr_ensemble.average_constraint_violations_per_residue     ? 
_pdbx_nmr_ensemble.maximum_distance_constraint_violation         ? 
_pdbx_nmr_ensemble.average_distance_constraint_violation         ? 
_pdbx_nmr_ensemble.maximum_upper_distance_constraint_violation   ? 
_pdbx_nmr_ensemble.maximum_lower_distance_constraint_violation   ? 
_pdbx_nmr_ensemble.distance_constraint_violation_method          ? 
_pdbx_nmr_ensemble.maximum_torsion_angle_constraint_violation    ? 
_pdbx_nmr_ensemble.average_torsion_angle_constraint_violation    ? 
_pdbx_nmr_ensemble.torsion_angle_constraint_violation_method     ? 
# 
_pdbx_nmr_representative.entry_id             6HVC 
_pdbx_nmr_representative.conformer_id         1 
_pdbx_nmr_representative.selection_criteria   'lowest energy' 
# 
_pdbx_nmr_sample_details.solution_id      1 
_pdbx_nmr_sample_details.contents         '2.0 mM 1H peptide, 200 mM [U-99% 2H] SDS, 90% H2O/10% D2O' 
_pdbx_nmr_sample_details.solvent_system   '90% H2O/10% D2O' 
_pdbx_nmr_sample_details.label            sample 
_pdbx_nmr_sample_details.type             micelle 
_pdbx_nmr_sample_details.details          ? 
# 
loop_
_pdbx_nmr_exptl_sample.solution_id 
_pdbx_nmr_exptl_sample.component 
_pdbx_nmr_exptl_sample.concentration 
_pdbx_nmr_exptl_sample.concentration_range 
_pdbx_nmr_exptl_sample.concentration_units 
_pdbx_nmr_exptl_sample.isotopic_labeling 
1 peptide 2.0 ? mM 1H           
1 SDS     200 ? mM '[U-99% 2H]' 
# 
_pdbx_nmr_exptl_sample_conditions.conditions_id          1 
_pdbx_nmr_exptl_sample_conditions.temperature            298 
_pdbx_nmr_exptl_sample_conditions.pressure_units         atm 
_pdbx_nmr_exptl_sample_conditions.pressure               1 
_pdbx_nmr_exptl_sample_conditions.pH                     5.5 
_pdbx_nmr_exptl_sample_conditions.ionic_strength         0 
_pdbx_nmr_exptl_sample_conditions.details                ? 
_pdbx_nmr_exptl_sample_conditions.ionic_strength_err     ? 
_pdbx_nmr_exptl_sample_conditions.ionic_strength_units   mM 
_pdbx_nmr_exptl_sample_conditions.label                  conditions 
_pdbx_nmr_exptl_sample_conditions.pH_err                 ? 
_pdbx_nmr_exptl_sample_conditions.pH_units               pH 
_pdbx_nmr_exptl_sample_conditions.pressure_err           ? 
_pdbx_nmr_exptl_sample_conditions.temperature_err        ? 
_pdbx_nmr_exptl_sample_conditions.temperature_units      K 
# 
loop_
_pdbx_nmr_exptl.experiment_id 
_pdbx_nmr_exptl.conditions_id 
_pdbx_nmr_exptl.solution_id 
_pdbx_nmr_exptl.type 
_pdbx_nmr_exptl.spectrometer_id 
_pdbx_nmr_exptl.sample_state 
1 1 1 '2D 1H-1H NOESY' 1 anisotropic 
2 1 1 '2D 1H-1H TOCSY' 1 anisotropic 
3 1 1 '2D DQF-COSY'    1 anisotropic 
# 
_pdbx_nmr_refine.entry_id           6HVC 
_pdbx_nmr_refine.method             'simulated annealing' 
_pdbx_nmr_refine.details            ? 
_pdbx_nmr_refine.software_ordinal   1 
# 
loop_
_pdbx_nmr_software.ordinal 
_pdbx_nmr_software.classification 
_pdbx_nmr_software.name 
_pdbx_nmr_software.version 
_pdbx_nmr_software.authors 
1 refinement                  CYANA ? 'Guntert, Mumenthaler and Wuthrich' 
2 'structure calculation'     CYANA ? 'Guntert, Mumenthaler and Wuthrich' 
3 'chemical shift assignment' XEASY ? 'Bartels et al.'                    
# 
loop_
_chem_comp_atom.comp_id 
_chem_comp_atom.atom_id 
_chem_comp_atom.type_symbol 
_chem_comp_atom.pdbx_aromatic_flag 
_chem_comp_atom.pdbx_stereo_config 
_chem_comp_atom.pdbx_ordinal 
ASP N    N N N 1   
ASP CA   C N S 2   
ASP C    C N N 3   
ASP O    O N N 4   
ASP CB   C N N 5   
ASP CG   C N N 6   
ASP OD1  O N N 7   
ASP OD2  O N N 8   
ASP OXT  O N N 9   
ASP H    H N N 10  
ASP H2   H N N 11  
ASP HA   H N N 12  
ASP HB2  H N N 13  
ASP HB3  H N N 14  
ASP HD2  H N N 15  
ASP HXT  H N N 16  
CYS N    N N N 17  
CYS CA   C N R 18  
CYS C    C N N 19  
CYS O    O N N 20  
CYS CB   C N N 21  
CYS SG   S N N 22  
CYS OXT  O N N 23  
CYS H    H N N 24  
CYS H2   H N N 25  
CYS HA   H N N 26  
CYS HB2  H N N 27  
CYS HB3  H N N 28  
CYS HG   H N N 29  
CYS HXT  H N N 30  
LYS N    N N N 31  
LYS CA   C N S 32  
LYS C    C N N 33  
LYS O    O N N 34  
LYS CB   C N N 35  
LYS CG   C N N 36  
LYS CD   C N N 37  
LYS CE   C N N 38  
LYS NZ   N N N 39  
LYS OXT  O N N 40  
LYS H    H N N 41  
LYS H2   H N N 42  
LYS HA   H N N 43  
LYS HB2  H N N 44  
LYS HB3  H N N 45  
LYS HG2  H N N 46  
LYS HG3  H N N 47  
LYS HD2  H N N 48  
LYS HD3  H N N 49  
LYS HE2  H N N 50  
LYS HE3  H N N 51  
LYS HZ1  H N N 52  
LYS HZ2  H N N 53  
LYS HZ3  H N N 54  
LYS HXT  H N N 55  
NMK N    N N N 56  
NMK CA   C N S 57  
NMK CB   C N N 58  
NMK CG   C N N 59  
NMK CD   C N N 60  
NMK CE   C N N 61  
NMK NZ   N N N 62  
NMK C    C N N 63  
NMK O    O N N 64  
NMK CN   C N N 65  
NMK OXT  O N N 66  
NMK H    H N N 67  
NMK HA   H N N 68  
NMK HB2  H N N 69  
NMK HB3  H N N 70  
NMK HG2  H N N 71  
NMK HG3  H N N 72  
NMK HD2  H N N 73  
NMK HD3  H N N 74  
NMK HE2  H N N 75  
NMK HE3  H N N 76  
NMK HZ1  H N N 77  
NMK HZ3  H N N 78  
NMK HM1  H N N 79  
NMK HM2  H N N 80  
NMK HM3  H N N 81  
NMK HXT  H N N 82  
NMK HZ2  H N N 83  
PHE N    N N N 84  
PHE CA   C N S 85  
PHE C    C N N 86  
PHE O    O N N 87  
PHE CB   C N N 88  
PHE CG   C Y N 89  
PHE CD1  C Y N 90  
PHE CD2  C Y N 91  
PHE CE1  C Y N 92  
PHE CE2  C Y N 93  
PHE CZ   C Y N 94  
PHE OXT  O N N 95  
PHE H    H N N 96  
PHE H2   H N N 97  
PHE HA   H N N 98  
PHE HB2  H N N 99  
PHE HB3  H N N 100 
PHE HD1  H N N 101 
PHE HD2  H N N 102 
PHE HE1  H N N 103 
PHE HE2  H N N 104 
PHE HZ   H N N 105 
PHE HXT  H N N 106 
TRP N    N N N 107 
TRP CA   C N S 108 
TRP C    C N N 109 
TRP O    O N N 110 
TRP CB   C N N 111 
TRP CG   C Y N 112 
TRP CD1  C Y N 113 
TRP CD2  C Y N 114 
TRP NE1  N Y N 115 
TRP CE2  C Y N 116 
TRP CE3  C Y N 117 
TRP CZ2  C Y N 118 
TRP CZ3  C Y N 119 
TRP CH2  C Y N 120 
TRP OXT  O N N 121 
TRP H    H N N 122 
TRP H2   H N N 123 
TRP HA   H N N 124 
TRP HB2  H N N 125 
TRP HB3  H N N 126 
TRP HD1  H N N 127 
TRP HE1  H N N 128 
TRP HE3  H N N 129 
TRP HZ2  H N N 130 
TRP HZ3  H N N 131 
TRP HH2  H N N 132 
TRP HXT  H N N 133 
TYR N    N N N 134 
TYR CA   C N S 135 
TYR C    C N N 136 
TYR O    O N N 137 
TYR CB   C N N 138 
TYR CG   C Y N 139 
TYR CD1  C Y N 140 
TYR CD2  C Y N 141 
TYR CE1  C Y N 142 
TYR CE2  C Y N 143 
TYR CZ   C Y N 144 
TYR OH   O N N 145 
TYR OXT  O N N 146 
TYR H    H N N 147 
TYR H2   H N N 148 
TYR HA   H N N 149 
TYR HB2  H N N 150 
TYR HB3  H N N 151 
TYR HD1  H N N 152 
TYR HD2  H N N 153 
TYR HE1  H N N 154 
TYR HE2  H N N 155 
TYR HH   H N N 156 
TYR HXT  H N N 157 
VAL N    N N N 158 
VAL CA   C N S 159 
VAL C    C N N 160 
VAL O    O N N 161 
VAL CB   C N N 162 
VAL CG1  C N N 163 
VAL CG2  C N N 164 
VAL OXT  O N N 165 
VAL H    H N N 166 
VAL H2   H N N 167 
VAL HA   H N N 168 
VAL HB   H N N 169 
VAL HG11 H N N 170 
VAL HG12 H N N 171 
VAL HG13 H N N 172 
VAL HG21 H N N 173 
VAL HG22 H N N 174 
VAL HG23 H N N 175 
VAL HXT  H N N 176 
# 
loop_
_chem_comp_bond.comp_id 
_chem_comp_bond.atom_id_1 
_chem_comp_bond.atom_id_2 
_chem_comp_bond.value_order 
_chem_comp_bond.pdbx_aromatic_flag 
_chem_comp_bond.pdbx_stereo_config 
_chem_comp_bond.pdbx_ordinal 
ASP N   CA   sing N N 1   
ASP N   H    sing N N 2   
ASP N   H2   sing N N 3   
ASP CA  C    sing N N 4   
ASP CA  CB   sing N N 5   
ASP CA  HA   sing N N 6   
ASP C   O    doub N N 7   
ASP C   OXT  sing N N 8   
ASP CB  CG   sing N N 9   
ASP CB  HB2  sing N N 10  
ASP CB  HB3  sing N N 11  
ASP CG  OD1  doub N N 12  
ASP CG  OD2  sing N N 13  
ASP OD2 HD2  sing N N 14  
ASP OXT HXT  sing N N 15  
CYS N   CA   sing N N 16  
CYS N   H    sing N N 17  
CYS N   H2   sing N N 18  
CYS CA  C    sing N N 19  
CYS CA  CB   sing N N 20  
CYS CA  HA   sing N N 21  
CYS C   O    doub N N 22  
CYS C   OXT  sing N N 23  
CYS CB  SG   sing N N 24  
CYS CB  HB2  sing N N 25  
CYS CB  HB3  sing N N 26  
CYS SG  HG   sing N N 27  
CYS OXT HXT  sing N N 28  
LYS N   CA   sing N N 29  
LYS N   H    sing N N 30  
LYS N   H2   sing N N 31  
LYS CA  C    sing N N 32  
LYS CA  CB   sing N N 33  
LYS CA  HA   sing N N 34  
LYS C   O    doub N N 35  
LYS C   OXT  sing N N 36  
LYS CB  CG   sing N N 37  
LYS CB  HB2  sing N N 38  
LYS CB  HB3  sing N N 39  
LYS CG  CD   sing N N 40  
LYS CG  HG2  sing N N 41  
LYS CG  HG3  sing N N 42  
LYS CD  CE   sing N N 43  
LYS CD  HD2  sing N N 44  
LYS CD  HD3  sing N N 45  
LYS CE  NZ   sing N N 46  
LYS CE  HE2  sing N N 47  
LYS CE  HE3  sing N N 48  
LYS NZ  HZ1  sing N N 49  
LYS NZ  HZ2  sing N N 50  
LYS NZ  HZ3  sing N N 51  
LYS OXT HXT  sing N N 52  
NMK NZ  CE   sing N N 53  
NMK CE  CD   sing N N 54  
NMK CD  CG   sing N N 55  
NMK CG  CB   sing N N 56  
NMK CA  N    sing N N 57  
NMK CA  CB   sing N N 58  
NMK CA  C    sing N N 59  
NMK N   CN   sing N N 60  
NMK C   O    doub N N 61  
NMK C   OXT  sing N N 62  
NMK N   H    sing N N 63  
NMK CA  HA   sing N N 64  
NMK CB  HB2  sing N N 65  
NMK CB  HB3  sing N N 66  
NMK CG  HG2  sing N N 67  
NMK CG  HG3  sing N N 68  
NMK CD  HD2  sing N N 69  
NMK CD  HD3  sing N N 70  
NMK CE  HE2  sing N N 71  
NMK CE  HE3  sing N N 72  
NMK NZ  HZ1  sing N N 73  
NMK NZ  HZ3  sing N N 74  
NMK CN  HM1  sing N N 75  
NMK CN  HM2  sing N N 76  
NMK CN  HM3  sing N N 77  
NMK OXT HXT  sing N N 78  
NMK NZ  HZ2  sing N N 79  
PHE N   CA   sing N N 80  
PHE N   H    sing N N 81  
PHE N   H2   sing N N 82  
PHE CA  C    sing N N 83  
PHE CA  CB   sing N N 84  
PHE CA  HA   sing N N 85  
PHE C   O    doub N N 86  
PHE C   OXT  sing N N 87  
PHE CB  CG   sing N N 88  
PHE CB  HB2  sing N N 89  
PHE CB  HB3  sing N N 90  
PHE CG  CD1  doub Y N 91  
PHE CG  CD2  sing Y N 92  
PHE CD1 CE1  sing Y N 93  
PHE CD1 HD1  sing N N 94  
PHE CD2 CE2  doub Y N 95  
PHE CD2 HD2  sing N N 96  
PHE CE1 CZ   doub Y N 97  
PHE CE1 HE1  sing N N 98  
PHE CE2 CZ   sing Y N 99  
PHE CE2 HE2  sing N N 100 
PHE CZ  HZ   sing N N 101 
PHE OXT HXT  sing N N 102 
TRP N   CA   sing N N 103 
TRP N   H    sing N N 104 
TRP N   H2   sing N N 105 
TRP CA  C    sing N N 106 
TRP CA  CB   sing N N 107 
TRP CA  HA   sing N N 108 
TRP C   O    doub N N 109 
TRP C   OXT  sing N N 110 
TRP CB  CG   sing N N 111 
TRP CB  HB2  sing N N 112 
TRP CB  HB3  sing N N 113 
TRP CG  CD1  doub Y N 114 
TRP CG  CD2  sing Y N 115 
TRP CD1 NE1  sing Y N 116 
TRP CD1 HD1  sing N N 117 
TRP CD2 CE2  doub Y N 118 
TRP CD2 CE3  sing Y N 119 
TRP NE1 CE2  sing Y N 120 
TRP NE1 HE1  sing N N 121 
TRP CE2 CZ2  sing Y N 122 
TRP CE3 CZ3  doub Y N 123 
TRP CE3 HE3  sing N N 124 
TRP CZ2 CH2  doub Y N 125 
TRP CZ2 HZ2  sing N N 126 
TRP CZ3 CH2  sing Y N 127 
TRP CZ3 HZ3  sing N N 128 
TRP CH2 HH2  sing N N 129 
TRP OXT HXT  sing N N 130 
TYR N   CA   sing N N 131 
TYR N   H    sing N N 132 
TYR N   H2   sing N N 133 
TYR CA  C    sing N N 134 
TYR CA  CB   sing N N 135 
TYR CA  HA   sing N N 136 
TYR C   O    doub N N 137 
TYR C   OXT  sing N N 138 
TYR CB  CG   sing N N 139 
TYR CB  HB2  sing N N 140 
TYR CB  HB3  sing N N 141 
TYR CG  CD1  doub Y N 142 
TYR CG  CD2  sing Y N 143 
TYR CD1 CE1  sing Y N 144 
TYR CD1 HD1  sing N N 145 
TYR CD2 CE2  doub Y N 146 
TYR CD2 HD2  sing N N 147 
TYR CE1 CZ   doub Y N 148 
TYR CE1 HE1  sing N N 149 
TYR CE2 CZ   sing Y N 150 
TYR CE2 HE2  sing N N 151 
TYR CZ  OH   sing N N 152 
TYR OH  HH   sing N N 153 
TYR OXT HXT  sing N N 154 
VAL N   CA   sing N N 155 
VAL N   H    sing N N 156 
VAL N   H2   sing N N 157 
VAL CA  C    sing N N 158 
VAL CA  CB   sing N N 159 
VAL CA  HA   sing N N 160 
VAL C   O    doub N N 161 
VAL C   OXT  sing N N 162 
VAL CB  CG1  sing N N 163 
VAL CB  CG2  sing N N 164 
VAL CB  HB   sing N N 165 
VAL CG1 HG11 sing N N 166 
VAL CG1 HG12 sing N N 167 
VAL CG1 HG13 sing N N 168 
VAL CG2 HG21 sing N N 169 
VAL CG2 HG22 sing N N 170 
VAL CG2 HG23 sing N N 171 
VAL OXT HXT  sing N N 172 
# 
_pdbx_audit_support.funding_organization   'Canadian Institutes of Health Research' 
_pdbx_audit_support.country                Canada 
_pdbx_audit_support.grant_number           ? 
_pdbx_audit_support.ordinal                1 
# 
_pdbx_nmr_spectrometer.spectrometer_id   1 
_pdbx_nmr_spectrometer.model             INOVA 
_pdbx_nmr_spectrometer.type              ? 
_pdbx_nmr_spectrometer.manufacturer      Varian 
_pdbx_nmr_spectrometer.field_strength    700 
_pdbx_nmr_spectrometer.details           ? 
# 
_atom_sites.entry_id                    6HVC 
_atom_sites.fract_transf_matrix[1][1]   1.000000 
_atom_sites.fract_transf_matrix[1][2]   0.000000 
_atom_sites.fract_transf_matrix[1][3]   0.000000 
_atom_sites.fract_transf_matrix[2][1]   0.000000 
_atom_sites.fract_transf_matrix[2][2]   1.000000 
_atom_sites.fract_transf_matrix[2][3]   0.000000 
_atom_sites.fract_transf_matrix[3][1]   0.000000 
_atom_sites.fract_transf_matrix[3][2]   0.000000 
_atom_sites.fract_transf_matrix[3][3]   1.000000 
_atom_sites.fract_transf_vector[1]      0.00000 
_atom_sites.fract_transf_vector[2]      0.00000 
_atom_sites.fract_transf_vector[3]      0.00000 
# 
loop_
_atom_type.symbol 
C 
H 
N 
O 
S 
# 
loop_
_atom_site.group_PDB 
_atom_site.id 
_atom_site.type_symbol 
_atom_site.label_atom_id 
_atom_site.label_alt_id 
_atom_site.label_comp_id 
_atom_site.label_asym_id 
_atom_site.label_entity_id 
_atom_site.label_seq_id 
_atom_site.pdbx_PDB_ins_code 
_atom_site.Cartn_x 
_atom_site.Cartn_y 
_atom_site.Cartn_z 
_atom_site.occupancy 
_atom_site.B_iso_or_equiv 
_atom_site.pdbx_formal_charge 
_atom_site.auth_seq_id 
_atom_site.auth_comp_id 
_atom_site.auth_asym_id 
_atom_site.auth_atom_id 
_atom_site.pdbx_PDB_model_num 
ATOM   1    N N    . ASP A 1 1 ? 2.720  -6.140 -1.214 1.00 0.00 ? 4  ASP A N    1  
ATOM   2    C CA   . ASP A 1 1 ? 1.470  -5.841 -1.952 1.00 0.00 ? 4  ASP A CA   1  
ATOM   3    C C    . ASP A 1 1 ? 0.786  -4.543 -1.419 1.00 0.00 ? 4  ASP A C    1  
ATOM   4    O O    . ASP A 1 1 ? 0.743  -4.303 -0.208 1.00 0.00 ? 4  ASP A O    1  
ATOM   5    C CB   . ASP A 1 1 ? 0.554  -7.087 -1.883 1.00 0.00 ? 4  ASP A CB   1  
ATOM   6    C CG   . ASP A 1 1 ? 1.117  -8.321 -2.591 1.00 0.00 ? 4  ASP A CG   1  
ATOM   7    O OD1  . ASP A 1 1 ? 0.428  -8.890 -3.460 1.00 0.00 ? 4  ASP A OD1  1  
ATOM   8    O OD2  . ASP A 1 1 ? 2.270  -8.698 -2.286 1.00 0.00 ? 4  ASP A OD2  1  
ATOM   9    H H1   . ASP A 1 1 ? 3.460  -5.387 -1.264 1.00 0.00 ? 4  ASP A H1   1  
ATOM   10   H H2   . ASP A 1 1 ? 2.582  -6.149 -0.194 1.00 0.00 ? 4  ASP A H2   1  
ATOM   11   H H3   . ASP A 1 1 ? 3.084  -7.066 -1.493 1.00 0.00 ? 4  ASP A H3   1  
ATOM   12   H HA   . ASP A 1 1 ? 1.744  -5.681 -3.015 1.00 0.00 ? 4  ASP A HA   1  
ATOM   13   H HB2  . ASP A 1 1 ? 0.324  -7.358 -0.834 1.00 0.00 ? 4  ASP A HB2  1  
ATOM   14   H HB3  . ASP A 1 1 ? -0.425 -6.855 -2.340 1.00 0.00 ? 4  ASP A HB3  1  
ATOM   15   N N    . CYS A 1 2 ? 0.276  -3.679 -2.321 1.00 0.00 ? 5  CYS A N    1  
ATOM   16   C CA   . CYS A 1 2 ? -0.087 -2.286 -1.955 1.00 0.00 ? 5  CYS A CA   1  
ATOM   17   C C    . CYS A 1 2 ? -1.441 -2.125 -1.189 1.00 0.00 ? 5  CYS A C    1  
ATOM   18   O O    . CYS A 1 2 ? -2.501 -2.561 -1.645 1.00 0.00 ? 5  CYS A O    1  
ATOM   19   C CB   . CYS A 1 2 ? -0.007 -1.414 -3.225 1.00 0.00 ? 5  CYS A CB   1  
ATOM   20   S SG   . CYS A 1 2 ? -0.050 0.337  -2.769 1.00 0.00 ? 5  CYS A SG   1  
ATOM   21   H H    . CYS A 1 2 ? 0.289  -3.991 -3.297 1.00 0.00 ? 5  CYS A H    1  
ATOM   22   H HA   . CYS A 1 2 ? 0.720  -1.925 -1.296 1.00 0.00 ? 5  CYS A HA   1  
ATOM   23   H HB2  . CYS A 1 2 ? 0.929  -1.596 -3.788 1.00 0.00 ? 5  CYS A HB2  1  
ATOM   24   H HB3  . CYS A 1 2 ? -0.841 -1.637 -3.914 1.00 0.00 ? 5  CYS A HB3  1  
ATOM   25   N N    . PHE A 1 3 ? -1.383 -1.447 -0.029 1.00 0.00 ? 6  PHE A N    1  
ATOM   26   C CA   . PHE A 1 3 ? -2.579 -1.000 0.725  1.00 0.00 ? 6  PHE A CA   1  
ATOM   27   C C    . PHE A 1 3 ? -3.020 0.422  0.234  1.00 0.00 ? 6  PHE A C    1  
ATOM   28   O O    . PHE A 1 3 ? -2.228 1.185  -0.333 1.00 0.00 ? 6  PHE A O    1  
ATOM   29   C CB   . PHE A 1 3 ? -2.159 -1.083 2.222  1.00 0.00 ? 6  PHE A CB   1  
ATOM   30   C CG   . PHE A 1 3 ? -3.231 -0.752 3.270  1.00 0.00 ? 6  PHE A CG   1  
ATOM   31   C CD1  . PHE A 1 3 ? -3.083 0.370  4.093  1.00 0.00 ? 6  PHE A CD1  1  
ATOM   32   C CD2  . PHE A 1 3 ? -4.351 -1.575 3.427  1.00 0.00 ? 6  PHE A CD2  1  
ATOM   33   C CE1  . PHE A 1 3 ? -4.050 0.672  5.048  1.00 0.00 ? 6  PHE A CE1  1  
ATOM   34   C CE2  . PHE A 1 3 ? -5.317 -1.271 4.384  1.00 0.00 ? 6  PHE A CE2  1  
ATOM   35   C CZ   . PHE A 1 3 ? -5.168 -0.146 5.191  1.00 0.00 ? 6  PHE A CZ   1  
ATOM   36   H H    . PHE A 1 3 ? -0.520 -0.902 0.117  1.00 0.00 ? 6  PHE A H    1  
ATOM   37   H HA   . PHE A 1 3 ? -3.412 -1.713 0.559  1.00 0.00 ? 6  PHE A HA   1  
ATOM   38   H HB2  . PHE A 1 3 ? -1.791 -2.106 2.443  1.00 0.00 ? 6  PHE A HB2  1  
ATOM   39   H HB3  . PHE A 1 3 ? -1.265 -0.448 2.384  1.00 0.00 ? 6  PHE A HB3  1  
ATOM   40   H HD1  . PHE A 1 3 ? -2.220 1.012  3.997  1.00 0.00 ? 6  PHE A HD1  1  
ATOM   41   H HD2  . PHE A 1 3 ? -4.471 -2.459 2.816  1.00 0.00 ? 6  PHE A HD2  1  
ATOM   42   H HE1  . PHE A 1 3 ? -3.925 1.538  5.684  1.00 0.00 ? 6  PHE A HE1  1  
ATOM   43   H HE2  . PHE A 1 3 ? -6.175 -1.917 4.506  1.00 0.00 ? 6  PHE A HE2  1  
ATOM   44   H HZ   . PHE A 1 3 ? -5.915 0.085  5.937  1.00 0.00 ? 6  PHE A HZ   1  
ATOM   45   N N    . TRP A 1 4 ? -4.302 0.777  0.440  1.00 0.00 ? 7  TRP A N    1  
ATOM   46   C CA   . TRP A 1 4 ? -4.927 1.997  -0.156 1.00 0.00 ? 7  TRP A CA   1  
ATOM   47   C C    . TRP A 1 4 ? -4.124 3.346  -0.196 1.00 0.00 ? 7  TRP A C    1  
ATOM   48   O O    . TRP A 1 4 ? -4.000 3.857  -1.319 1.00 0.00 ? 7  TRP A O    1  
ATOM   49   C CB   . TRP A 1 4 ? -6.376 2.112  0.396  1.00 0.00 ? 7  TRP A CB   1  
ATOM   50   C CG   . TRP A 1 4 ? -7.179 3.383  0.049  1.00 0.00 ? 7  TRP A CG   1  
ATOM   51   C CD1  . TRP A 1 4 ? -7.712 4.298  0.979  1.00 0.00 ? 7  TRP A CD1  1  
ATOM   52   C CD2  . TRP A 1 4 ? -7.480 3.909  -1.192 1.00 0.00 ? 7  TRP A CD2  1  
ATOM   53   N NE1  . TRP A 1 4 ? -8.374 5.370  0.343  1.00 0.00 ? 7  TRP A NE1  1  
ATOM   54   C CE2  . TRP A 1 4 ? -8.224 5.099  -1.006 1.00 0.00 ? 7  TRP A CE2  1  
ATOM   55   C CE3  . TRP A 1 4 ? -7.105 3.492  -2.487 1.00 0.00 ? 7  TRP A CE3  1  
ATOM   56   C CZ2  . TRP A 1 4 ? -8.645 5.854  -2.127 1.00 0.00 ? 7  TRP A CZ2  1  
ATOM   57   C CZ3  . TRP A 1 4 ? -7.539 4.242  -3.583 1.00 0.00 ? 7  TRP A CZ3  1  
ATOM   58   C CH2  . TRP A 1 4 ? -8.303 5.404  -3.406 1.00 0.00 ? 7  TRP A CH2  1  
ATOM   59   H H    . TRP A 1 4 ? -4.849 0.096  0.976  1.00 0.00 ? 7  TRP A H    1  
ATOM   60   H HA   . TRP A 1 4 ? -4.997 1.746  -1.223 1.00 0.00 ? 7  TRP A HA   1  
ATOM   61   H HB2  . TRP A 1 4 ? -6.954 1.234  0.059  1.00 0.00 ? 7  TRP A HB2  1  
ATOM   62   H HB3  . TRP A 1 4 ? -6.343 2.014  1.494  1.00 0.00 ? 7  TRP A HB3  1  
ATOM   63   H HD1  . TRP A 1 4 ? -7.578 4.210  2.048  1.00 0.00 ? 7  TRP A HD1  1  
ATOM   64   H HE1  . TRP A 1 4 ? -8.879 6.152  0.776  1.00 0.00 ? 7  TRP A HE1  1  
ATOM   65   H HE3  . TRP A 1 4 ? -6.439 2.648  -2.588 1.00 0.00 ? 7  TRP A HE3  1  
ATOM   66   H HZ2  . TRP A 1 4 ? -9.219 6.759  -1.996 1.00 0.00 ? 7  TRP A HZ2  1  
ATOM   67   H HZ3  . TRP A 1 4 ? -7.273 3.924  -4.583 1.00 0.00 ? 7  TRP A HZ3  1  
ATOM   68   H HH2  . TRP A 1 4 ? -8.632 5.962  -4.271 1.00 0.00 ? 7  TRP A HH2  1  
HETATM 69   N N    . NMK A 1 5 ? -3.581 3.956  0.897  1.00 0.00 ? 8  NMK A N    1  
HETATM 70   C CA   . NMK A 1 5 ? -2.524 5.011  0.697  1.00 0.00 ? 8  NMK A CA   1  
HETATM 71   C CB   . NMK A 1 5 ? -3.032 6.391  1.223  1.00 0.00 ? 8  NMK A CB   1  
HETATM 72   C CG   . NMK A 1 5 ? -4.256 6.989  0.485  1.00 0.00 ? 8  NMK A CG   1  
HETATM 73   C CD   . NMK A 1 5 ? -3.914 7.652  -0.874 1.00 0.00 ? 8  NMK A CD   1  
HETATM 74   C CE   . NMK A 1 5 ? -4.986 7.475  -1.965 1.00 0.00 ? 8  NMK A CE   1  
HETATM 75   N NZ   . NMK A 1 5 ? -4.834 6.163  -2.634 1.00 0.00 ? 8  NMK A NZ   1  
HETATM 76   C C    . NMK A 1 5 ? -1.095 4.583  1.195  1.00 0.00 ? 8  NMK A C    1  
HETATM 77   O O    . NMK A 1 5 ? -0.372 5.404  1.769  1.00 0.00 ? 8  NMK A O    1  
HETATM 78   C CN   . NMK A 1 5 ? -3.976 3.551  2.274  1.00 0.00 ? 8  NMK A CN   1  
HETATM 79   H HA   . NMK A 1 5 ? -2.364 5.164  -0.385 1.00 0.00 ? 8  NMK A HA   1  
HETATM 80   H HB2  . NMK A 1 5 ? -3.277 6.292  2.297  1.00 0.00 ? 8  NMK A HB2  1  
HETATM 81   H HB3  . NMK A 1 5 ? -2.206 7.125  1.198  1.00 0.00 ? 8  NMK A HB3  1  
HETATM 82   H HG2  . NMK A 1 5 ? -5.035 6.209  0.377  1.00 0.00 ? 8  NMK A HG2  1  
HETATM 83   H HG3  . NMK A 1 5 ? -4.734 7.740  1.143  1.00 0.00 ? 8  NMK A HG3  1  
HETATM 84   H HD2  . NMK A 1 5 ? -3.771 8.735  -0.693 1.00 0.00 ? 8  NMK A HD2  1  
HETATM 85   H HD3  . NMK A 1 5 ? -2.925 7.325  -1.252 1.00 0.00 ? 8  NMK A HD3  1  
HETATM 86   H HE2  . NMK A 1 5 ? -6.003 7.579  -1.531 1.00 0.00 ? 8  NMK A HE2  1  
HETATM 87   H HE3  . NMK A 1 5 ? -4.902 8.287  -2.714 1.00 0.00 ? 8  NMK A HE3  1  
HETATM 88   H HZ1  . NMK A 1 5 ? -4.591 5.400  -1.970 1.00 0.00 ? 8  NMK A HZ1  1  
HETATM 89   H HZ3  . NMK A 1 5 ? -4.078 6.156  -3.327 1.00 0.00 ? 8  NMK A HZ3  1  
HETATM 90   H HM1  . NMK A 1 5 ? -5.029 3.823  2.478  1.00 0.00 ? 8  NMK A HM1  1  
HETATM 91   H HM2  . NMK A 1 5 ? -3.867 2.467  2.440  1.00 0.00 ? 8  NMK A HM2  1  
HETATM 92   H HM3  . NMK A 1 5 ? -3.363 4.047  3.048  1.00 0.00 ? 8  NMK A HM3  1  
HETATM 93   H HZ2  . NMK A 1 5 ? -5.691 5.851  -3.110 1.00 0.00 ? 8  NMK A HZ2  1  
ATOM   94   N N    . TYR A 1 6 ? -0.659 3.319  0.964  1.00 0.00 ? 9  TYR A N    1  
ATOM   95   C CA   . TYR A 1 6 ? 0.672  2.831  1.431  1.00 0.00 ? 9  TYR A CA   1  
ATOM   96   C C    . TYR A 1 6 ? 1.112  1.575  0.615  1.00 0.00 ? 9  TYR A C    1  
ATOM   97   O O    . TYR A 1 6 ? 0.574  0.481  0.812  1.00 0.00 ? 9  TYR A O    1  
ATOM   98   C CB   . TYR A 1 6 ? 0.628  2.556  2.969  1.00 0.00 ? 9  TYR A CB   1  
ATOM   99   C CG   . TYR A 1 6 ? 2.003  2.374  3.629  1.00 0.00 ? 9  TYR A CG   1  
ATOM   100  C CD1  . TYR A 1 6 ? 2.772  3.492  3.970  1.00 0.00 ? 9  TYR A CD1  1  
ATOM   101  C CD2  . TYR A 1 6 ? 2.501  1.093  3.889  1.00 0.00 ? 9  TYR A CD2  1  
ATOM   102  C CE1  . TYR A 1 6 ? 4.025  3.330  4.559  1.00 0.00 ? 9  TYR A CE1  1  
ATOM   103  C CE2  . TYR A 1 6 ? 3.753  0.933  4.481  1.00 0.00 ? 9  TYR A CE2  1  
ATOM   104  C CZ   . TYR A 1 6 ? 4.514  2.052  4.812  1.00 0.00 ? 9  TYR A CZ   1  
ATOM   105  O OH   . TYR A 1 6 ? 5.748  1.900  5.387  1.00 0.00 ? 9  TYR A OH   1  
ATOM   106  H H    . TYR A 1 6 ? -1.351 2.687  0.512  1.00 0.00 ? 9  TYR A H    1  
ATOM   107  H HA   . TYR A 1 6 ? 1.415  3.636  1.260  1.00 0.00 ? 9  TYR A HA   1  
ATOM   108  H HB2  . TYR A 1 6 ? 0.113  3.388  3.486  1.00 0.00 ? 9  TYR A HB2  1  
ATOM   109  H HB3  . TYR A 1 6 ? -0.020 1.683  3.172  1.00 0.00 ? 9  TYR A HB3  1  
ATOM   110  H HD1  . TYR A 1 6 ? 2.403  4.490  3.775  1.00 0.00 ? 9  TYR A HD1  1  
ATOM   111  H HD2  . TYR A 1 6 ? 1.923  0.219  3.624  1.00 0.00 ? 9  TYR A HD2  1  
ATOM   112  H HE1  . TYR A 1 6 ? 4.620  4.192  4.819  1.00 0.00 ? 9  TYR A HE1  1  
ATOM   113  H HE2  . TYR A 1 6 ? 4.128  -0.059 4.678  1.00 0.00 ? 9  TYR A HE2  1  
ATOM   114  H HH   . TYR A 1 6 ? 5.946  0.963  5.449  1.00 0.00 ? 9  TYR A HH   1  
ATOM   115  N N    . CYS A 1 7 ? 2.109  1.709  -0.279 1.00 0.00 ? 10 CYS A N    1  
ATOM   116  C CA   . CYS A 1 7 ? 2.650  0.553  -1.043 1.00 0.00 ? 10 CYS A CA   1  
ATOM   117  C C    . CYS A 1 7 ? 3.781  -0.219 -0.287 1.00 0.00 ? 10 CYS A C    1  
ATOM   118  O O    . CYS A 1 7 ? 4.851  0.328  -0.008 1.00 0.00 ? 10 CYS A O    1  
ATOM   119  C CB   . CYS A 1 7 ? 3.039  1.019  -2.458 1.00 0.00 ? 10 CYS A CB   1  
ATOM   120  S SG   . CYS A 1 7 ? 1.569  1.297  -3.486 1.00 0.00 ? 10 CYS A SG   1  
ATOM   121  H H    . CYS A 1 7 ? 2.531  2.640  -0.339 1.00 0.00 ? 10 CYS A H    1  
ATOM   122  H HA   . CYS A 1 7 ? 1.831  -0.159 -1.215 1.00 0.00 ? 10 CYS A HA   1  
ATOM   123  H HB2  . CYS A 1 7 ? 3.675  1.924  -2.442 1.00 0.00 ? 10 CYS A HB2  1  
ATOM   124  H HB3  . CYS A 1 7 ? 3.643  0.241  -2.962 1.00 0.00 ? 10 CYS A HB3  1  
ATOM   125  N N    . VAL A 1 8 ? 3.511  -1.497 0.038  1.00 0.00 ? 11 VAL A N    1  
ATOM   126  C CA   . VAL A 1 8 ? 4.472  -2.400 0.730  1.00 0.00 ? 11 VAL A CA   1  
ATOM   127  C C    . VAL A 1 8 ? 4.254  -3.849 0.181  1.00 0.00 ? 11 VAL A C    1  
ATOM   128  O O    . VAL A 1 8 ? 4.411  -4.077 -1.044 1.00 0.00 ? 11 VAL A O    1  
ATOM   129  C CB   . VAL A 1 8 ? 4.401  -2.180 2.287  1.00 0.00 ? 11 VAL A CB   1  
ATOM   130  C CG1  . VAL A 1 8 ? 3.048  -2.530 2.959  1.00 0.00 ? 11 VAL A CG1  1  
ATOM   131  C CG2  . VAL A 1 8 ? 5.538  -2.897 3.045  1.00 0.00 ? 11 VAL A CG2  1  
ATOM   132  O OXT  . VAL A 1 8 ? 3.900  -4.780 0.940  1.00 0.00 ? 11 VAL A OXT  1  
ATOM   133  H H    . VAL A 1 8 ? 2.612  -1.869 -0.275 1.00 0.00 ? 11 VAL A H    1  
ATOM   134  H HA   . VAL A 1 8 ? 5.498  -2.141 0.406  1.00 0.00 ? 11 VAL A HA   1  
ATOM   135  H HB   . VAL A 1 8 ? 4.565  -1.097 2.450  1.00 0.00 ? 11 VAL A HB   1  
ATOM   136  H HG11 . VAL A 1 8 ? 3.035  -2.275 4.034  1.00 0.00 ? 11 VAL A HG11 1  
ATOM   137  H HG12 . VAL A 1 8 ? 2.207  -1.986 2.488  1.00 0.00 ? 11 VAL A HG12 1  
ATOM   138  H HG13 . VAL A 1 8 ? 2.814  -3.607 2.876  1.00 0.00 ? 11 VAL A HG13 1  
ATOM   139  H HG21 . VAL A 1 8 ? 6.532  -2.612 2.655  1.00 0.00 ? 11 VAL A HG21 1  
ATOM   140  H HG22 . VAL A 1 8 ? 5.532  -2.657 4.125  1.00 0.00 ? 11 VAL A HG22 1  
ATOM   141  H HG23 . VAL A 1 8 ? 5.454  -3.997 2.952  1.00 0.00 ? 11 VAL A HG23 1  
ATOM   142  N N    . ASP A 1 1 ? 2.351  -6.088 -1.389 1.00 0.00 ? 4  ASP A N    2  
ATOM   143  C CA   . ASP A 1 1 ? 1.847  -5.590 -2.692 1.00 0.00 ? 4  ASP A CA   2  
ATOM   144  C C    . ASP A 1 1 ? 1.525  -4.068 -2.592 1.00 0.00 ? 4  ASP A C    2  
ATOM   145  O O    . ASP A 1 1 ? 2.454  -3.256 -2.621 1.00 0.00 ? 4  ASP A O    2  
ATOM   146  C CB   . ASP A 1 1 ? 0.734  -6.559 -3.182 1.00 0.00 ? 4  ASP A CB   2  
ATOM   147  C CG   . ASP A 1 1 ? 1.203  -7.990 -3.451 1.00 0.00 ? 4  ASP A CG   2  
ATOM   148  O OD1  . ASP A 1 1 ? 0.949  -8.518 -4.550 1.00 0.00 ? 4  ASP A OD1  2  
ATOM   149  O OD2  . ASP A 1 1 ? 1.845  -8.576 -2.548 1.00 0.00 ? 4  ASP A OD2  2  
ATOM   150  H H1   . ASP A 1 1 ? 3.206  -5.585 -1.018 1.00 0.00 ? 4  ASP A H1   2  
ATOM   151  H H2   . ASP A 1 1 ? 1.704  -5.895 -0.614 1.00 0.00 ? 4  ASP A H2   2  
ATOM   152  H H3   . ASP A 1 1 ? 2.500  -7.111 -1.446 1.00 0.00 ? 4  ASP A H3   2  
ATOM   153  H HA   . ASP A 1 1 ? 2.661  -5.648 -3.432 1.00 0.00 ? 4  ASP A HA   2  
ATOM   154  H HB2  . ASP A 1 1 ? -0.105 -6.602 -2.465 1.00 0.00 ? 4  ASP A HB2  2  
ATOM   155  H HB3  . ASP A 1 1 ? 0.297  -6.169 -4.121 1.00 0.00 ? 4  ASP A HB3  2  
ATOM   156  N N    . CYS A 1 2 ? 0.250  -3.667 -2.441 1.00 0.00 ? 5  CYS A N    2  
ATOM   157  C CA   . CYS A 1 2 ? -0.108 -2.283 -2.045 1.00 0.00 ? 5  CYS A CA   2  
ATOM   158  C C    . CYS A 1 2 ? -1.405 -2.206 -1.182 1.00 0.00 ? 5  CYS A C    2  
ATOM   159  O O    . CYS A 1 2 ? -2.445 -2.773 -1.534 1.00 0.00 ? 5  CYS A O    2  
ATOM   160  C CB   . CYS A 1 2 ? -0.175 -1.380 -3.295 1.00 0.00 ? 5  CYS A CB   2  
ATOM   161  S SG   . CYS A 1 2 ? -0.110 0.358  -2.796 1.00 0.00 ? 5  CYS A SG   2  
ATOM   162  H H    . CYS A 1 2 ? -0.436 -4.348 -2.767 1.00 0.00 ? 5  CYS A H    2  
ATOM   163  H HA   . CYS A 1 2 ? 0.717  -1.916 -1.416 1.00 0.00 ? 5  CYS A HA   2  
ATOM   164  H HB2  . CYS A 1 2 ? 0.672  -1.587 -3.975 1.00 0.00 ? 5  CYS A HB2  2  
ATOM   165  H HB3  . CYS A 1 2 ? -1.093 -1.585 -3.871 1.00 0.00 ? 5  CYS A HB3  2  
ATOM   166  N N    . PHE A 1 3 ? -1.346 -1.457 -0.065 1.00 0.00 ? 6  PHE A N    2  
ATOM   167  C CA   . PHE A 1 3 ? -2.542 -1.042 0.709  1.00 0.00 ? 6  PHE A CA   2  
ATOM   168  C C    . PHE A 1 3 ? -2.990 0.390  0.250  1.00 0.00 ? 6  PHE A C    2  
ATOM   169  O O    . PHE A 1 3 ? -2.182 1.181  -0.253 1.00 0.00 ? 6  PHE A O    2  
ATOM   170  C CB   . PHE A 1 3 ? -2.131 -1.155 2.207  1.00 0.00 ? 6  PHE A CB   2  
ATOM   171  C CG   . PHE A 1 3 ? -3.211 -0.819 3.249  1.00 0.00 ? 6  PHE A CG   2  
ATOM   172  C CD1  . PHE A 1 3 ? -4.340 -1.632 3.394  1.00 0.00 ? 6  PHE A CD1  2  
ATOM   173  C CD2  . PHE A 1 3 ? -3.071 0.310  4.062  1.00 0.00 ? 6  PHE A CD2  2  
ATOM   174  C CE1  . PHE A 1 3 ? -5.324 -1.310 4.324  1.00 0.00 ? 6  PHE A CE1  2  
ATOM   175  C CE2  . PHE A 1 3 ? -4.056 0.632  4.994  1.00 0.00 ? 6  PHE A CE2  2  
ATOM   176  C CZ   . PHE A 1 3 ? -5.182 -0.176 5.123  1.00 0.00 ? 6  PHE A CZ   2  
ATOM   177  H H    . PHE A 1 3 ? -0.521 -0.843 0.013  1.00 0.00 ? 6  PHE A H    2  
ATOM   178  H HA   . PHE A 1 3 ? -3.376 -1.751 0.530  1.00 0.00 ? 6  PHE A HA   2  
ATOM   179  H HB2  . PHE A 1 3 ? -1.780 -2.187 2.411  1.00 0.00 ? 6  PHE A HB2  2  
ATOM   180  H HB3  . PHE A 1 3 ? -1.231 -0.534 2.385  1.00 0.00 ? 6  PHE A HB3  2  
ATOM   181  H HD1  . PHE A 1 3 ? -4.457 -2.517 2.784  1.00 0.00 ? 6  PHE A HD1  2  
ATOM   182  H HD2  . PHE A 1 3 ? -2.202 0.947  3.972  1.00 0.00 ? 6  PHE A HD2  2  
ATOM   183  H HE1  . PHE A 1 3 ? -6.193 -1.942 4.433  1.00 0.00 ? 6  PHE A HE1  2  
ATOM   184  H HE2  . PHE A 1 3 ? -3.940 1.504  5.621  1.00 0.00 ? 6  PHE A HE2  2  
ATOM   185  H HZ   . PHE A 1 3 ? -5.943 0.069  5.849  1.00 0.00 ? 6  PHE A HZ   2  
ATOM   186  N N    . TRP A 1 4 ? -4.285 0.721  0.424  1.00 0.00 ? 7  TRP A N    2  
ATOM   187  C CA   . TRP A 1 4 ? -4.914 1.976  -0.101 1.00 0.00 ? 7  TRP A CA   2  
ATOM   188  C C    . TRP A 1 4 ? -4.066 3.297  -0.173 1.00 0.00 ? 7  TRP A C    2  
ATOM   189  O O    . TRP A 1 4 ? -3.848 3.715  -1.316 1.00 0.00 ? 7  TRP A O    2  
ATOM   190  C CB   . TRP A 1 4 ? -6.330 2.107  0.535  1.00 0.00 ? 7  TRP A CB   2  
ATOM   191  C CG   . TRP A 1 4 ? -7.096 3.442  0.401  1.00 0.00 ? 7  TRP A CG   2  
ATOM   192  C CD1  . TRP A 1 4 ? -7.599 4.195  1.481  1.00 0.00 ? 7  TRP A CD1  2  
ATOM   193  C CD2  . TRP A 1 4 ? -7.366 4.201  -0.724 1.00 0.00 ? 7  TRP A CD2  2  
ATOM   194  N NE1  . TRP A 1 4 ? -8.203 5.396  1.060  1.00 0.00 ? 7  TRP A NE1  2  
ATOM   195  C CE2  . TRP A 1 4 ? -8.043 5.379  -0.315 1.00 0.00 ? 7  TRP A CE2  2  
ATOM   196  C CE3  . TRP A 1 4 ? -7.006 4.018  -2.078 1.00 0.00 ? 7  TRP A CE3  2  
ATOM   197  C CZ2  . TRP A 1 4 ? -8.382 6.369  -1.267 1.00 0.00 ? 7  TRP A CZ2  2  
ATOM   198  C CZ3  . TRP A 1 4 ? -7.352 5.003  -3.003 1.00 0.00 ? 7  TRP A CZ3  2  
ATOM   199  C CH2  . TRP A 1 4 ? -8.036 6.160  -2.604 1.00 0.00 ? 7  TRP A CH2  2  
ATOM   200  H H    . TRP A 1 4 ? -4.840 -0.002 0.893  1.00 0.00 ? 7  TRP A H    2  
ATOM   201  H HA   . TRP A 1 4 ? -5.068 1.758  -1.168 1.00 0.00 ? 7  TRP A HA   2  
ATOM   202  H HB2  . TRP A 1 4 ? -6.970 1.299  0.136  1.00 0.00 ? 7  TRP A HB2  2  
ATOM   203  H HB3  . TRP A 1 4 ? -6.249 1.880  1.612  1.00 0.00 ? 7  TRP A HB3  2  
ATOM   204  H HD1  . TRP A 1 4 ? -7.462 3.913  2.515  1.00 0.00 ? 7  TRP A HD1  2  
ATOM   205  H HE1  . TRP A 1 4 ? -8.696 6.098  1.624  1.00 0.00 ? 7  TRP A HE1  2  
ATOM   206  H HE3  . TRP A 1 4 ? -6.418 3.156  -2.357 1.00 0.00 ? 7  TRP A HE3  2  
ATOM   207  H HZ2  . TRP A 1 4 ? -8.888 7.274  -0.964 1.00 0.00 ? 7  TRP A HZ2  2  
ATOM   208  H HZ3  . TRP A 1 4 ? -7.072 4.880  -4.040 1.00 0.00 ? 7  TRP A HZ3  2  
ATOM   209  H HH2  . TRP A 1 4 ? -8.285 6.910  -3.342 1.00 0.00 ? 7  TRP A HH2  2  
HETATM 210  N N    . NMK A 1 5 ? -3.561 3.957  0.915  1.00 0.00 ? 8  NMK A N    2  
HETATM 211  C CA   . NMK A 1 5 ? -2.555 5.055  0.698  1.00 0.00 ? 8  NMK A CA   2  
HETATM 212  C CB   . NMK A 1 5 ? -3.102 6.418  1.226  1.00 0.00 ? 8  NMK A CB   2  
HETATM 213  C CG   . NMK A 1 5 ? -4.420 6.896  0.562  1.00 0.00 ? 8  NMK A CG   2  
HETATM 214  C CD   . NMK A 1 5 ? -4.837 8.360  0.830  1.00 0.00 ? 8  NMK A CD   2  
HETATM 215  C CE   . NMK A 1 5 ? -5.335 8.695  2.249  1.00 0.00 ? 8  NMK A CE   2  
HETATM 216  N NZ   . NMK A 1 5 ? -4.208 8.944  3.177  1.00 0.00 ? 8  NMK A NZ   2  
HETATM 217  C C    . NMK A 1 5 ? -1.100 4.682  1.164  1.00 0.00 ? 8  NMK A C    2  
HETATM 218  O O    . NMK A 1 5 ? -0.390 5.535  1.709  1.00 0.00 ? 8  NMK A O    2  
HETATM 219  C CN   . NMK A 1 5 ? -3.911 3.544  2.302  1.00 0.00 ? 8  NMK A CN   2  
HETATM 220  H HA   . NMK A 1 5 ? -2.424 5.234  -0.383 1.00 0.00 ? 8  NMK A HA   2  
HETATM 221  H HB2  . NMK A 1 5 ? -3.228 6.344  2.319  1.00 0.00 ? 8  NMK A HB2  2  
HETATM 222  H HB3  . NMK A 1 5 ? -2.322 7.184  1.055  1.00 0.00 ? 8  NMK A HB3  2  
HETATM 223  H HG2  . NMK A 1 5 ? -4.328 6.756  -0.532 1.00 0.00 ? 8  NMK A HG2  2  
HETATM 224  H HG3  . NMK A 1 5 ? -5.248 6.212  0.842  1.00 0.00 ? 8  NMK A HG3  2  
HETATM 225  H HD2  . NMK A 1 5 ? -4.039 9.055  0.502  1.00 0.00 ? 8  NMK A HD2  2  
HETATM 226  H HD3  . NMK A 1 5 ? -5.674 8.576  0.136  1.00 0.00 ? 8  NMK A HD3  2  
HETATM 227  H HE2  . NMK A 1 5 ? -5.982 9.595  2.208  1.00 0.00 ? 8  NMK A HE2  2  
HETATM 228  H HE3  . NMK A 1 5 ? -5.990 7.884  2.630  1.00 0.00 ? 8  NMK A HE3  2  
HETATM 229  H HZ1  . NMK A 1 5 ? -3.647 9.754  2.888  1.00 0.00 ? 8  NMK A HZ1  2  
HETATM 230  H HZ3  . NMK A 1 5 ? -3.562 8.146  3.200  1.00 0.00 ? 8  NMK A HZ3  2  
HETATM 231  H HM1  . NMK A 1 5 ? -4.936 3.861  2.564  1.00 0.00 ? 8  NMK A HM1  2  
HETATM 232  H HM2  . NMK A 1 5 ? -3.847 2.452  2.444  1.00 0.00 ? 8  NMK A HM2  2  
HETATM 233  H HM3  . NMK A 1 5 ? -3.234 3.990  3.053  1.00 0.00 ? 8  NMK A HM3  2  
HETATM 234  H HZ2  . NMK A 1 5 ? -4.511 9.118  4.142  1.00 0.00 ? 8  NMK A HZ2  2  
ATOM   235  N N    . TYR A 1 6 ? -0.640 3.425  0.948  1.00 0.00 ? 9  TYR A N    2  
ATOM   236  C CA   . TYR A 1 6 ? 0.709  2.968  1.395  1.00 0.00 ? 9  TYR A CA   2  
ATOM   237  C C    . TYR A 1 6 ? 1.103  1.658  0.640  1.00 0.00 ? 9  TYR A C    2  
ATOM   238  O O    . TYR A 1 6 ? 0.519  0.598  0.885  1.00 0.00 ? 9  TYR A O    2  
ATOM   239  C CB   . TYR A 1 6 ? 0.733  2.777  2.945  1.00 0.00 ? 9  TYR A CB   2  
ATOM   240  C CG   . TYR A 1 6 ? 2.135  2.596  3.548  1.00 0.00 ? 9  TYR A CG   2  
ATOM   241  C CD1  . TYR A 1 6 ? 2.932  3.712  3.824  1.00 0.00 ? 9  TYR A CD1  2  
ATOM   242  C CD2  . TYR A 1 6 ? 2.632  1.316  3.814  1.00 0.00 ? 9  TYR A CD2  2  
ATOM   243  C CE1  . TYR A 1 6 ? 4.209  3.549  4.354  1.00 0.00 ? 9  TYR A CE1  2  
ATOM   244  C CE2  . TYR A 1 6 ? 3.910  1.155  4.345  1.00 0.00 ? 9  TYR A CE2  2  
ATOM   245  C CZ   . TYR A 1 6 ? 4.698  2.272  4.613  1.00 0.00 ? 9  TYR A CZ   2  
ATOM   246  O OH   . TYR A 1 6 ? 5.957  2.119  5.127  1.00 0.00 ? 9  TYR A OH   2  
ATOM   247  H H    . TYR A 1 6 ? -1.329 2.775  0.514  1.00 0.00 ? 9  TYR A H    2  
ATOM   248  H HA   . TYR A 1 6 ? 1.443  3.760  1.140  1.00 0.00 ? 9  TYR A HA   2  
ATOM   249  H HB2  . TYR A 1 6 ? 0.260  3.646  3.440  1.00 0.00 ? 9  TYR A HB2  2  
ATOM   250  H HB3  . TYR A 1 6 ? 0.077  1.929  3.225  1.00 0.00 ? 9  TYR A HB3  2  
ATOM   251  H HD1  . TYR A 1 6 ? 2.565  4.710  3.621  1.00 0.00 ? 9  TYR A HD1  2  
ATOM   252  H HD2  . TYR A 1 6 ? 2.033  0.443  3.598  1.00 0.00 ? 9  TYR A HD2  2  
ATOM   253  H HE1  . TYR A 1 6 ? 4.827  4.411  4.562  1.00 0.00 ? 9  TYR A HE1  2  
ATOM   254  H HE2  . TYR A 1 6 ? 4.285  0.163  4.546  1.00 0.00 ? 9  TYR A HE2  2  
ATOM   255  H HH   . TYR A 1 6 ? 6.152  1.182  5.195  1.00 0.00 ? 9  TYR A HH   2  
ATOM   256  N N    . CYS A 1 7 ? 2.113  1.705  -0.249 1.00 0.00 ? 10 CYS A N    2  
ATOM   257  C CA   . CYS A 1 7 ? 2.580  0.492  -0.971 1.00 0.00 ? 10 CYS A CA   2  
ATOM   258  C C    . CYS A 1 7 ? 3.634  -0.349 -0.179 1.00 0.00 ? 10 CYS A C    2  
ATOM   259  O O    . CYS A 1 7 ? 4.796  0.045  -0.032 1.00 0.00 ? 10 CYS A O    2  
ATOM   260  C CB   . CYS A 1 7 ? 3.013  0.873  -2.399 1.00 0.00 ? 10 CYS A CB   2  
ATOM   261  S SG   . CYS A 1 7 ? 1.582  1.239  -3.455 1.00 0.00 ? 10 CYS A SG   2  
ATOM   262  H H    . CYS A 1 7 ? 2.567  2.615  -0.367 1.00 0.00 ? 10 CYS A H    2  
ATOM   263  H HA   . CYS A 1 7 ? 1.709  -0.154 -1.137 1.00 0.00 ? 10 CYS A HA   2  
ATOM   264  H HB2  . CYS A 1 7 ? 3.726  1.719  -2.410 1.00 0.00 ? 10 CYS A HB2  2  
ATOM   265  H HB3  . CYS A 1 7 ? 3.548  0.024  -2.869 1.00 0.00 ? 10 CYS A HB3  2  
ATOM   266  N N    . VAL A 1 8 ? 3.203  -1.524 0.315  1.00 0.00 ? 11 VAL A N    2  
ATOM   267  C CA   . VAL A 1 8 ? 4.086  -2.549 0.935  1.00 0.00 ? 11 VAL A CA   2  
ATOM   268  C C    . VAL A 1 8 ? 3.540  -3.947 0.515  1.00 0.00 ? 11 VAL A C    2  
ATOM   269  O O    . VAL A 1 8 ? 2.364  -4.290 0.798  1.00 0.00 ? 11 VAL A O    2  
ATOM   270  C CB   . VAL A 1 8 ? 4.263  -2.312 2.477  1.00 0.00 ? 11 VAL A CB   2  
ATOM   271  C CG1  . VAL A 1 8 ? 2.989  -2.487 3.338  1.00 0.00 ? 11 VAL A CG1  2  
ATOM   272  C CG2  . VAL A 1 8 ? 5.391  -3.179 3.076  1.00 0.00 ? 11 VAL A CG2  2  
ATOM   273  O OXT  . VAL A 1 8 ? 4.271  -4.710 -0.160 1.00 0.00 ? 11 VAL A OXT  2  
ATOM   274  H H    . VAL A 1 8 ? 2.228  -1.772 0.127  1.00 0.00 ? 11 VAL A H    2  
ATOM   275  H HA   . VAL A 1 8 ? 5.087  -2.476 0.470  1.00 0.00 ? 11 VAL A HA   2  
ATOM   276  H HB   . VAL A 1 8 ? 4.588  -1.260 2.589  1.00 0.00 ? 11 VAL A HB   2  
ATOM   277  H HG11 . VAL A 1 8 ? 2.157  -1.864 2.958  1.00 0.00 ? 11 VAL A HG11 2  
ATOM   278  H HG12 . VAL A 1 8 ? 2.627  -3.532 3.322  1.00 0.00 ? 11 VAL A HG12 2  
ATOM   279  H HG13 . VAL A 1 8 ? 3.151  -2.207 4.393  1.00 0.00 ? 11 VAL A HG13 2  
ATOM   280  H HG21 . VAL A 1 8 ? 6.349  -3.023 2.547  1.00 0.00 ? 11 VAL A HG21 2  
ATOM   281  H HG22 . VAL A 1 8 ? 5.569  -2.949 4.144  1.00 0.00 ? 11 VAL A HG22 2  
ATOM   282  H HG23 . VAL A 1 8 ? 5.154  -4.258 3.006  1.00 0.00 ? 11 VAL A HG23 2  
ATOM   283  N N    . ASP A 1 1 ? 2.943  -5.842 -0.093 1.00 0.00 ? 4  ASP A N    3  
ATOM   284  C CA   . ASP A 1 1 ? 1.757  -5.762 -0.977 1.00 0.00 ? 4  ASP A CA   3  
ATOM   285  C C    . ASP A 1 1 ? 0.966  -4.440 -0.729 1.00 0.00 ? 4  ASP A C    3  
ATOM   286  O O    . ASP A 1 1 ? 0.748  -4.054 0.424  1.00 0.00 ? 4  ASP A O    3  
ATOM   287  C CB   . ASP A 1 1 ? 0.896  -7.028 -0.752 1.00 0.00 ? 4  ASP A CB   3  
ATOM   288  C CG   . ASP A 1 1 ? 1.588  -8.340 -1.129 1.00 0.00 ? 4  ASP A CG   3  
ATOM   289  O OD1  . ASP A 1 1 ? 1.036  -9.110 -1.940 1.00 0.00 ? 4  ASP A OD1  3  
ATOM   290  O OD2  . ASP A 1 1 ? 2.707  -8.577 -0.620 1.00 0.00 ? 4  ASP A OD2  3  
ATOM   291  H H1   . ASP A 1 1 ? 3.326  -6.805 -0.120 1.00 0.00 ? 4  ASP A H1   3  
ATOM   292  H H2   . ASP A 1 1 ? 3.693  -5.116 -0.288 1.00 0.00 ? 4  ASP A H2   3  
ATOM   293  H H3   . ASP A 1 1 ? 2.716  -5.604 0.879  1.00 0.00 ? 4  ASP A H3   3  
ATOM   294  H HA   . ASP A 1 1 ? 2.117  -5.773 -2.026 1.00 0.00 ? 4  ASP A HA   3  
ATOM   295  H HB2  . ASP A 1 1 ? 0.559  -7.100 0.299  1.00 0.00 ? 4  ASP A HB2  3  
ATOM   296  H HB3  . ASP A 1 1 ? -0.034 -6.954 -1.347 1.00 0.00 ? 4  ASP A HB3  3  
ATOM   297  N N    . CYS A 1 2 ? 0.554  -3.729 -1.799 1.00 0.00 ? 5  CYS A N    3  
ATOM   298  C CA   . CYS A 1 2 ? 0.033  -2.344 -1.663 1.00 0.00 ? 5  CYS A CA   3  
ATOM   299  C C    . CYS A 1 2 ? -1.426 -2.232 -1.113 1.00 0.00 ? 5  CYS A C    3  
ATOM   300  O O    . CYS A 1 2 ? -2.374 -2.825 -1.637 1.00 0.00 ? 5  CYS A O    3  
ATOM   301  C CB   . CYS A 1 2 ? 0.213  -1.599 -3.000 1.00 0.00 ? 5  CYS A CB   3  
ATOM   302  S SG   . CYS A 1 2 ? -0.056 0.168  -2.715 1.00 0.00 ? 5  CYS A SG   3  
ATOM   303  H H    . CYS A 1 2 ? 0.728  -4.151 -2.716 1.00 0.00 ? 5  CYS A H    3  
ATOM   304  H HA   . CYS A 1 2 ? 0.713  -1.831 -0.958 1.00 0.00 ? 5  CYS A HA   3  
ATOM   305  H HB2  . CYS A 1 2 ? 1.233  -1.734 -3.407 1.00 0.00 ? 5  CYS A HB2  3  
ATOM   306  H HB3  . CYS A 1 2 ? -0.493 -1.969 -3.766 1.00 0.00 ? 5  CYS A HB3  3  
ATOM   307  N N    . PHE A 1 3 ? -1.577 -1.415 -0.063 1.00 0.00 ? 6  PHE A N    3  
ATOM   308  C CA   . PHE A 1 3 ? -2.890 -1.019 0.508  1.00 0.00 ? 6  PHE A CA   3  
ATOM   309  C C    . PHE A 1 3 ? -3.233 0.441  0.047  1.00 0.00 ? 6  PHE A C    3  
ATOM   310  O O    . PHE A 1 3 ? -2.377 1.180  -0.456 1.00 0.00 ? 6  PHE A O    3  
ATOM   311  C CB   . PHE A 1 3 ? -2.797 -1.147 2.061  1.00 0.00 ? 6  PHE A CB   3  
ATOM   312  C CG   . PHE A 1 3 ? -2.624 -2.574 2.623  1.00 0.00 ? 6  PHE A CG   3  
ATOM   313  C CD1  . PHE A 1 3 ? -1.342 -3.115 2.783  1.00 0.00 ? 6  PHE A CD1  3  
ATOM   314  C CD2  . PHE A 1 3 ? -3.738 -3.345 2.975  1.00 0.00 ? 6  PHE A CD2  3  
ATOM   315  C CE1  . PHE A 1 3 ? -1.176 -4.407 3.275  1.00 0.00 ? 6  PHE A CE1  3  
ATOM   316  C CE2  . PHE A 1 3 ? -3.570 -4.635 3.472  1.00 0.00 ? 6  PHE A CE2  3  
ATOM   317  C CZ   . PHE A 1 3 ? -2.290 -5.165 3.621  1.00 0.00 ? 6  PHE A CZ   3  
ATOM   318  H H    . PHE A 1 3 ? -0.752 -0.825 0.144  1.00 0.00 ? 6  PHE A H    3  
ATOM   319  H HA   . PHE A 1 3 ? -3.693 -1.692 0.150  1.00 0.00 ? 6  PHE A HA   3  
ATOM   320  H HB2  . PHE A 1 3 ? -1.976 -0.508 2.432  1.00 0.00 ? 6  PHE A HB2  3  
ATOM   321  H HB3  . PHE A 1 3 ? -3.699 -0.700 2.521  1.00 0.00 ? 6  PHE A HB3  3  
ATOM   322  H HD1  . PHE A 1 3 ? -0.468 -2.554 2.485  1.00 0.00 ? 6  PHE A HD1  3  
ATOM   323  H HD2  . PHE A 1 3 ? -4.737 -2.949 2.857  1.00 0.00 ? 6  PHE A HD2  3  
ATOM   324  H HE1  . PHE A 1 3 ? -0.180 -4.818 3.370  1.00 0.00 ? 6  PHE A HE1  3  
ATOM   325  H HE2  . PHE A 1 3 ? -4.432 -5.229 3.739  1.00 0.00 ? 6  PHE A HE2  3  
ATOM   326  H HZ   . PHE A 1 3 ? -2.162 -6.170 3.999  1.00 0.00 ? 6  PHE A HZ   3  
ATOM   327  N N    . TRP A 1 4 ? -4.495 0.878  0.234  1.00 0.00 ? 7  TRP A N    3  
ATOM   328  C CA   . TRP A 1 4 ? -4.991 2.204  -0.256 1.00 0.00 ? 7  TRP A CA   3  
ATOM   329  C C    . TRP A 1 4 ? -4.062 3.468  -0.162 1.00 0.00 ? 7  TRP A C    3  
ATOM   330  O O    . TRP A 1 4 ? -3.835 4.038  -1.239 1.00 0.00 ? 7  TRP A O    3  
ATOM   331  C CB   . TRP A 1 4 ? -6.441 2.411  0.273  1.00 0.00 ? 7  TRP A CB   3  
ATOM   332  C CG   . TRP A 1 4 ? -7.087 3.804  0.109  1.00 0.00 ? 7  TRP A CG   3  
ATOM   333  C CD1  . TRP A 1 4 ? -7.540 4.626  1.161  1.00 0.00 ? 7  TRP A CD1  3  
ATOM   334  C CD2  . TRP A 1 4 ? -7.253 4.558  -1.037 1.00 0.00 ? 7  TRP A CD2  3  
ATOM   335  N NE1  . TRP A 1 4 ? -8.016 5.869  0.692  1.00 0.00 ? 7  TRP A NE1  3  
ATOM   336  C CE2  . TRP A 1 4 ? -7.829 5.801  -0.678 1.00 0.00 ? 7  TRP A CE2  3  
ATOM   337  C CE3  . TRP A 1 4 ? -6.871 4.306  -2.373 1.00 0.00 ? 7  TRP A CE3  3  
ATOM   338  C CZ2  . TRP A 1 4 ? -8.058 6.788  -1.665 1.00 0.00 ? 7  TRP A CZ2  3  
ATOM   339  C CZ3  . TRP A 1 4 ? -7.120 5.283  -3.337 1.00 0.00 ? 7  TRP A CZ3  3  
ATOM   340  C CH2  . TRP A 1 4 ? -7.710 6.507  -2.988 1.00 0.00 ? 7  TRP A CH2  3  
ATOM   341  H H    . TRP A 1 4 ? -5.129 0.185  0.641  1.00 0.00 ? 7  TRP A H    3  
ATOM   342  H HA   . TRP A 1 4 ? -5.062 2.062  -1.343 1.00 0.00 ? 7  TRP A HA   3  
ATOM   343  H HB2  . TRP A 1 4 ? -7.101 1.662  -0.201 1.00 0.00 ? 7  TRP A HB2  3  
ATOM   344  H HB3  . TRP A 1 4 ? -6.465 2.151  1.346  1.00 0.00 ? 7  TRP A HB3  3  
ATOM   345  H HD1  . TRP A 1 4 ? -7.464 4.359  2.205  1.00 0.00 ? 7  TRP A HD1  3  
ATOM   346  H HE1  . TRP A 1 4 ? -8.409 6.645  1.236  1.00 0.00 ? 7  TRP A HE1  3  
ATOM   347  H HE3  . TRP A 1 4 ? -6.338 3.394  -2.599 1.00 0.00 ? 7  TRP A HE3  3  
ATOM   348  H HZ2  . TRP A 1 4 ? -8.496 7.739  -1.398 1.00 0.00 ? 7  TRP A HZ2  3  
ATOM   349  H HZ3  . TRP A 1 4 ? -6.845 5.098  -4.366 1.00 0.00 ? 7  TRP A HZ3  3  
ATOM   350  H HH2  . TRP A 1 4 ? -7.896 7.247  -3.755 1.00 0.00 ? 7  TRP A HH2  3  
HETATM 351  N N    . NMK A 1 5 ? -3.516 3.953  0.994  1.00 0.00 ? 8  NMK A N    3  
HETATM 352  C CA   . NMK A 1 5 ? -2.413 4.979  0.911  1.00 0.00 ? 8  NMK A CA   3  
HETATM 353  C CB   . NMK A 1 5 ? -2.860 6.321  1.570  1.00 0.00 ? 8  NMK A CB   3  
HETATM 354  C CG   . NMK A 1 5 ? -4.106 7.039  0.978  1.00 0.00 ? 8  NMK A CG   3  
HETATM 355  C CD   . NMK A 1 5 ? -3.856 8.069  -0.151 1.00 0.00 ? 8  NMK A CD   3  
HETATM 356  C CE   . NMK A 1 5 ? -3.247 7.595  -1.485 1.00 0.00 ? 8  NMK A CE   3  
HETATM 357  N NZ   . NMK A 1 5 ? -4.105 6.607  -2.175 1.00 0.00 ? 8  NMK A NZ   3  
HETATM 358  C C    . NMK A 1 5 ? -1.014 4.429  1.376  1.00 0.00 ? 8  NMK A C    3  
HETATM 359  O O    . NMK A 1 5 ? -0.280 5.116  2.093  1.00 0.00 ? 8  NMK A O    3  
HETATM 360  C CN   . NMK A 1 5 ? -3.909 3.394  2.319  1.00 0.00 ? 8  NMK A CN   3  
HETATM 361  H HA   . NMK A 1 5 ? -2.226 5.234  -0.143 1.00 0.00 ? 8  NMK A HA   3  
HETATM 362  H HB2  . NMK A 1 5 ? -3.053 6.122  2.640  1.00 0.00 ? 8  NMK A HB2  3  
HETATM 363  H HB3  . NMK A 1 5 ? -2.008 7.027  1.582  1.00 0.00 ? 8  NMK A HB3  3  
HETATM 364  H HG2  . NMK A 1 5 ? -4.875 6.304  0.674  1.00 0.00 ? 8  NMK A HG2  3  
HETATM 365  H HG3  . NMK A 1 5 ? -4.595 7.584  1.809  1.00 0.00 ? 8  NMK A HG3  3  
HETATM 366  H HD2  . NMK A 1 5 ? -4.810 8.592  -0.358 1.00 0.00 ? 8  NMK A HD2  3  
HETATM 367  H HD3  . NMK A 1 5 ? -3.203 8.867  0.255  1.00 0.00 ? 8  NMK A HD3  3  
HETATM 368  H HE2  . NMK A 1 5 ? -3.098 8.475  -2.141 1.00 0.00 ? 8  NMK A HE2  3  
HETATM 369  H HE3  . NMK A 1 5 ? -2.230 7.184  -1.325 1.00 0.00 ? 8  NMK A HE3  3  
HETATM 370  H HZ1  . NMK A 1 5 ? -3.855 6.468  -3.161 1.00 0.00 ? 8  NMK A HZ1  3  
HETATM 371  H HZ3  . NMK A 1 5 ? -5.102 6.854  -2.143 1.00 0.00 ? 8  NMK A HZ3  3  
HETATM 372  H HM1  . NMK A 1 5 ? -4.983 3.559  2.523  1.00 0.00 ? 8  NMK A HM1  3  
HETATM 373  H HM2  . NMK A 1 5 ? -3.708 2.309  2.387  1.00 0.00 ? 8  NMK A HM2  3  
HETATM 374  H HM3  . NMK A 1 5 ? -3.356 3.862  3.152  1.00 0.00 ? 8  NMK A HM3  3  
HETATM 375  H HZ2  . NMK A 1 5 ? -4.041 5.661  -1.739 1.00 0.00 ? 8  NMK A HZ2  3  
ATOM   376  N N    . TYR A 1 6 ? -0.632 3.196  0.963  1.00 0.00 ? 9  TYR A N    3  
ATOM   377  C CA   . TYR A 1 6 ? 0.590  2.516  1.483  1.00 0.00 ? 9  TYR A CA   3  
ATOM   378  C C    . TYR A 1 6 ? 1.072  1.425  0.472  1.00 0.00 ? 9  TYR A C    3  
ATOM   379  O O    . TYR A 1 6 ? 0.561  0.302  0.476  1.00 0.00 ? 9  TYR A O    3  
ATOM   380  C CB   . TYR A 1 6 ? 0.272  1.953  2.907  1.00 0.00 ? 9  TYR A CB   3  
ATOM   381  C CG   . TYR A 1 6 ? 1.421  1.229  3.629  1.00 0.00 ? 9  TYR A CG   3  
ATOM   382  C CD1  . TYR A 1 6 ? 1.495  -0.167 3.591  1.00 0.00 ? 9  TYR A CD1  3  
ATOM   383  C CD2  . TYR A 1 6 ? 2.390  1.950  4.335  1.00 0.00 ? 9  TYR A CD2  3  
ATOM   384  C CE1  . TYR A 1 6 ? 2.522  -0.835 4.251  1.00 0.00 ? 9  TYR A CE1  3  
ATOM   385  C CE2  . TYR A 1 6 ? 3.419  1.280  4.994  1.00 0.00 ? 9  TYR A CE2  3  
ATOM   386  C CZ   . TYR A 1 6 ? 3.484  -0.111 4.954  1.00 0.00 ? 9  TYR A CZ   3  
ATOM   387  O OH   . TYR A 1 6 ? 4.511  -0.763 5.580  1.00 0.00 ? 9  TYR A OH   3  
ATOM   388  H H    . TYR A 1 6 ? -1.366 2.674  0.445  1.00 0.00 ? 9  TYR A H    3  
ATOM   389  H HA   . TYR A 1 6 ? 1.405  3.259  1.599  1.00 0.00 ? 9  TYR A HA   3  
ATOM   390  H HB2  . TYR A 1 6 ? -0.074 2.781  3.556  1.00 0.00 ? 9  TYR A HB2  3  
ATOM   391  H HB3  . TYR A 1 6 ? -0.608 1.287  2.847  1.00 0.00 ? 9  TYR A HB3  3  
ATOM   392  H HD1  . TYR A 1 6 ? 0.767  -0.736 3.037  1.00 0.00 ? 9  TYR A HD1  3  
ATOM   393  H HD2  . TYR A 1 6 ? 2.349  3.029  4.374  1.00 0.00 ? 9  TYR A HD2  3  
ATOM   394  H HE1  . TYR A 1 6 ? 2.579  -1.913 4.196  1.00 0.00 ? 9  TYR A HE1  3  
ATOM   395  H HE2  . TYR A 1 6 ? 4.171  1.835  5.534  1.00 0.00 ? 9  TYR A HE2  3  
ATOM   396  H HH   . TYR A 1 6 ? 4.449  -1.698 5.376  1.00 0.00 ? 9  TYR A HH   3  
ATOM   397  N N    . CYS A 1 7 ? 2.084  1.728  -0.363 1.00 0.00 ? 10 CYS A N    3  
ATOM   398  C CA   . CYS A 1 7 ? 2.741  0.708  -1.230 1.00 0.00 ? 10 CYS A CA   3  
ATOM   399  C C    . CYS A 1 7 ? 4.052  0.135  -0.601 1.00 0.00 ? 10 CYS A C    3  
ATOM   400  O O    . CYS A 1 7 ? 5.160  0.598  -0.896 1.00 0.00 ? 10 CYS A O    3  
ATOM   401  C CB   . CYS A 1 7 ? 2.914  1.299  -2.647 1.00 0.00 ? 10 CYS A CB   3  
ATOM   402  S SG   . CYS A 1 7 ? 1.375  1.261  -3.607 1.00 0.00 ? 10 CYS A SG   3  
ATOM   403  H H    . CYS A 1 7 ? 2.440  2.686  -0.294 1.00 0.00 ? 10 CYS A H    3  
ATOM   404  H HA   . CYS A 1 7 ? 2.081  -0.163 -1.376 1.00 0.00 ? 10 CYS A HA   3  
ATOM   405  H HB2  . CYS A 1 7 ? 3.328  2.325  -2.628 1.00 0.00 ? 10 CYS A HB2  3  
ATOM   406  H HB3  . CYS A 1 7 ? 3.651  0.701  -3.217 1.00 0.00 ? 10 CYS A HB3  3  
ATOM   407  N N    . VAL A 1 8 ? 3.909  -0.906 0.240  1.00 0.00 ? 11 VAL A N    3  
ATOM   408  C CA   . VAL A 1 8 ? 5.043  -1.769 0.675  1.00 0.00 ? 11 VAL A CA   3  
ATOM   409  C C    . VAL A 1 8 ? 4.487  -3.218 0.595  1.00 0.00 ? 11 VAL A C    3  
ATOM   410  O O    . VAL A 1 8 ? 4.711  -3.910 -0.427 1.00 0.00 ? 11 VAL A O    3  
ATOM   411  C CB   . VAL A 1 8 ? 5.623  -1.395 2.086  1.00 0.00 ? 11 VAL A CB   3  
ATOM   412  C CG1  . VAL A 1 8 ? 6.820  -2.281 2.501  1.00 0.00 ? 11 VAL A CG1  3  
ATOM   413  C CG2  . VAL A 1 8 ? 6.067  0.078  2.244  1.00 0.00 ? 11 VAL A CG2  3  
ATOM   414  O OXT  . VAL A 1 8 ? 3.800  -3.685 1.536  1.00 0.00 ? 11 VAL A OXT  3  
ATOM   415  H H    . VAL A 1 8 ? 2.946  -1.193 0.439  1.00 0.00 ? 11 VAL A H    3  
ATOM   416  H HA   . VAL A 1 8 ? 5.871  -1.713 -0.058 1.00 0.00 ? 11 VAL A HA   3  
ATOM   417  H HB   . VAL A 1 8 ? 4.815  -1.576 2.815  1.00 0.00 ? 11 VAL A HB   3  
ATOM   418  H HG11 . VAL A 1 8 ? 6.545  -3.353 2.503  1.00 0.00 ? 11 VAL A HG11 3  
ATOM   419  H HG12 . VAL A 1 8 ? 7.679  -2.169 1.812  1.00 0.00 ? 11 VAL A HG12 3  
ATOM   420  H HG13 . VAL A 1 8 ? 7.176  -2.048 3.522  1.00 0.00 ? 11 VAL A HG13 3  
ATOM   421  H HG21 . VAL A 1 8 ? 5.220  0.771  2.081  1.00 0.00 ? 11 VAL A HG21 3  
ATOM   422  H HG22 . VAL A 1 8 ? 6.447  0.292  3.260  1.00 0.00 ? 11 VAL A HG22 3  
ATOM   423  H HG23 . VAL A 1 8 ? 6.856  0.354  1.520  1.00 0.00 ? 11 VAL A HG23 3  
ATOM   424  N N    . ASP A 1 1 ? 3.149  -5.346 1.386  1.00 0.00 ? 4  ASP A N    4  
ATOM   425  C CA   . ASP A 1 1 ? 1.817  -5.583 0.792  1.00 0.00 ? 4  ASP A CA   4  
ATOM   426  C C    . ASP A 1 1 ? 1.141  -4.227 0.422  1.00 0.00 ? 4  ASP A C    4  
ATOM   427  O O    . ASP A 1 1 ? 0.943  -3.371 1.291  1.00 0.00 ? 4  ASP A O    4  
ATOM   428  C CB   . ASP A 1 1 ? 0.981  -6.434 1.778  1.00 0.00 ? 4  ASP A CB   4  
ATOM   429  C CG   . ASP A 1 1 ? 1.536  -7.839 2.028  1.00 0.00 ? 4  ASP A CG   4  
ATOM   430  O OD1  . ASP A 1 1 ? 0.791  -8.824 1.865  1.00 0.00 ? 4  ASP A OD1  4  
ATOM   431  O OD2  . ASP A 1 1 ? 2.736  -7.944 2.367  1.00 0.00 ? 4  ASP A OD2  4  
ATOM   432  H H1   . ASP A 1 1 ? 3.538  -6.225 1.765  1.00 0.00 ? 4  ASP A H1   4  
ATOM   433  H H2   . ASP A 1 1 ? 3.823  -4.835 0.751  1.00 0.00 ? 4  ASP A H2   4  
ATOM   434  H H3   . ASP A 1 1 ? 3.113  -4.649 2.144  1.00 0.00 ? 4  ASP A H3   4  
ATOM   435  H HA   . ASP A 1 1 ? 1.959  -6.182 -0.133 1.00 0.00 ? 4  ASP A HA   4  
ATOM   436  H HB2  . ASP A 1 1 ? 0.869  -5.923 2.752  1.00 0.00 ? 4  ASP A HB2  4  
ATOM   437  H HB3  . ASP A 1 1 ? -0.049 -6.543 1.391  1.00 0.00 ? 4  ASP A HB3  4  
ATOM   438  N N    . CYS A 1 2 ? 0.810  -4.019 -0.865 1.00 0.00 ? 5  CYS A N    4  
ATOM   439  C CA   . CYS A 1 2 ? 0.342  -2.700 -1.365 1.00 0.00 ? 5  CYS A CA   4  
ATOM   440  C C    . CYS A 1 2 ? -1.186 -2.457 -1.149 1.00 0.00 ? 5  CYS A C    4  
ATOM   441  O O    . CYS A 1 2 ? -2.031 -3.174 -1.692 1.00 0.00 ? 5  CYS A O    4  
ATOM   442  C CB   . CYS A 1 2 ? 0.783  -2.603 -2.842 1.00 0.00 ? 5  CYS A CB   4  
ATOM   443  S SG   . CYS A 1 2 ? 0.187  -1.093 -3.651 1.00 0.00 ? 5  CYS A SG   4  
ATOM   444  H H    . CYS A 1 2 ? 1.027  -4.784 -1.511 1.00 0.00 ? 5  CYS A H    4  
ATOM   445  H HA   . CYS A 1 2 ? 0.906  -1.928 -0.818 1.00 0.00 ? 5  CYS A HA   4  
ATOM   446  H HB2  . CYS A 1 2 ? 1.886  -2.643 -2.931 1.00 0.00 ? 5  CYS A HB2  4  
ATOM   447  H HB3  . CYS A 1 2 ? 0.394  -3.461 -3.420 1.00 0.00 ? 5  CYS A HB3  4  
ATOM   448  N N    . PHE A 1 3 ? -1.531 -1.423 -0.361 1.00 0.00 ? 6  PHE A N    4  
ATOM   449  C CA   . PHE A 1 3 ? -2.937 -1.011 -0.095 1.00 0.00 ? 6  PHE A CA   4  
ATOM   450  C C    . PHE A 1 3 ? -3.111 0.542  -0.237 1.00 0.00 ? 6  PHE A C    4  
ATOM   451  O O    . PHE A 1 3 ? -2.156 1.281  -0.503 1.00 0.00 ? 6  PHE A O    4  
ATOM   452  C CB   . PHE A 1 3 ? -3.423 -1.658 1.242  1.00 0.00 ? 6  PHE A CB   4  
ATOM   453  C CG   . PHE A 1 3 ? -2.759 -1.226 2.567  1.00 0.00 ? 6  PHE A CG   4  
ATOM   454  C CD1  . PHE A 1 3 ? -1.600 -1.868 3.018  1.00 0.00 ? 6  PHE A CD1  4  
ATOM   455  C CD2  . PHE A 1 3 ? -3.346 -0.240 3.367  1.00 0.00 ? 6  PHE A CD2  4  
ATOM   456  C CE1  . PHE A 1 3 ? -1.035 -1.525 4.243  1.00 0.00 ? 6  PHE A CE1  4  
ATOM   457  C CE2  . PHE A 1 3 ? -2.775 0.111  4.589  1.00 0.00 ? 6  PHE A CE2  4  
ATOM   458  C CZ   . PHE A 1 3 ? -1.621 -0.535 5.027  1.00 0.00 ? 6  PHE A CZ   4  
ATOM   459  H H    . PHE A 1 3 ? -0.756 -0.849 0.017  1.00 0.00 ? 6  PHE A H    4  
ATOM   460  H HA   . PHE A 1 3 ? -3.583 -1.431 -0.893 1.00 0.00 ? 6  PHE A HA   4  
ATOM   461  H HB2  . PHE A 1 3 ? -4.517 -1.519 1.325  1.00 0.00 ? 6  PHE A HB2  4  
ATOM   462  H HB3  . PHE A 1 3 ? -3.328 -2.759 1.145  1.00 0.00 ? 6  PHE A HB3  4  
ATOM   463  H HD1  . PHE A 1 3 ? -1.139 -2.639 2.420  1.00 0.00 ? 6  PHE A HD1  4  
ATOM   464  H HD2  . PHE A 1 3 ? -4.259 0.239  3.053  1.00 0.00 ? 6  PHE A HD2  4  
ATOM   465  H HE1  . PHE A 1 3 ? -0.137 -2.024 4.581  1.00 0.00 ? 6  PHE A HE1  4  
ATOM   466  H HE2  . PHE A 1 3 ? -3.232 0.872  5.203  1.00 0.00 ? 6  PHE A HE2  4  
ATOM   467  H HZ   . PHE A 1 3 ? -1.176 -0.266 5.974  1.00 0.00 ? 6  PHE A HZ   4  
ATOM   468  N N    . TRP A 1 4 ? -4.357 1.043  -0.116 1.00 0.00 ? 7  TRP A N    4  
ATOM   469  C CA   . TRP A 1 4 ? -4.738 2.433  -0.523 1.00 0.00 ? 7  TRP A CA   4  
ATOM   470  C C    . TRP A 1 4 ? -3.798 3.637  -0.159 1.00 0.00 ? 7  TRP A C    4  
ATOM   471  O O    . TRP A 1 4 ? -3.320 4.235  -1.132 1.00 0.00 ? 7  TRP A O    4  
ATOM   472  C CB   . TRP A 1 4 ? -6.241 2.632  -0.185 1.00 0.00 ? 7  TRP A CB   4  
ATOM   473  C CG   . TRP A 1 4 ? -6.873 4.027  -0.371 1.00 0.00 ? 7  TRP A CG   4  
ATOM   474  C CD1  . TRP A 1 4 ? -7.636 4.699  0.605  1.00 0.00 ? 7  TRP A CD1  4  
ATOM   475  C CD2  . TRP A 1 4 ? -6.894 4.852  -1.479 1.00 0.00 ? 7  TRP A CD2  4  
ATOM   476  N NE1  . TRP A 1 4 ? -8.178 5.906  0.116  1.00 0.00 ? 7  TRP A NE1  4  
ATOM   477  C CE2  . TRP A 1 4 ? -7.718 5.969  -1.188 1.00 0.00 ? 7  TRP A CE2  4  
ATOM   478  C CE3  . TRP A 1 4 ? -6.243 4.749  -2.727 1.00 0.00 ? 7  TRP A CE3  4  
ATOM   479  C CZ2  . TRP A 1 4 ? -7.936 6.964  -2.169 1.00 0.00 ? 7  TRP A CZ2  4  
ATOM   480  C CZ3  . TRP A 1 4 ? -6.462 5.747  -3.681 1.00 0.00 ? 7  TRP A CZ3  4  
ATOM   481  C CH2  . TRP A 1 4 ? -7.306 6.833  -3.411 1.00 0.00 ? 7  TRP A CH2  4  
ATOM   482  H H    . TRP A 1 4 ? -5.070 0.342  0.106  1.00 0.00 ? 7  TRP A H    4  
ATOM   483  H HA   . TRP A 1 4 ? -4.659 2.411  -1.618 1.00 0.00 ? 7  TRP A HA   4  
ATOM   484  H HB2  . TRP A 1 4 ? -6.835 1.913  -0.780 1.00 0.00 ? 7  TRP A HB2  4  
ATOM   485  H HB3  . TRP A 1 4 ? -6.407 2.323  0.859  1.00 0.00 ? 7  TRP A HB3  4  
ATOM   486  H HD1  . TRP A 1 4 ? -7.770 4.328  1.610  1.00 0.00 ? 7  TRP A HD1  4  
ATOM   487  H HE1  . TRP A 1 4 ? -8.841 6.536  0.584  1.00 0.00 ? 7  TRP A HE1  4  
ATOM   488  H HE3  . TRP A 1 4 ? -5.560 3.934  -2.900 1.00 0.00 ? 7  TRP A HE3  4  
ATOM   489  H HZ2  . TRP A 1 4 ? -8.583 7.806  -1.964 1.00 0.00 ? 7  TRP A HZ2  4  
ATOM   490  H HZ3  . TRP A 1 4 ? -5.974 5.675  -4.642 1.00 0.00 ? 7  TRP A HZ3  4  
ATOM   491  H HH2  . TRP A 1 4 ? -7.475 7.577  -4.176 1.00 0.00 ? 7  TRP A HH2  4  
HETATM 492  N N    . NMK A 1 5 ? -3.488 4.029  1.116  1.00 0.00 ? 8  NMK A N    4  
HETATM 493  C CA   . NMK A 1 5 ? -2.370 5.021  1.323  1.00 0.00 ? 8  NMK A CA   4  
HETATM 494  C CB   . NMK A 1 5 ? -2.839 6.256  2.158  1.00 0.00 ? 8  NMK A CB   4  
HETATM 495  C CG   . NMK A 1 5 ? -4.069 7.050  1.652  1.00 0.00 ? 8  NMK A CG   4  
HETATM 496  C CD   . NMK A 1 5 ? -3.903 7.638  0.234  1.00 0.00 ? 8  NMK A CD   4  
HETATM 497  C CE   . NMK A 1 5 ? -5.075 8.537  -0.183 1.00 0.00 ? 8  NMK A CE   4  
HETATM 498  N NZ   . NMK A 1 5 ? -4.932 8.911  -1.605 1.00 0.00 ? 8  NMK A NZ   4  
HETATM 499  C C    . NMK A 1 5 ? -1.015 4.380  1.800  1.00 0.00 ? 8  NMK A C    4  
HETATM 500  O O    . NMK A 1 5 ? -0.268 5.004  2.561  1.00 0.00 ? 8  NMK A O    4  
HETATM 501  C CN   . NMK A 1 5 ? -4.153 3.419  2.296  1.00 0.00 ? 8  NMK A CN   4  
HETATM 502  H HA   . NMK A 1 5 ? -2.093 5.465  0.352  1.00 0.00 ? 8  NMK A HA   4  
HETATM 503  H HB2  . NMK A 1 5 ? -3.037 5.923  3.193  1.00 0.00 ? 8  NMK A HB2  4  
HETATM 504  H HB3  . NMK A 1 5 ? -1.989 6.956  2.248  1.00 0.00 ? 8  NMK A HB3  4  
HETATM 505  H HG2  . NMK A 1 5 ? -4.964 6.396  1.683  1.00 0.00 ? 8  NMK A HG2  4  
HETATM 506  H HG3  . NMK A 1 5 ? -4.281 7.855  2.382  1.00 0.00 ? 8  NMK A HG3  4  
HETATM 507  H HD2  . NMK A 1 5 ? -2.951 8.203  0.177  1.00 0.00 ? 8  NMK A HD2  4  
HETATM 508  H HD3  . NMK A 1 5 ? -3.800 6.798  -0.482 1.00 0.00 ? 8  NMK A HD3  4  
HETATM 509  H HE2  . NMK A 1 5 ? -6.039 8.014  -0.020 1.00 0.00 ? 8  NMK A HE2  4  
HETATM 510  H HE3  . NMK A 1 5 ? -5.112 9.442  0.458  1.00 0.00 ? 8  NMK A HE3  4  
HETATM 511  H HZ1  . NMK A 1 5 ? -5.663 9.555  -1.925 1.00 0.00 ? 8  NMK A HZ1  4  
HETATM 512  H HZ3  . NMK A 1 5 ? -4.979 8.084  -2.214 1.00 0.00 ? 8  NMK A HZ3  4  
HETATM 513  H HM1  . NMK A 1 5 ? -4.198 2.321  2.230  1.00 0.00 ? 8  NMK A HM1  4  
HETATM 514  H HM2  . NMK A 1 5 ? -3.624 3.646  3.239  1.00 0.00 ? 8  NMK A HM2  4  
HETATM 515  H HM3  . NMK A 1 5 ? -5.186 3.797  2.406  1.00 0.00 ? 8  NMK A HM3  4  
HETATM 516  H HZ2  . NMK A 1 5 ? -4.028 9.360  -1.797 1.00 0.00 ? 8  NMK A HZ2  4  
ATOM   517  N N    . TYR A 1 6 ? -0.661 3.162  1.331  1.00 0.00 ? 9  TYR A N    4  
ATOM   518  C CA   . TYR A 1 6 ? 0.623  2.494  1.687  1.00 0.00 ? 9  TYR A CA   4  
ATOM   519  C C    . TYR A 1 6 ? 0.951  1.418  0.606  1.00 0.00 ? 9  TYR A C    4  
ATOM   520  O O    . TYR A 1 6 ? 0.527  0.263  0.722  1.00 0.00 ? 9  TYR A O    4  
ATOM   521  C CB   . TYR A 1 6 ? 0.534  1.903  3.129  1.00 0.00 ? 9  TYR A CB   4  
ATOM   522  C CG   . TYR A 1 6 ? 1.859  1.379  3.705  1.00 0.00 ? 9  TYR A CG   4  
ATOM   523  C CD1  . TYR A 1 6 ? 2.203  0.027  3.586  1.00 0.00 ? 9  TYR A CD1  4  
ATOM   524  C CD2  . TYR A 1 6 ? 2.737  2.255  4.354  1.00 0.00 ? 9  TYR A CD2  4  
ATOM   525  C CE1  . TYR A 1 6 ? 3.404  -0.440 4.115  1.00 0.00 ? 9  TYR A CE1  4  
ATOM   526  C CE2  . TYR A 1 6 ? 3.940  1.785  4.876  1.00 0.00 ? 9  TYR A CE2  4  
ATOM   527  C CZ   . TYR A 1 6 ? 4.272  0.437  4.756  1.00 0.00 ? 9  TYR A CZ   4  
ATOM   528  O OH   . TYR A 1 6 ? 5.458  -0.027 5.258  1.00 0.00 ? 9  TYR A OH   4  
ATOM   529  H H    . TYR A 1 6 ? -1.365 2.703  0.720  1.00 0.00 ? 9  TYR A H    4  
ATOM   530  H HA   . TYR A 1 6 ? 1.437  3.248  1.685  1.00 0.00 ? 9  TYR A HA   4  
ATOM   531  H HB2  . TYR A 1 6 ? 0.129  2.665  3.822  1.00 0.00 ? 9  TYR A HB2  4  
ATOM   532  H HB3  . TYR A 1 6 ? -0.232 1.104  3.144  1.00 0.00 ? 9  TYR A HB3  4  
ATOM   533  H HD1  . TYR A 1 6 ? 1.553  -0.663 3.068  1.00 0.00 ? 9  TYR A HD1  4  
ATOM   534  H HD2  . TYR A 1 6 ? 2.488  3.303  4.452  1.00 0.00 ? 9  TYR A HD2  4  
ATOM   535  H HE1  . TYR A 1 6 ? 3.673  -1.482 4.008  1.00 0.00 ? 9  TYR A HE1  4  
ATOM   536  H HE2  . TYR A 1 6 ? 4.612  2.471  5.371  1.00 0.00 ? 9  TYR A HE2  4  
ATOM   537  H HH   . TYR A 1 6 ? 5.946  0.707  5.632  1.00 0.00 ? 9  TYR A HH   4  
ATOM   538  N N    . CYS A 1 7 ? 1.717  1.779  -0.442 1.00 0.00 ? 10 CYS A N    4  
ATOM   539  C CA   . CYS A 1 7 ? 2.102  0.809  -1.505 1.00 0.00 ? 10 CYS A CA   4  
ATOM   540  C C    . CYS A 1 7 ? 3.522  0.182  -1.306 1.00 0.00 ? 10 CYS A C    4  
ATOM   541  O O    . CYS A 1 7 ? 4.438  0.407  -2.103 1.00 0.00 ? 10 CYS A O    4  
ATOM   542  C CB   . CYS A 1 7 ? 1.840  1.456  -2.877 1.00 0.00 ? 10 CYS A CB   4  
ATOM   543  S SG   . CYS A 1 7 ? 1.700  0.149  -4.119 1.00 0.00 ? 10 CYS A SG   4  
ATOM   544  H H    . CYS A 1 7 ? 1.983  2.768  -0.480 1.00 0.00 ? 10 CYS A H    4  
ATOM   545  H HA   . CYS A 1 7 ? 1.396  -0.034 -1.494 1.00 0.00 ? 10 CYS A HA   4  
ATOM   546  H HB2  . CYS A 1 7 ? 0.893  2.027  -2.890 1.00 0.00 ? 10 CYS A HB2  4  
ATOM   547  H HB3  . CYS A 1 7 ? 2.644  2.162  -3.157 1.00 0.00 ? 10 CYS A HB3  4  
ATOM   548  N N    . VAL A 1 8 ? 3.690  -0.613 -0.231 1.00 0.00 ? 11 VAL A N    4  
ATOM   549  C CA   . VAL A 1 8 ? 4.973  -1.299 0.098  1.00 0.00 ? 11 VAL A CA   4  
ATOM   550  C C    . VAL A 1 8 ? 4.563  -2.691 0.654  1.00 0.00 ? 11 VAL A C    4  
ATOM   551  O O    . VAL A 1 8 ? 4.656  -3.706 -0.078 1.00 0.00 ? 11 VAL A O    4  
ATOM   552  C CB   . VAL A 1 8 ? 5.884  -0.479 1.082  1.00 0.00 ? 11 VAL A CB   4  
ATOM   553  C CG1  . VAL A 1 8 ? 7.208  -1.199 1.423  1.00 0.00 ? 11 VAL A CG1  4  
ATOM   554  C CG2  . VAL A 1 8 ? 6.256  0.943  0.601  1.00 0.00 ? 11 VAL A CG2  4  
ATOM   555  O OXT  . VAL A 1 8 ? 4.132  -2.797 1.828  1.00 0.00 ? 11 VAL A OXT  4  
ATOM   556  H H    . VAL A 1 8 ? 2.873  -0.719 0.380  1.00 0.00 ? 11 VAL A H    4  
ATOM   557  H HA   . VAL A 1 8 ? 5.550  -1.492 -0.827 1.00 0.00 ? 11 VAL A HA   4  
ATOM   558  H HB   . VAL A 1 8 ? 5.318  -0.367 2.026  1.00 0.00 ? 11 VAL A HB   4  
ATOM   559  H HG11 . VAL A 1 8 ? 7.838  -1.360 0.529  1.00 0.00 ? 11 VAL A HG11 4  
ATOM   560  H HG12 . VAL A 1 8 ? 7.811  -0.638 2.162  1.00 0.00 ? 11 VAL A HG12 4  
ATOM   561  H HG13 . VAL A 1 8 ? 7.022  -2.195 1.871  1.00 0.00 ? 11 VAL A HG13 4  
ATOM   562  H HG21 . VAL A 1 8 ? 5.356  1.570  0.464  1.00 0.00 ? 11 VAL A HG21 4  
ATOM   563  H HG22 . VAL A 1 8 ? 6.897  1.477  1.326  1.00 0.00 ? 11 VAL A HG22 4  
ATOM   564  H HG23 . VAL A 1 8 ? 6.786  0.925  -0.370 1.00 0.00 ? 11 VAL A HG23 4  
ATOM   565  N N    . ASP A 1 1 ? 3.155  -5.237 1.545  1.00 0.00 ? 4  ASP A N    5  
ATOM   566  C CA   . ASP A 1 1 ? 1.846  -5.475 0.900  1.00 0.00 ? 4  ASP A CA   5  
ATOM   567  C C    . ASP A 1 1 ? 1.179  -4.124 0.493  1.00 0.00 ? 4  ASP A C    5  
ATOM   568  O O    . ASP A 1 1 ? 0.999  -3.237 1.335  1.00 0.00 ? 4  ASP A O    5  
ATOM   569  C CB   . ASP A 1 1 ? 0.973  -6.318 1.864  1.00 0.00 ? 4  ASP A CB   5  
ATOM   570  C CG   . ASP A 1 1 ? 1.520  -7.718 2.154  1.00 0.00 ? 4  ASP A CG   5  
ATOM   571  O OD1  . ASP A 1 1 ? 2.706  -7.814 2.544  1.00 0.00 ? 4  ASP A OD1  5  
ATOM   572  O OD2  . ASP A 1 1 ? 0.786  -8.707 1.972  1.00 0.00 ? 4  ASP A OD2  5  
ATOM   573  H H1   . ASP A 1 1 ? 3.512  -6.117 1.953  1.00 0.00 ? 4  ASP A H1   5  
ATOM   574  H H2   . ASP A 1 1 ? 3.868  -4.771 0.911  1.00 0.00 ? 4  ASP A H2   5  
ATOM   575  H H3   . ASP A 1 1 ? 3.102  -4.526 2.286  1.00 0.00 ? 4  ASP A H3   5  
ATOM   576  H HA   . ASP A 1 1 ? 2.024  -6.081 -0.010 1.00 0.00 ? 4  ASP A HA   5  
ATOM   577  H HB2  . ASP A 1 1 ? 0.822  -5.795 2.826  1.00 0.00 ? 4  ASP A HB2  5  
ATOM   578  H HB3  . ASP A 1 1 ? -0.040 -6.433 1.437  1.00 0.00 ? 4  ASP A HB3  5  
ATOM   579  N N    . CYS A 1 2 ? 0.830  -3.958 -0.797 1.00 0.00 ? 5  CYS A N    5  
ATOM   580  C CA   . CYS A 1 2 ? 0.340  -2.662 -1.331 1.00 0.00 ? 5  CYS A CA   5  
ATOM   581  C C    . CYS A 1 2 ? -1.197 -2.446 -1.143 1.00 0.00 ? 5  CYS A C    5  
ATOM   582  O O    . CYS A 1 2 ? -2.019 -3.188 -1.686 1.00 0.00 ? 5  CYS A O    5  
ATOM   583  C CB   . CYS A 1 2 ? 0.803  -2.563 -2.802 1.00 0.00 ? 5  CYS A CB   5  
ATOM   584  S SG   . CYS A 1 2 ? 0.194  -1.063 -3.619 1.00 0.00 ? 5  CYS A SG   5  
ATOM   585  H H    . CYS A 1 2 ? 1.026  -4.748 -1.421 1.00 0.00 ? 5  CYS A H    5  
ATOM   586  H HA   . CYS A 1 2 ? 0.876  -1.866 -0.788 1.00 0.00 ? 5  CYS A HA   5  
ATOM   587  H HB2  . CYS A 1 2 ? 1.907  -2.586 -2.873 1.00 0.00 ? 5  CYS A HB2  5  
ATOM   588  H HB3  . CYS A 1 2 ? 0.435  -3.430 -3.380 1.00 0.00 ? 5  CYS A HB3  5  
ATOM   589  N N    . PHE A 1 3 ? -1.570 -1.404 -0.380 1.00 0.00 ? 6  PHE A N    5  
ATOM   590  C CA   . PHE A 1 3 ? -2.985 -1.008 -0.141 1.00 0.00 ? 6  PHE A CA   5  
ATOM   591  C C    . PHE A 1 3 ? -3.165 0.550  -0.251 1.00 0.00 ? 6  PHE A C    5  
ATOM   592  O O    . PHE A 1 3 ? -2.219 1.296  -0.527 1.00 0.00 ? 6  PHE A O    5  
ATOM   593  C CB   . PHE A 1 3 ? -3.507 -1.697 1.162  1.00 0.00 ? 6  PHE A CB   5  
ATOM   594  C CG   . PHE A 1 3 ? -2.877 -1.303 2.516  1.00 0.00 ? 6  PHE A CG   5  
ATOM   595  C CD1  . PHE A 1 3 ? -3.486 -0.346 3.331  1.00 0.00 ? 6  PHE A CD1  5  
ATOM   596  C CD2  . PHE A 1 3 ? -1.720 -1.949 2.968  1.00 0.00 ? 6  PHE A CD2  5  
ATOM   597  C CE1  . PHE A 1 3 ? -2.935 -0.021 4.569  1.00 0.00 ? 6  PHE A CE1  5  
ATOM   598  C CE2  . PHE A 1 3 ? -1.175 -1.631 4.209  1.00 0.00 ? 6  PHE A CE2  5  
ATOM   599  C CZ   . PHE A 1 3 ? -1.781 -0.665 5.008  1.00 0.00 ? 6  PHE A CZ   5  
ATOM   600  H H    . PHE A 1 3 ? -0.805 -0.823 0.007  1.00 0.00 ? 6  PHE A H    5  
ATOM   601  H HA   . PHE A 1 3 ? -3.603 -1.407 -0.971 1.00 0.00 ? 6  PHE A HA   5  
ATOM   602  H HB2  . PHE A 1 3 ? -4.602 -1.564 1.220  1.00 0.00 ? 6  PHE A HB2  5  
ATOM   603  H HB3  . PHE A 1 3 ? -3.406 -2.793 1.034  1.00 0.00 ? 6  PHE A HB3  5  
ATOM   604  H HD1  . PHE A 1 3 ? -4.398 0.137  3.016  1.00 0.00 ? 6  PHE A HD1  5  
ATOM   605  H HD2  . PHE A 1 3 ? -1.243 -2.702 2.357  1.00 0.00 ? 6  PHE A HD2  5  
ATOM   606  H HE1  . PHE A 1 3 ? -3.408 0.722  5.195  1.00 0.00 ? 6  PHE A HE1  5  
ATOM   607  H HE2  . PHE A 1 3 ? -0.278 -2.131 4.547  1.00 0.00 ? 6  PHE A HE2  5  
ATOM   608  H HZ   . PHE A 1 3 ? -1.352 -0.416 5.967  1.00 0.00 ? 6  PHE A HZ   5  
ATOM   609  N N    . TRP A 1 4 ? -4.407 1.048  -0.094 1.00 0.00 ? 7  TRP A N    5  
ATOM   610  C CA   . TRP A 1 4 ? -4.800 2.438  -0.488 1.00 0.00 ? 7  TRP A CA   5  
ATOM   611  C C    . TRP A 1 4 ? -3.868 3.657  -0.148 1.00 0.00 ? 7  TRP A C    5  
ATOM   612  O O    . TRP A 1 4 ? -3.513 4.337  -1.122 1.00 0.00 ? 7  TRP A O    5  
ATOM   613  C CB   . TRP A 1 4 ? -6.298 2.635  -0.118 1.00 0.00 ? 7  TRP A CB   5  
ATOM   614  C CG   . TRP A 1 4 ? -6.911 4.039  -0.292 1.00 0.00 ? 7  TRP A CG   5  
ATOM   615  C CD1  . TRP A 1 4 ? -7.514 4.805  0.728  1.00 0.00 ? 7  TRP A CD1  5  
ATOM   616  C CD2  . TRP A 1 4 ? -6.966 4.832  -1.421 1.00 0.00 ? 7  TRP A CD2  5  
ATOM   617  N NE1  . TRP A 1 4 ? -7.974 6.050  0.249  1.00 0.00 ? 7  TRP A NE1  5  
ATOM   618  C CE2  . TRP A 1 4 ? -7.632 6.036  -1.092 1.00 0.00 ? 7  TRP A CE2  5  
ATOM   619  C CE3  . TRP A 1 4 ? -6.432 4.638  -2.714 1.00 0.00 ? 7  TRP A CE3  5  
ATOM   620  C CZ2  . TRP A 1 4 ? -7.813 7.040  -2.075 1.00 0.00 ? 7  TRP A CZ2  5  
ATOM   621  C CZ3  . TRP A 1 4 ? -6.627 5.632  -3.675 1.00 0.00 ? 7  TRP A CZ3  5  
ATOM   622  C CH2  . TRP A 1 4 ? -7.312 6.814  -3.361 1.00 0.00 ? 7  TRP A CH2  5  
ATOM   623  H H    . TRP A 1 4 ? -5.113 0.347  0.148  1.00 0.00 ? 7  TRP A H    5  
ATOM   624  H HA   . TRP A 1 4 ? -4.738 2.412  -1.586 1.00 0.00 ? 7  TRP A HA   5  
ATOM   625  H HB2  . TRP A 1 4 ? -6.907 1.921  -0.705 1.00 0.00 ? 7  TRP A HB2  5  
ATOM   626  H HB3  . TRP A 1 4 ? -6.449 2.324  0.929  1.00 0.00 ? 7  TRP A HB3  5  
ATOM   627  H HD1  . TRP A 1 4 ? -7.572 4.486  1.757  1.00 0.00 ? 7  TRP A HD1  5  
ATOM   628  H HE1  . TRP A 1 4 ? -8.484 6.777  0.763  1.00 0.00 ? 7  TRP A HE1  5  
ATOM   629  H HE3  . TRP A 1 4 ? -5.837 3.758  -2.903 1.00 0.00 ? 7  TRP A HE3  5  
ATOM   630  H HZ2  . TRP A 1 4 ? -8.327 7.959  -1.836 1.00 0.00 ? 7  TRP A HZ2  5  
ATOM   631  H HZ3  . TRP A 1 4 ? -6.237 5.491  -4.674 1.00 0.00 ? 7  TRP A HZ3  5  
ATOM   632  H HH2  . TRP A 1 4 ? -7.455 7.566  -4.126 1.00 0.00 ? 7  TRP A HH2  5  
HETATM 633  N N    . NMK A 1 5 ? -3.465 4.004  1.109  1.00 0.00 ? 8  NMK A N    5  
HETATM 634  C CA   . NMK A 1 5 ? -2.335 4.989  1.277  1.00 0.00 ? 8  NMK A CA   5  
HETATM 635  C CB   . NMK A 1 5 ? -2.815 6.249  2.062  1.00 0.00 ? 8  NMK A CB   5  
HETATM 636  C CG   . NMK A 1 5 ? -3.891 7.111  1.355  1.00 0.00 ? 8  NMK A CG   5  
HETATM 637  C CD   . NMK A 1 5 ? -3.332 8.037  0.243  1.00 0.00 ? 8  NMK A CD   5  
HETATM 638  C CE   . NMK A 1 5 ? -4.200 8.126  -1.025 1.00 0.00 ? 8  NMK A CE   5  
HETATM 639  N NZ   . NMK A 1 5 ? -3.939 6.980  -1.925 1.00 0.00 ? 8  NMK A NZ   5  
HETATM 640  C C    . NMK A 1 5 ? -0.997 4.341  1.787  1.00 0.00 ? 8  NMK A C    5  
HETATM 641  O O    . NMK A 1 5 ? -0.273 4.944  2.586  1.00 0.00 ? 8  NMK A O    5  
HETATM 642  C CN   . NMK A 1 5 ? -4.050 3.346  2.309  1.00 0.00 ? 8  NMK A CN   5  
HETATM 643  H HA   . NMK A 1 5 ? -2.042 5.382  0.286  1.00 0.00 ? 8  NMK A HA   5  
HETATM 644  H HB2  . NMK A 1 5 ? -3.203 5.928  3.047  1.00 0.00 ? 8  NMK A HB2  5  
HETATM 645  H HB3  . NMK A 1 5 ? -1.948 6.889  2.307  1.00 0.00 ? 8  NMK A HB3  5  
HETATM 646  H HG2  . NMK A 1 5 ? -4.700 6.453  0.978  1.00 0.00 ? 8  NMK A HG2  5  
HETATM 647  H HG3  . NMK A 1 5 ? -4.400 7.732  2.119  1.00 0.00 ? 8  NMK A HG3  5  
HETATM 648  H HD2  . NMK A 1 5 ? -3.235 9.053  0.673  1.00 0.00 ? 8  NMK A HD2  5  
HETATM 649  H HD3  . NMK A 1 5 ? -2.289 7.776  -0.022 1.00 0.00 ? 8  NMK A HD3  5  
HETATM 650  H HE2  . NMK A 1 5 ? -5.276 8.177  -0.754 1.00 0.00 ? 8  NMK A HE2  5  
HETATM 651  H HE3  . NMK A 1 5 ? -3.989 9.074  -1.559 1.00 0.00 ? 8  NMK A HE3  5  
HETATM 652  H HZ1  . NMK A 1 5 ? -4.674 6.851  -2.632 1.00 0.00 ? 8  NMK A HZ1  5  
HETATM 653  H HZ3  . NMK A 1 5 ? -3.881 6.073  -1.420 1.00 0.00 ? 8  NMK A HZ3  5  
HETATM 654  H HM1  . NMK A 1 5 ? -5.119 3.607  2.426  1.00 0.00 ? 8  NMK A HM1  5  
HETATM 655  H HM2  . NMK A 1 5 ? -3.965 2.249  2.256  1.00 0.00 ? 8  NMK A HM2  5  
HETATM 656  H HM3  . NMK A 1 5 ? -3.543 3.647  3.243  1.00 0.00 ? 8  NMK A HM3  5  
HETATM 657  H HZ2  . NMK A 1 5 ? -3.048 7.063  -2.423 1.00 0.00 ? 8  NMK A HZ2  5  
ATOM   658  N N    . TYR A 1 6 ? -0.638 3.131  1.297  1.00 0.00 ? 9  TYR A N    5  
ATOM   659  C CA   . TYR A 1 6 ? 0.607  2.423  1.706  1.00 0.00 ? 9  TYR A CA   5  
ATOM   660  C C    . TYR A 1 6 ? 0.971  1.385  0.601  1.00 0.00 ? 9  TYR A C    5  
ATOM   661  O O    . TYR A 1 6 ? 0.507  0.241  0.654  1.00 0.00 ? 9  TYR A O    5  
ATOM   662  C CB   . TYR A 1 6 ? 0.401  1.779  3.113  1.00 0.00 ? 9  TYR A CB   5  
ATOM   663  C CG   . TYR A 1 6 ? 1.666  1.199  3.767  1.00 0.00 ? 9  TYR A CG   5  
ATOM   664  C CD1  . TYR A 1 6 ? 2.019  -0.141 3.574  1.00 0.00 ? 9  TYR A CD1  5  
ATOM   665  C CD2  . TYR A 1 6 ? 2.469  2.009  4.577  1.00 0.00 ? 9  TYR A CD2  5  
ATOM   666  C CE1  . TYR A 1 6 ? 3.152  -0.665 4.192  1.00 0.00 ? 9  TYR A CE1  5  
ATOM   667  C CE2  . TYR A 1 6 ? 3.604  1.483  5.191  1.00 0.00 ? 9  TYR A CE2  5  
ATOM   668  C CZ   . TYR A 1 6 ? 3.943  0.146  4.999  1.00 0.00 ? 9  TYR A CZ   5  
ATOM   669  O OH   . TYR A 1 6 ? 5.061  -0.372 5.596  1.00 0.00 ? 9  TYR A OH   5  
ATOM   670  H H    . TYR A 1 6 ? -1.348 2.681  0.688  1.00 0.00 ? 9  TYR A H    5  
ATOM   671  H HA   . TYR A 1 6 ? 1.437  3.155  1.787  1.00 0.00 ? 9  TYR A HA   5  
ATOM   672  H HB2  . TYR A 1 6 ? -0.040 2.523  3.805  1.00 0.00 ? 9  TYR A HB2  5  
ATOM   673  H HB3  . TYR A 1 6 ? -0.380 0.996  3.043  1.00 0.00 ? 9  TYR A HB3  5  
ATOM   674  H HD1  . TYR A 1 6 ? 1.424  -0.784 2.939  1.00 0.00 ? 9  TYR A HD1  5  
ATOM   675  H HD2  . TYR A 1 6 ? 2.213  3.047  4.736  1.00 0.00 ? 9  TYR A HD2  5  
ATOM   676  H HE1  . TYR A 1 6 ? 3.430  -1.696 4.029  1.00 0.00 ? 9  TYR A HE1  5  
ATOM   677  H HE2  . TYR A 1 6 ? 4.217  2.119  5.814  1.00 0.00 ? 9  TYR A HE2  5  
ATOM   678  H HH   . TYR A 1 6 ? 5.508  0.324  6.080  1.00 0.00 ? 9  TYR A HH   5  
ATOM   679  N N    . CYS A 1 7 ? 1.790  1.764  -0.400 1.00 0.00 ? 10 CYS A N    5  
ATOM   680  C CA   . CYS A 1 7 ? 2.166  0.835  -1.503 1.00 0.00 ? 10 CYS A CA   5  
ATOM   681  C C    . CYS A 1 7 ? 3.600  0.232  -1.364 1.00 0.00 ? 10 CYS A C    5  
ATOM   682  O O    . CYS A 1 7 ? 4.509  0.546  -2.139 1.00 0.00 ? 10 CYS A O    5  
ATOM   683  C CB   . CYS A 1 7 ? 1.846  1.495  -2.856 1.00 0.00 ? 10 CYS A CB   5  
ATOM   684  S SG   . CYS A 1 7 ? 1.691  0.195  -4.104 1.00 0.00 ? 10 CYS A SG   5  
ATOM   685  H H    . CYS A 1 7 ? 2.097  2.741  -0.377 1.00 0.00 ? 10 CYS A H    5  
ATOM   686  H HA   . CYS A 1 7 ? 1.484  -0.027 -1.499 1.00 0.00 ? 10 CYS A HA   5  
ATOM   687  H HB2  . CYS A 1 7 ? 0.887  2.048  -2.828 1.00 0.00 ? 10 CYS A HB2  5  
ATOM   688  H HB3  . CYS A 1 7 ? 2.627  2.219  -3.153 1.00 0.00 ? 10 CYS A HB3  5  
ATOM   689  N N    . VAL A 1 8 ? 3.782  -0.668 -0.379 1.00 0.00 ? 11 VAL A N    5  
ATOM   690  C CA   . VAL A 1 8 ? 5.052  -1.415 -0.164 1.00 0.00 ? 11 VAL A CA   5  
ATOM   691  C C    . VAL A 1 8 ? 4.695  -2.727 0.592  1.00 0.00 ? 11 VAL A C    5  
ATOM   692  O O    . VAL A 1 8 ? 4.285  -2.689 1.776  1.00 0.00 ? 11 VAL A O    5  
ATOM   693  C CB   . VAL A 1 8 ? 6.195  -0.537 0.465  1.00 0.00 ? 11 VAL A CB   5  
ATOM   694  C CG1  . VAL A 1 8 ? 5.914  0.030  1.875  1.00 0.00 ? 11 VAL A CG1  5  
ATOM   695  C CG2  . VAL A 1 8 ? 7.556  -1.266 0.480  1.00 0.00 ? 11 VAL A CG2  5  
ATOM   696  O OXT  . VAL A 1 8 ? 4.782  -3.824 -0.009 1.00 0.00 ? 11 VAL A OXT  5  
ATOM   697  H H    . VAL A 1 8 ? 2.990  -0.808 0.259  1.00 0.00 ? 11 VAL A H    5  
ATOM   698  H HA   . VAL A 1 8 ? 5.416  -1.749 -1.157 1.00 0.00 ? 11 VAL A HA   5  
ATOM   699  H HB   . VAL A 1 8 ? 6.321  0.336  -0.205 1.00 0.00 ? 11 VAL A HB   5  
ATOM   700  H HG11 . VAL A 1 8 ? 6.712  0.712  2.221  1.00 0.00 ? 11 VAL A HG11 5  
ATOM   701  H HG12 . VAL A 1 8 ? 4.966  0.599  1.902  1.00 0.00 ? 11 VAL A HG12 5  
ATOM   702  H HG13 . VAL A 1 8 ? 5.818  -0.776 2.628  1.00 0.00 ? 11 VAL A HG13 5  
ATOM   703  H HG21 . VAL A 1 8 ? 7.536  -2.152 1.141  1.00 0.00 ? 11 VAL A HG21 5  
ATOM   704  H HG22 . VAL A 1 8 ? 7.840  -1.621 -0.527 1.00 0.00 ? 11 VAL A HG22 5  
ATOM   705  H HG23 . VAL A 1 8 ? 8.374  -0.609 0.833  1.00 0.00 ? 11 VAL A HG23 5  
ATOM   706  N N    . ASP A 1 1 ? 3.165  -5.197 1.572  1.00 0.00 ? 4  ASP A N    6  
ATOM   707  C CA   . ASP A 1 1 ? 1.872  -5.452 0.899  1.00 0.00 ? 4  ASP A CA   6  
ATOM   708  C C    . ASP A 1 1 ? 1.184  -4.115 0.481  1.00 0.00 ? 4  ASP A C    6  
ATOM   709  O O    . ASP A 1 1 ? 1.011  -3.215 1.309  1.00 0.00 ? 4  ASP A O    6  
ATOM   710  C CB   . ASP A 1 1 ? 0.995  -6.316 1.838  1.00 0.00 ? 4  ASP A CB   6  
ATOM   711  C CG   . ASP A 1 1 ? 1.550  -7.714 2.116  1.00 0.00 ? 4  ASP A CG   6  
ATOM   712  O OD1  . ASP A 1 1 ? 2.744  -7.811 2.480  1.00 0.00 ? 4  ASP A OD1  6  
ATOM   713  O OD2  . ASP A 1 1 ? 0.812  -8.704 1.954  1.00 0.00 ? 4  ASP A OD2  6  
ATOM   714  H H1   . ASP A 1 1 ? 3.556  -6.096 1.904  1.00 0.00 ? 4  ASP A H1   6  
ATOM   715  H H2   . ASP A 1 1 ? 3.866  -4.661 0.981  1.00 0.00 ? 4  ASP A H2   6  
ATOM   716  H H3   . ASP A 1 1 ? 3.070  -4.591 2.391  1.00 0.00 ? 4  ASP A H3   6  
ATOM   717  H HA   . ASP A 1 1 ? 2.081  -6.048 -0.013 1.00 0.00 ? 4  ASP A HA   6  
ATOM   718  H HB2  . ASP A 1 1 ? 0.822  -5.808 2.804  1.00 0.00 ? 4  ASP A HB2  6  
ATOM   719  H HB3  . ASP A 1 1 ? -0.011 -6.437 1.394  1.00 0.00 ? 4  ASP A HB3  6  
ATOM   720  N N    . CYS A 1 2 ? 0.806  -3.976 -0.804 1.00 0.00 ? 5  CYS A N    6  
ATOM   721  C CA   . CYS A 1 2 ? 0.323  -2.683 -1.358 1.00 0.00 ? 5  CYS A CA   6  
ATOM   722  C C    . CYS A 1 2 ? -1.218 -2.472 -1.210 1.00 0.00 ? 5  CYS A C    6  
ATOM   723  O O    . CYS A 1 2 ? -2.028 -3.263 -1.700 1.00 0.00 ? 5  CYS A O    6  
ATOM   724  C CB   . CYS A 1 2 ? 0.828  -2.612 -2.816 1.00 0.00 ? 5  CYS A CB   6  
ATOM   725  S SG   . CYS A 1 2 ? 0.354  -1.067 -3.632 1.00 0.00 ? 5  CYS A SG   6  
ATOM   726  H H    . CYS A 1 2 ? 0.979  -4.781 -1.412 1.00 0.00 ? 5  CYS A H    6  
ATOM   727  H HA   . CYS A 1 2 ? 0.839  -1.877 -0.811 1.00 0.00 ? 5  CYS A HA   6  
ATOM   728  H HB2  . CYS A 1 2 ? 1.929  -2.705 -2.861 1.00 0.00 ? 5  CYS A HB2  6  
ATOM   729  H HB3  . CYS A 1 2 ? 0.417  -3.449 -3.409 1.00 0.00 ? 5  CYS A HB3  6  
ATOM   730  N N    . PHE A 1 3 ? -1.608 -1.384 -0.522 1.00 0.00 ? 6  PHE A N    6  
ATOM   731  C CA   . PHE A 1 3 ? -3.026 -1.032 -0.240 1.00 0.00 ? 6  PHE A CA   6  
ATOM   732  C C    . PHE A 1 3 ? -3.239 0.527  -0.261 1.00 0.00 ? 6  PHE A C    6  
ATOM   733  O O    . PHE A 1 3 ? -2.338 1.296  -0.610 1.00 0.00 ? 6  PHE A O    6  
ATOM   734  C CB   . PHE A 1 3 ? -3.517 -1.812 1.025  1.00 0.00 ? 6  PHE A CB   6  
ATOM   735  C CG   . PHE A 1 3 ? -2.746 -1.666 2.357  1.00 0.00 ? 6  PHE A CG   6  
ATOM   736  C CD1  . PHE A 1 3 ? -2.990 -0.582 3.206  1.00 0.00 ? 6  PHE A CD1  6  
ATOM   737  C CD2  . PHE A 1 3 ? -1.847 -2.659 2.759  1.00 0.00 ? 6  PHE A CD2  6  
ATOM   738  C CE1  . PHE A 1 3 ? -2.358 -0.502 4.446  1.00 0.00 ? 6  PHE A CE1  6  
ATOM   739  C CE2  . PHE A 1 3 ? -1.223 -2.584 4.002  1.00 0.00 ? 6  PHE A CE2  6  
ATOM   740  C CZ   . PHE A 1 3 ? -1.480 -1.506 4.845  1.00 0.00 ? 6  PHE A CZ   6  
ATOM   741  H H    . PHE A 1 3 ? -0.860 -0.752 -0.185 1.00 0.00 ? 6  PHE A H    6  
ATOM   742  H HA   . PHE A 1 3 ? -3.644 -1.392 -1.088 1.00 0.00 ? 6  PHE A HA   6  
ATOM   743  H HB2  . PHE A 1 3 ? -4.583 -1.584 1.205  1.00 0.00 ? 6  PHE A HB2  6  
ATOM   744  H HB3  . PHE A 1 3 ? -3.545 -2.885 0.752  1.00 0.00 ? 6  PHE A HB3  6  
ATOM   745  H HD1  . PHE A 1 3 ? -3.672 0.195  2.909  1.00 0.00 ? 6  PHE A HD1  6  
ATOM   746  H HD2  . PHE A 1 3 ? -1.612 -3.489 2.105  1.00 0.00 ? 6  PHE A HD2  6  
ATOM   747  H HE1  . PHE A 1 3 ? -2.547 0.339  5.096  1.00 0.00 ? 6  PHE A HE1  6  
ATOM   748  H HE2  . PHE A 1 3 ? -0.521 -3.351 4.300  1.00 0.00 ? 6  PHE A HE2  6  
ATOM   749  H HZ   . PHE A 1 3 ? -0.984 -1.441 5.802  1.00 0.00 ? 6  PHE A HZ   6  
ATOM   750  N N    . TRP A 1 4 ? -4.466 1.005  0.040  1.00 0.00 ? 7  TRP A N    6  
ATOM   751  C CA   . TRP A 1 4 ? -4.921 2.397  -0.279 1.00 0.00 ? 7  TRP A CA   6  
ATOM   752  C C    . TRP A 1 4 ? -3.959 3.614  -0.033 1.00 0.00 ? 7  TRP A C    6  
ATOM   753  O O    . TRP A 1 4 ? -3.619 4.224  -1.055 1.00 0.00 ? 7  TRP A O    6  
ATOM   754  C CB   . TRP A 1 4 ? -6.367 2.565  0.268  1.00 0.00 ? 7  TRP A CB   6  
ATOM   755  C CG   . TRP A 1 4 ? -7.027 3.959  0.233  1.00 0.00 ? 7  TRP A CG   6  
ATOM   756  C CD1  . TRP A 1 4 ? -7.621 4.599  1.340  1.00 0.00 ? 7  TRP A CD1  6  
ATOM   757  C CD2  . TRP A 1 4 ? -7.223 4.820  -0.829 1.00 0.00 ? 7  TRP A CD2  6  
ATOM   758  N NE1  . TRP A 1 4 ? -8.224 5.823  0.985  1.00 0.00 ? 7  TRP A NE1  6  
ATOM   759  C CE2  . TRP A 1 4 ? -7.979 5.929  -0.373 1.00 0.00 ? 7  TRP A CE2  6  
ATOM   760  C CE3  . TRP A 1 4 ? -6.781 4.756  -2.170 1.00 0.00 ? 7  TRP A CE3  6  
ATOM   761  C CZ2  . TRP A 1 4 ? -8.353 6.952  -1.276 1.00 0.00 ? 7  TRP A CZ2  6  
ATOM   762  C CZ3  . TRP A 1 4 ? -7.148 5.782  -3.044 1.00 0.00 ? 7  TRP A CZ3  6  
ATOM   763  C CH2  . TRP A 1 4 ? -7.933 6.858  -2.606 1.00 0.00 ? 7  TRP A CH2  6  
ATOM   764  H H    . TRP A 1 4 ? -5.137 0.282  0.316  1.00 0.00 ? 7  TRP A H    6  
ATOM   765  H HA   . TRP A 1 4 ? -4.998 2.396  -1.376 1.00 0.00 ? 7  TRP A HA   6  
ATOM   766  H HB2  . TRP A 1 4 ? -7.032 1.864  -0.270 1.00 0.00 ? 7  TRP A HB2  6  
ATOM   767  H HB3  . TRP A 1 4 ? -6.390 2.210  1.311  1.00 0.00 ? 7  TRP A HB3  6  
ATOM   768  H HD1  . TRP A 1 4 ? -7.590 4.197  2.341  1.00 0.00 ? 7  TRP A HD1  6  
ATOM   769  H HE1  . TRP A 1 4 ? -8.813 6.428  1.570  1.00 0.00 ? 7  TRP A HE1  6  
ATOM   770  H HE3  . TRP A 1 4 ? -6.133 3.949  -2.472 1.00 0.00 ? 7  TRP A HE3  6  
ATOM   771  H HZ2  . TRP A 1 4 ? -8.954 7.785  -0.945 1.00 0.00 ? 7  TRP A HZ2  6  
ATOM   772  H HZ3  . TRP A 1 4 ? -6.819 5.744  -4.072 1.00 0.00 ? 7  TRP A HZ3  6  
ATOM   773  H HH2  . TRP A 1 4 ? -8.215 7.629  -3.311 1.00 0.00 ? 7  TRP A HH2  6  
HETATM 774  N N    . NMK A 1 5 ? -3.498 4.010  1.193  1.00 0.00 ? 8  NMK A N    6  
HETATM 775  C CA   . NMK A 1 5 ? -2.388 5.029  1.265  1.00 0.00 ? 8  NMK A CA   6  
HETATM 776  C CB   . NMK A 1 5 ? -2.854 6.309  2.027  1.00 0.00 ? 8  NMK A CB   6  
HETATM 777  C CG   . NMK A 1 5 ? -4.042 7.086  1.402  1.00 0.00 ? 8  NMK A CG   6  
HETATM 778  C CD   . NMK A 1 5 ? -3.671 7.882  0.125  1.00 0.00 ? 8  NMK A CD   6  
HETATM 779  C CE   . NMK A 1 5 ? -4.854 8.352  -0.739 1.00 0.00 ? 8  NMK A CE   6  
HETATM 780  N NZ   . NMK A 1 5 ? -5.688 9.354  -0.039 1.00 0.00 ? 8  NMK A NZ   6  
HETATM 781  C C    . NMK A 1 5 ? -1.012 4.425  1.720  1.00 0.00 ? 8  NMK A C    6  
HETATM 782  O O    . NMK A 1 5 ? -0.292 5.028  2.523  1.00 0.00 ? 8  NMK A O    6  
HETATM 783  C CN   . NMK A 1 5 ? -4.016 3.401  2.449  1.00 0.00 ? 8  NMK A CN   6  
HETATM 784  H HA   . NMK A 1 5 ? -2.158 5.392  0.250  1.00 0.00 ? 8  NMK A HA   6  
HETATM 785  H HB2  . NMK A 1 5 ? -3.120 6.023  3.061  1.00 0.00 ? 8  NMK A HB2  6  
HETATM 786  H HB3  . NMK A 1 5 ? -1.997 6.997  2.142  1.00 0.00 ? 8  NMK A HB3  6  
HETATM 787  H HG2  . NMK A 1 5 ? -4.868 6.377  1.192  1.00 0.00 ? 8  NMK A HG2  6  
HETATM 788  H HG3  . NMK A 1 5 ? -4.450 7.771  2.168  1.00 0.00 ? 8  NMK A HG3  6  
HETATM 789  H HD2  . NMK A 1 5 ? -3.012 8.732  0.387  1.00 0.00 ? 8  NMK A HD2  6  
HETATM 790  H HD3  . NMK A 1 5 ? -3.047 7.246  -0.531 1.00 0.00 ? 8  NMK A HD3  6  
HETATM 791  H HE2  . NMK A 1 5 ? -4.472 8.776  -1.689 1.00 0.00 ? 8  NMK A HE2  6  
HETATM 792  H HE3  . NMK A 1 5 ? -5.464 7.476  -1.038 1.00 0.00 ? 8  NMK A HE3  6  
HETATM 793  H HZ1  . NMK A 1 5 ? -5.143 10.177 0.242  1.00 0.00 ? 8  NMK A HZ1  6  
HETATM 794  H HZ3  . NMK A 1 5 ? -6.091 8.964  0.822  1.00 0.00 ? 8  NMK A HZ3  6  
HETATM 795  H HM1  . NMK A 1 5 ? -4.079 2.303  2.390  1.00 0.00 ? 8  NMK A HM1  6  
HETATM 796  H HM2  . NMK A 1 5 ? -3.370 3.626  3.317  1.00 0.00 ? 8  NMK A HM2  6  
HETATM 797  H HM3  . NMK A 1 5 ? -5.023 3.790  2.688  1.00 0.00 ? 8  NMK A HM3  6  
HETATM 798  H HZ2  . NMK A 1 5 ? -6.473 9.689  -0.610 1.00 0.00 ? 8  NMK A HZ2  6  
ATOM   799  N N    . TYR A 1 6 ? -0.632 3.243  1.185  1.00 0.00 ? 9  TYR A N    6  
ATOM   800  C CA   . TYR A 1 6 ? 0.616  2.531  1.575  1.00 0.00 ? 9  TYR A CA   6  
ATOM   801  C C    . TYR A 1 6 ? 0.942  1.490  0.459  1.00 0.00 ? 9  TYR A C    6  
ATOM   802  O O    . TYR A 1 6 ? 0.288  0.446  0.388  1.00 0.00 ? 9  TYR A O    6  
ATOM   803  C CB   . TYR A 1 6 ? 0.437  1.899  2.996  1.00 0.00 ? 9  TYR A CB   6  
ATOM   804  C CG   . TYR A 1 6 ? 1.571  0.971  3.465  1.00 0.00 ? 9  TYR A CG   6  
ATOM   805  C CD1  . TYR A 1 6 ? 1.464  -0.399 3.211  1.00 0.00 ? 9  TYR A CD1  6  
ATOM   806  C CD2  . TYR A 1 6 ? 2.745  1.472  4.037  1.00 0.00 ? 9  TYR A CD2  6  
ATOM   807  C CE1  . TYR A 1 6 ? 2.519  -1.252 3.498  1.00 0.00 ? 9  TYR A CE1  6  
ATOM   808  C CE2  . TYR A 1 6 ? 3.807  0.612  4.323  1.00 0.00 ? 9  TYR A CE2  6  
ATOM   809  C CZ   . TYR A 1 6 ? 3.696  -0.747 4.038  1.00 0.00 ? 9  TYR A CZ   6  
ATOM   810  O OH   . TYR A 1 6 ? 4.783  -1.575 4.119  1.00 0.00 ? 9  TYR A OH   6  
ATOM   811  H H    . TYR A 1 6 ? -1.356 2.788  0.596  1.00 0.00 ? 9  TYR A H    6  
ATOM   812  H HA   . TYR A 1 6 ? 1.451  3.258  1.636  1.00 0.00 ? 9  TYR A HA   6  
ATOM   813  H HB2  . TYR A 1 6 ? 0.300  2.704  3.741  1.00 0.00 ? 9  TYR A HB2  6  
ATOM   814  H HB3  . TYR A 1 6 ? -0.521 1.344  3.027  1.00 0.00 ? 9  TYR A HB3  6  
ATOM   815  H HD1  . TYR A 1 6 ? 0.584  -0.802 2.730  1.00 0.00 ? 9  TYR A HD1  6  
ATOM   816  H HD2  . TYR A 1 6 ? 2.854  2.532  4.221  1.00 0.00 ? 9  TYR A HD2  6  
ATOM   817  H HE1  . TYR A 1 6 ? 2.445  -2.300 3.249  1.00 0.00 ? 9  TYR A HE1  6  
ATOM   818  H HE2  . TYR A 1 6 ? 4.736  1.001  4.711  1.00 0.00 ? 9  TYR A HE2  6  
ATOM   819  H HH   . TYR A 1 6 ? 4.794  -2.140 3.291  1.00 0.00 ? 9  TYR A HH   6  
ATOM   820  N N    . CYS A 1 7 ? 1.970  1.728  -0.381 1.00 0.00 ? 10 CYS A N    6  
ATOM   821  C CA   . CYS A 1 7 ? 2.385  0.742  -1.422 1.00 0.00 ? 10 CYS A CA   6  
ATOM   822  C C    . CYS A 1 7 ? 3.803  0.128  -1.188 1.00 0.00 ? 10 CYS A C    6  
ATOM   823  O O    . CYS A 1 7 ? 4.718  0.327  -1.993 1.00 0.00 ? 10 CYS A O    6  
ATOM   824  C CB   . CYS A 1 7 ? 2.138  1.377  -2.806 1.00 0.00 ? 10 CYS A CB   6  
ATOM   825  S SG   . CYS A 1 7 ? 1.963  0.070  -4.043 1.00 0.00 ? 10 CYS A SG   6  
ATOM   826  H H    . CYS A 1 7 ? 2.437  2.631  -0.266 1.00 0.00 ? 10 CYS A H    6  
ATOM   827  H HA   . CYS A 1 7 ? 1.707  -0.122 -1.416 1.00 0.00 ? 10 CYS A HA   6  
ATOM   828  H HB2  . CYS A 1 7 ? 1.205  1.970  -2.828 1.00 0.00 ? 10 CYS A HB2  6  
ATOM   829  H HB3  . CYS A 1 7 ? 2.958  2.062  -3.092 1.00 0.00 ? 10 CYS A HB3  6  
ATOM   830  N N    . VAL A 1 8 ? 3.978  -0.633 -0.087 1.00 0.00 ? 11 VAL A N    6  
ATOM   831  C CA   . VAL A 1 8 ? 5.269  -1.308 0.248  1.00 0.00 ? 11 VAL A CA   6  
ATOM   832  C C    . VAL A 1 8 ? 4.901  -2.698 0.853  1.00 0.00 ? 11 VAL A C    6  
ATOM   833  O O    . VAL A 1 8 ? 4.776  -2.846 2.093  1.00 0.00 ? 11 VAL A O    6  
ATOM   834  C CB   . VAL A 1 8 ? 6.204  -0.426 1.156  1.00 0.00 ? 11 VAL A CB   6  
ATOM   835  C CG1  . VAL A 1 8 ? 7.535  -1.127 1.519  1.00 0.00 ? 11 VAL A CG1  6  
ATOM   836  C CG2  . VAL A 1 8 ? 6.567  0.961  0.580  1.00 0.00 ? 11 VAL A CG2  6  
ATOM   837  O OXT  . VAL A 1 8 ? 4.720  -3.670 0.084  1.00 0.00 ? 11 VAL A OXT  6  
ATOM   838  H H    . VAL A 1 8 ? 3.158  -0.731 0.522  1.00 0.00 ? 11 VAL A H    6  
ATOM   839  H HA   . VAL A 1 8 ? 5.826  -1.532 -0.682 1.00 0.00 ? 11 VAL A HA   6  
ATOM   840  H HB   . VAL A 1 8 ? 5.661  -0.244 2.100  1.00 0.00 ? 11 VAL A HB   6  
ATOM   841  H HG11 . VAL A 1 8 ? 8.153  -0.517 2.203  1.00 0.00 ? 11 VAL A HG11 6  
ATOM   842  H HG12 . VAL A 1 8 ? 7.354  -2.087 2.039  1.00 0.00 ? 11 VAL A HG12 6  
ATOM   843  H HG13 . VAL A 1 8 ? 8.141  -1.351 0.623  1.00 0.00 ? 11 VAL A HG13 6  
ATOM   844  H HG21 . VAL A 1 8 ? 5.664  1.584  0.432  1.00 0.00 ? 11 VAL A HG21 6  
ATOM   845  H HG22 . VAL A 1 8 ? 7.231  1.537  1.251  1.00 0.00 ? 11 VAL A HG22 6  
ATOM   846  H HG23 . VAL A 1 8 ? 7.065  0.882  -0.404 1.00 0.00 ? 11 VAL A HG23 6  
ATOM   847  N N    . ASP A 1 1 ? 3.511  -4.557 1.648  1.00 0.00 ? 4  ASP A N    7  
ATOM   848  C CA   . ASP A 1 1 ? 2.267  -4.823 0.881  1.00 0.00 ? 4  ASP A CA   7  
ATOM   849  C C    . ASP A 1 1 ? 1.635  -3.549 0.223  1.00 0.00 ? 4  ASP A C    7  
ATOM   850  O O    . ASP A 1 1 ? 1.890  -2.422 0.657  1.00 0.00 ? 4  ASP A O    7  
ATOM   851  C CB   . ASP A 1 1 ? 1.283  -5.539 1.844  1.00 0.00 ? 4  ASP A CB   7  
ATOM   852  C CG   . ASP A 1 1 ? 1.746  -6.917 2.321  1.00 0.00 ? 4  ASP A CG   7  
ATOM   853  O OD1  . ASP A 1 1 ? 2.897  -7.015 2.805  1.00 0.00 ? 4  ASP A OD1  7  
ATOM   854  O OD2  . ASP A 1 1 ? 0.983  -7.895 2.193  1.00 0.00 ? 4  ASP A OD2  7  
ATOM   855  H H1   . ASP A 1 1 ? 4.333  -4.157 1.109  1.00 0.00 ? 4  ASP A H1   7  
ATOM   856  H H2   . ASP A 1 1 ? 3.382  -3.859 2.383  1.00 0.00 ? 4  ASP A H2   7  
ATOM   857  H H3   . ASP A 1 1 ? 3.788  -5.432 2.128  1.00 0.00 ? 4  ASP A H3   7  
ATOM   858  H HA   . ASP A 1 1 ? 2.524  -5.525 0.062  1.00 0.00 ? 4  ASP A HA   7  
ATOM   859  H HB2  . ASP A 1 1 ? 1.068  -4.918 2.732  1.00 0.00 ? 4  ASP A HB2  7  
ATOM   860  H HB3  . ASP A 1 1 ? 0.305  -5.675 1.348  1.00 0.00 ? 4  ASP A HB3  7  
ATOM   861  N N    . CYS A 1 2 ? 0.805  -3.732 -0.825 1.00 0.00 ? 5  CYS A N    7  
ATOM   862  C CA   . CYS A 1 2 ? 0.176  -2.603 -1.565 1.00 0.00 ? 5  CYS A CA   7  
ATOM   863  C C    . CYS A 1 2 ? -1.345 -2.458 -1.261 1.00 0.00 ? 5  CYS A C    7  
ATOM   864  O O    . CYS A 1 2 ? -2.166 -3.286 -1.669 1.00 0.00 ? 5  CYS A O    7  
ATOM   865  C CB   . CYS A 1 2 ? 0.520  -2.758 -3.058 1.00 0.00 ? 5  CYS A CB   7  
ATOM   866  S SG   . CYS A 1 2 ? 0.213  -1.230 -3.987 1.00 0.00 ? 5  CYS A SG   7  
ATOM   867  H H    . CYS A 1 2 ? 0.631  -4.706 -1.095 1.00 0.00 ? 5  CYS A H    7  
ATOM   868  H HA   . CYS A 1 2 ? 0.661  -1.662 -1.271 1.00 0.00 ? 5  CYS A HA   7  
ATOM   869  H HB2  . CYS A 1 2 ? 1.592  -3.005 -3.194 1.00 0.00 ? 5  CYS A HB2  7  
ATOM   870  H HB3  . CYS A 1 2 ? -0.049 -3.587 -3.515 1.00 0.00 ? 5  CYS A HB3  7  
ATOM   871  N N    . PHE A 1 3 ? -1.708 -1.392 -0.531 1.00 0.00 ? 6  PHE A N    7  
ATOM   872  C CA   . PHE A 1 3 ? -3.111 -1.065 -0.160 1.00 0.00 ? 6  PHE A CA   7  
ATOM   873  C C    . PHE A 1 3 ? -3.342 0.491  -0.165 1.00 0.00 ? 6  PHE A C    7  
ATOM   874  O O    . PHE A 1 3 ? -2.460 1.270  -0.546 1.00 0.00 ? 6  PHE A O    7  
ATOM   875  C CB   . PHE A 1 3 ? -3.509 -1.849 1.132  1.00 0.00 ? 6  PHE A CB   7  
ATOM   876  C CG   . PHE A 1 3 ? -2.672 -1.671 2.418  1.00 0.00 ? 6  PHE A CG   7  
ATOM   877  C CD1  . PHE A 1 3 ? -2.951 -0.632 3.309  1.00 0.00 ? 6  PHE A CD1  7  
ATOM   878  C CD2  . PHE A 1 3 ? -1.675 -2.601 2.742  1.00 0.00 ? 6  PHE A CD2  7  
ATOM   879  C CE1  . PHE A 1 3 ? -2.257 -0.529 4.513  1.00 0.00 ? 6  PHE A CE1  7  
ATOM   880  C CE2  . PHE A 1 3 ? -0.993 -2.509 3.953  1.00 0.00 ? 6  PHE A CE2  7  
ATOM   881  C CZ   . PHE A 1 3 ? -1.284 -1.472 4.837  1.00 0.00 ? 6  PHE A CZ   7  
ATOM   882  H H    . PHE A 1 3 ? -0.953 -0.730 -0.273 1.00 0.00 ? 6  PHE A H    7  
ATOM   883  H HA   . PHE A 1 3 ? -3.777 -1.432 -0.969 1.00 0.00 ? 6  PHE A HA   7  
ATOM   884  H HB2  . PHE A 1 3 ? -4.569 -1.649 1.367  1.00 0.00 ? 6  PHE A HB2  7  
ATOM   885  H HB3  . PHE A 1 3 ? -3.521 -2.926 0.868  1.00 0.00 ? 6  PHE A HB3  7  
ATOM   886  H HD1  . PHE A 1 3 ? -3.715 0.092  3.078  1.00 0.00 ? 6  PHE A HD1  7  
ATOM   887  H HD2  . PHE A 1 3 ? -1.423 -3.399 2.057  1.00 0.00 ? 6  PHE A HD2  7  
ATOM   888  H HE1  . PHE A 1 3 ? -2.475 0.276  5.199  1.00 0.00 ? 6  PHE A HE1  7  
ATOM   889  H HE2  . PHE A 1 3 ? -0.227 -3.230 4.199  1.00 0.00 ? 6  PHE A HE2  7  
ATOM   890  H HZ   . PHE A 1 3 ? -0.742 -1.392 5.768  1.00 0.00 ? 6  PHE A HZ   7  
ATOM   891  N N    . TRP A 1 4 ? -4.560 0.955  0.185  1.00 0.00 ? 7  TRP A N    7  
ATOM   892  C CA   . TRP A 1 4 ? -5.041 2.347  -0.101 1.00 0.00 ? 7  TRP A CA   7  
ATOM   893  C C    . TRP A 1 4 ? -4.059 3.565  0.039  1.00 0.00 ? 7  TRP A C    7  
ATOM   894  O O    . TRP A 1 4 ? -3.806 4.156  -1.018 1.00 0.00 ? 7  TRP A O    7  
ATOM   895  C CB   . TRP A 1 4 ? -6.438 2.522  0.563  1.00 0.00 ? 7  TRP A CB   7  
ATOM   896  C CG   . TRP A 1 4 ? -7.074 3.928  0.625  1.00 0.00 ? 7  TRP A CG   7  
ATOM   897  C CD1  . TRP A 1 4 ? -7.555 4.543  1.799  1.00 0.00 ? 7  TRP A CD1  7  
ATOM   898  C CD2  . TRP A 1 4 ? -7.304 4.845  -0.383 1.00 0.00 ? 7  TRP A CD2  7  
ATOM   899  N NE1  . TRP A 1 4 ? -8.119 5.809  1.544  1.00 0.00 ? 7  TRP A NE1  7  
ATOM   900  C CE2  . TRP A 1 4 ? -7.958 5.972  0.178  1.00 0.00 ? 7  TRP A CE2  7  
ATOM   901  C CE3  . TRP A 1 4 ? -6.961 4.827  -1.753 1.00 0.00 ? 7  TRP A CE3  7  
ATOM   902  C CZ2  . TRP A 1 4 ? -8.314 7.068  -0.641 1.00 0.00 ? 7  TRP A CZ2  7  
ATOM   903  C CZ3  . TRP A 1 4 ? -7.312 5.923  -2.544 1.00 0.00 ? 7  TRP A CZ3  7  
ATOM   904  C CH2  . TRP A 1 4 ? -7.985 7.024  -1.999 1.00 0.00 ? 7  TRP A CH2  7  
ATOM   905  H H    . TRP A 1 4 ? -5.212 0.225  0.483  1.00 0.00 ? 7  TRP A H    7  
ATOM   906  H HA   . TRP A 1 4 ? -5.215 2.338  -1.187 1.00 0.00 ? 7  TRP A HA   7  
ATOM   907  H HB2  . TRP A 1 4 ? -7.155 1.846  0.064  1.00 0.00 ? 7  TRP A HB2  7  
ATOM   908  H HB3  . TRP A 1 4 ? -6.379 2.140  1.596  1.00 0.00 ? 7  TRP A HB3  7  
ATOM   909  H HD1  . TRP A 1 4 ? -7.455 4.103  2.778  1.00 0.00 ? 7  TRP A HD1  7  
ATOM   910  H HE1  . TRP A 1 4 ? -8.630 6.414  2.198  1.00 0.00 ? 7  TRP A HE1  7  
ATOM   911  H HE3  . TRP A 1 4 ? -6.398 3.996  -2.146 1.00 0.00 ? 7  TRP A HE3  7  
ATOM   912  H HZ2  . TRP A 1 4 ? -8.836 7.919  -0.227 1.00 0.00 ? 7  TRP A HZ2  7  
ATOM   913  H HZ3  . TRP A 1 4 ? -7.054 5.920  -3.595 1.00 0.00 ? 7  TRP A HZ3  7  
ATOM   914  H HH2  . TRP A 1 4 ? -8.259 7.849  -2.642 1.00 0.00 ? 7  TRP A HH2  7  
HETATM 915  N N    . NMK A 1 5 ? -3.496 3.981  1.215  1.00 0.00 ? 8  NMK A N    7  
HETATM 916  C CA   . NMK A 1 5 ? -2.404 5.021  1.175  1.00 0.00 ? 8  NMK A CA   7  
HETATM 917  C CB   . NMK A 1 5 ? -2.832 6.314  1.933  1.00 0.00 ? 8  NMK A CB   7  
HETATM 918  C CG   . NMK A 1 5 ? -4.112 6.990  1.383  1.00 0.00 ? 8  NMK A CG   7  
HETATM 919  C CD   . NMK A 1 5 ? -4.361 8.397  1.967  1.00 0.00 ? 8  NMK A CD   7  
HETATM 920  C CE   . NMK A 1 5 ? -5.668 9.071  1.508  1.00 0.00 ? 8  NMK A CE   7  
HETATM 921  N NZ   . NMK A 1 5 ? -5.634 9.411  0.066  1.00 0.00 ? 8  NMK A NZ   7  
HETATM 922  C C    . NMK A 1 5 ? -0.990 4.448  1.546  1.00 0.00 ? 8  NMK A C    7  
HETATM 923  O O    . NMK A 1 5 ? -0.238 5.066  2.306  1.00 0.00 ? 8  NMK A O    7  
HETATM 924  C CN   . NMK A 1 5 ? -3.868 3.360  2.515  1.00 0.00 ? 8  NMK A CN   7  
HETATM 925  H HA   . NMK A 1 5 ? -2.260 5.371  0.139  1.00 0.00 ? 8  NMK A HA   7  
HETATM 926  H HB2  . NMK A 1 5 ? -2.957 6.091  3.008  1.00 0.00 ? 8  NMK A HB2  7  
HETATM 927  H HB3  . NMK A 1 5 ? -1.993 7.033  1.877  1.00 0.00 ? 8  NMK A HB3  7  
HETATM 928  H HG2  . NMK A 1 5 ? -4.045 7.029  0.278  1.00 0.00 ? 8  NMK A HG2  7  
HETATM 929  H HG3  . NMK A 1 5 ? -4.983 6.333  1.590  1.00 0.00 ? 8  NMK A HG3  7  
HETATM 930  H HD2  . NMK A 1 5 ? -4.388 8.315  3.071  1.00 0.00 ? 8  NMK A HD2  7  
HETATM 931  H HD3  . NMK A 1 5 ? -3.495 9.054  1.759  1.00 0.00 ? 8  NMK A HD3  7  
HETATM 932  H HE2  . NMK A 1 5 ? -6.535 8.416  1.732  1.00 0.00 ? 8  NMK A HE2  7  
HETATM 933  H HE3  . NMK A 1 5 ? -5.835 9.991  2.106  1.00 0.00 ? 8  NMK A HE3  7  
HETATM 934  H HZ1  . NMK A 1 5 ? -6.467 9.923  -0.247 1.00 0.00 ? 8  NMK A HZ1  7  
HETATM 935  H HZ3  . NMK A 1 5 ? -5.571 8.563  -0.513 1.00 0.00 ? 8  NMK A HZ3  7  
HETATM 936  H HM1  . NMK A 1 5 ? -3.802 2.260  2.477  1.00 0.00 ? 8  NMK A HM1  7  
HETATM 937  H HM2  . NMK A 1 5 ? -3.206 3.684  3.337  1.00 0.00 ? 8  NMK A HM2  7  
HETATM 938  H HM3  . NMK A 1 5 ? -4.897 3.637  2.808  1.00 0.00 ? 8  NMK A HM3  7  
HETATM 939  H HZ2  . NMK A 1 5 ? -4.817 9.983  -0.173 1.00 0.00 ? 8  NMK A HZ2  7  
ATOM   940  N N    . TYR A 1 6 ? -0.626 3.259  1.013  1.00 0.00 ? 9  TYR A N    7  
ATOM   941  C CA   . TYR A 1 6 ? 0.605  2.527  1.427  1.00 0.00 ? 9  TYR A CA   7  
ATOM   942  C C    . TYR A 1 6 ? 0.973  1.476  0.331  1.00 0.00 ? 9  TYR A C    7  
ATOM   943  O O    . TYR A 1 6 ? 0.256  0.484  0.168  1.00 0.00 ? 9  TYR A O    7  
ATOM   944  C CB   . TYR A 1 6 ? 0.364  1.888  2.836  1.00 0.00 ? 9  TYR A CB   7  
ATOM   945  C CG   . TYR A 1 6 ? 1.511  1.028  3.392  1.00 0.00 ? 9  TYR A CG   7  
ATOM   946  C CD1  . TYR A 1 6 ? 1.544  -0.332 3.080  1.00 0.00 ? 9  TYR A CD1  7  
ATOM   947  C CD2  . TYR A 1 6 ? 2.548  1.583  4.152  1.00 0.00 ? 9  TYR A CD2  7  
ATOM   948  C CE1  . TYR A 1 6 ? 2.602  -1.125 3.497  1.00 0.00 ? 9  TYR A CE1  7  
ATOM   949  C CE2  . TYR A 1 6 ? 3.612  0.781  4.571  1.00 0.00 ? 9  TYR A CE2  7  
ATOM   950  C CZ   . TYR A 1 6 ? 3.642  -0.569 4.229  1.00 0.00 ? 9  TYR A CZ   7  
ATOM   951  O OH   . TYR A 1 6 ? 4.749  -1.336 4.481  1.00 0.00 ? 9  TYR A OH   7  
ATOM   952  H H    . TYR A 1 6 ? -1.377 2.788  0.473  1.00 0.00 ? 9  TYR A H    7  
ATOM   953  H HA   . TYR A 1 6 ? 1.442  3.249  1.526  1.00 0.00 ? 9  TYR A HA   7  
ATOM   954  H HB2  . TYR A 1 6 ? 0.130  2.685  3.566  1.00 0.00 ? 9  TYR A HB2  7  
ATOM   955  H HB3  . TYR A 1 6 ? -0.562 1.279  2.803  1.00 0.00 ? 9  TYR A HB3  7  
ATOM   956  H HD1  . TYR A 1 6 ? 0.766  -0.773 2.473  1.00 0.00 ? 9  TYR A HD1  7  
ATOM   957  H HD2  . TYR A 1 6 ? 2.546  2.636  4.392  1.00 0.00 ? 9  TYR A HD2  7  
ATOM   958  H HE1  . TYR A 1 6 ? 2.636  -2.165 3.218  1.00 0.00 ? 9  TYR A HE1  7  
ATOM   959  H HE2  . TYR A 1 6 ? 4.438  1.212  5.119  1.00 0.00 ? 9  TYR A HE2  7  
ATOM   960  H HH   . TYR A 1 6 ? 5.026  -1.763 3.616  1.00 0.00 ? 9  TYR A HH   7  
ATOM   961  N N    . CYS A 1 7 ? 2.117  1.635  -0.362 1.00 0.00 ? 10 CYS A N    7  
ATOM   962  C CA   . CYS A 1 7 ? 2.680  0.556  -1.225 1.00 0.00 ? 10 CYS A CA   7  
ATOM   963  C C    . CYS A 1 7 ? 4.202  0.311  -0.996 1.00 0.00 ? 10 CYS A C    7  
ATOM   964  O O    . CYS A 1 7 ? 5.039  0.634  -1.845 1.00 0.00 ? 10 CYS A O    7  
ATOM   965  C CB   . CYS A 1 7 ? 2.246  0.787  -2.692 1.00 0.00 ? 10 CYS A CB   7  
ATOM   966  S SG   . CYS A 1 7 ? 0.485  0.412  -2.858 1.00 0.00 ? 10 CYS A SG   7  
ATOM   967  H H    . CYS A 1 7 ? 2.627  2.501  -0.168 1.00 0.00 ? 10 CYS A H    7  
ATOM   968  H HA   . CYS A 1 7 ? 2.239  -0.413 -0.942 1.00 0.00 ? 10 CYS A HA   7  
ATOM   969  H HB2  . CYS A 1 7 ? 2.452  1.823  -3.025 1.00 0.00 ? 10 CYS A HB2  7  
ATOM   970  H HB3  . CYS A 1 7 ? 2.804  0.124  -3.378 1.00 0.00 ? 10 CYS A HB3  7  
ATOM   971  N N    . VAL A 1 8 ? 4.532  -0.331 0.140  1.00 0.00 ? 11 VAL A N    7  
ATOM   972  C CA   . VAL A 1 8 ? 5.864  -0.949 0.386  1.00 0.00 ? 11 VAL A CA   7  
ATOM   973  C C    . VAL A 1 8 ? 5.599  -2.279 1.150  1.00 0.00 ? 11 VAL A C    7  
ATOM   974  O O    . VAL A 1 8 ? 5.379  -2.290 2.386  1.00 0.00 ? 11 VAL A O    7  
ATOM   975  C CB   . VAL A 1 8 ? 6.943  -0.009 1.038  1.00 0.00 ? 11 VAL A CB   7  
ATOM   976  C CG1  . VAL A 1 8 ? 7.515  1.027  0.049  1.00 0.00 ? 11 VAL A CG1  7  
ATOM   977  C CG2  . VAL A 1 8 ? 6.525  0.735  2.326  1.00 0.00 ? 11 VAL A CG2  7  
ATOM   978  O OXT  . VAL A 1 8 ? 5.535  -3.344 0.490  1.00 0.00 ? 11 VAL A OXT  7  
ATOM   979  H H    . VAL A 1 8 ? 3.741  -0.592 0.738  1.00 0.00 ? 11 VAL A H    7  
ATOM   980  H HA   . VAL A 1 8 ? 6.284  -1.284 -0.585 1.00 0.00 ? 11 VAL A HA   7  
ATOM   981  H HB   . VAL A 1 8 ? 7.785  -0.671 1.315  1.00 0.00 ? 11 VAL A HB   7  
ATOM   982  H HG11 . VAL A 1 8 ? 8.378  1.573  0.473  1.00 0.00 ? 11 VAL A HG11 7  
ATOM   983  H HG12 . VAL A 1 8 ? 7.862  0.551  -0.887 1.00 0.00 ? 11 VAL A HG12 7  
ATOM   984  H HG13 . VAL A 1 8 ? 6.757  1.781  -0.236 1.00 0.00 ? 11 VAL A HG13 7  
ATOM   985  H HG21 . VAL A 1 8 ? 5.620  1.352  2.172  1.00 0.00 ? 11 VAL A HG21 7  
ATOM   986  H HG22 . VAL A 1 8 ? 6.297  0.024  3.136  1.00 0.00 ? 11 VAL A HG22 7  
ATOM   987  H HG23 . VAL A 1 8 ? 7.320  1.396  2.711  1.00 0.00 ? 11 VAL A HG23 7  
ATOM   988  N N    . ASP A 1 1 ? 3.683  -4.813 1.224  1.00 0.00 ? 4  ASP A N    8  
ATOM   989  C CA   . ASP A 1 1 ? 2.237  -4.863 0.876  1.00 0.00 ? 4  ASP A CA   8  
ATOM   990  C C    . ASP A 1 1 ? 1.703  -3.579 0.161  1.00 0.00 ? 4  ASP A C    8  
ATOM   991  O O    . ASP A 1 1 ? 2.131  -2.464 0.473  1.00 0.00 ? 4  ASP A O    8  
ATOM   992  C CB   . ASP A 1 1 ? 1.455  -5.182 2.173  1.00 0.00 ? 4  ASP A CB   8  
ATOM   993  C CG   . ASP A 1 1 ? 1.778  -6.536 2.803  1.00 0.00 ? 4  ASP A CG   8  
ATOM   994  O OD1  . ASP A 1 1 ? 0.851  -7.327 3.063  1.00 0.00 ? 4  ASP A OD1  8  
ATOM   995  O OD2  . ASP A 1 1 ? 2.982  -6.808 3.013  1.00 0.00 ? 4  ASP A OD2  8  
ATOM   996  H H1   . ASP A 1 1 ? 4.349  -4.905 0.446  1.00 0.00 ? 4  ASP A H1   8  
ATOM   997  H H2   . ASP A 1 1 ? 4.022  -3.916 1.649  1.00 0.00 ? 4  ASP A H2   8  
ATOM   998  H H3   . ASP A 1 1 ? 3.858  -5.556 1.929  1.00 0.00 ? 4  ASP A H3   8  
ATOM   999  H HA   . ASP A 1 1 ? 2.098  -5.722 0.185  1.00 0.00 ? 4  ASP A HA   8  
ATOM   1000 H HB2  . ASP A 1 1 ? 1.614  -4.401 2.938  1.00 0.00 ? 4  ASP A HB2  8  
ATOM   1001 H HB3  . ASP A 1 1 ? 0.368  -5.164 1.968  1.00 0.00 ? 4  ASP A HB3  8  
ATOM   1002 N N    . CYS A 1 2 ? 0.758  -3.735 -0.792 1.00 0.00 ? 5  CYS A N    8  
ATOM   1003 C CA   . CYS A 1 2 ? 0.187  -2.598 -1.567 1.00 0.00 ? 5  CYS A CA   8  
ATOM   1004 C C    . CYS A 1 2 ? -1.341 -2.428 -1.308 1.00 0.00 ? 5  CYS A C    8  
ATOM   1005 O O    . CYS A 1 2 ? -2.161 -3.246 -1.734 1.00 0.00 ? 5  CYS A O    8  
ATOM   1006 C CB   . CYS A 1 2 ? 0.579  -2.789 -3.045 1.00 0.00 ? 5  CYS A CB   8  
ATOM   1007 S SG   . CYS A 1 2 ? 0.372  -1.277 -4.026 1.00 0.00 ? 5  CYS A SG   8  
ATOM   1008 H H    . CYS A 1 2 ? 0.465  -4.698 -0.981 1.00 0.00 ? 5  CYS A H    8  
ATOM   1009 H HA   . CYS A 1 2 ? 0.673  -1.661 -1.268 1.00 0.00 ? 5  CYS A HA   8  
ATOM   1010 H HB2  . CYS A 1 2 ? 1.643  -3.083 -3.131 1.00 0.00 ? 5  CYS A HB2  8  
ATOM   1011 H HB3  . CYS A 1 2 ? -0.001 -3.608 -3.505 1.00 0.00 ? 5  CYS A HB3  8  
ATOM   1012 N N    . PHE A 1 3 ? -1.708 -1.362 -0.578 1.00 0.00 ? 6  PHE A N    8  
ATOM   1013 C CA   . PHE A 1 3 ? -3.110 -1.054 -0.183 1.00 0.00 ? 6  PHE A CA   8  
ATOM   1014 C C    . PHE A 1 3 ? -3.359 0.498  -0.137 1.00 0.00 ? 6  PHE A C    8  
ATOM   1015 O O    . PHE A 1 3 ? -2.475 1.299  -0.459 1.00 0.00 ? 6  PHE A O    8  
ATOM   1016 C CB   . PHE A 1 3 ? -3.487 -1.876 1.094  1.00 0.00 ? 6  PHE A CB   8  
ATOM   1017 C CG   . PHE A 1 3 ? -2.643 -1.723 2.379  1.00 0.00 ? 6  PHE A CG   8  
ATOM   1018 C CD1  . PHE A 1 3 ? -2.908 -0.691 3.284  1.00 0.00 ? 6  PHE A CD1  8  
ATOM   1019 C CD2  . PHE A 1 3 ? -1.667 -2.675 2.697  1.00 0.00 ? 6  PHE A CD2  8  
ATOM   1020 C CE1  . PHE A 1 3 ? -2.222 -0.619 4.494  1.00 0.00 ? 6  PHE A CE1  8  
ATOM   1021 C CE2  . PHE A 1 3 ? -0.996 -2.616 3.916  1.00 0.00 ? 6  PHE A CE2  8  
ATOM   1022 C CZ   . PHE A 1 3 ? -1.274 -1.588 4.813  1.00 0.00 ? 6  PHE A CZ   8  
ATOM   1023 H H    . PHE A 1 3 ? -0.955 -0.702 -0.315 1.00 0.00 ? 6  PHE A H    8  
ATOM   1024 H HA   . PHE A 1 3 ? -3.779 -1.408 -0.995 1.00 0.00 ? 6  PHE A HA   8  
ATOM   1025 H HB2  . PHE A 1 3 ? -4.547 -1.692 1.342  1.00 0.00 ? 6  PHE A HB2  8  
ATOM   1026 H HB3  . PHE A 1 3 ? -3.493 -2.945 0.803  1.00 0.00 ? 6  PHE A HB3  8  
ATOM   1027 H HD1  . PHE A 1 3 ? -3.655 0.053  3.057  1.00 0.00 ? 6  PHE A HD1  8  
ATOM   1028 H HD2  . PHE A 1 3 ? -1.419 -3.466 2.002  1.00 0.00 ? 6  PHE A HD2  8  
ATOM   1029 H HE1  . PHE A 1 3 ? -2.430 0.182  5.189  1.00 0.00 ? 6  PHE A HE1  8  
ATOM   1030 H HE2  . PHE A 1 3 ? -0.250 -3.359 4.161  1.00 0.00 ? 6  PHE A HE2  8  
ATOM   1031 H HZ   . PHE A 1 3 ? -0.739 -1.534 5.751  1.00 0.00 ? 6  PHE A HZ   8  
ATOM   1032 N N    . TRP A 1 4 ? -4.592 0.929  0.206  1.00 0.00 ? 7  TRP A N    8  
ATOM   1033 C CA   . TRP A 1 4 ? -5.096 2.326  -0.010 1.00 0.00 ? 7  TRP A CA   8  
ATOM   1034 C C    . TRP A 1 4 ? -4.120 3.561  0.080  1.00 0.00 ? 7  TRP A C    8  
ATOM   1035 O O    . TRP A 1 4 ? -3.939 4.160  -0.986 1.00 0.00 ? 7  TRP A O    8  
ATOM   1036 C CB   . TRP A 1 4 ? -6.444 2.469  0.763  1.00 0.00 ? 7  TRP A CB   8  
ATOM   1037 C CG   . TRP A 1 4 ? -7.049 3.874  0.984  1.00 0.00 ? 7  TRP A CG   8  
ATOM   1038 C CD1  . TRP A 1 4 ? -7.373 4.424  2.242  1.00 0.00 ? 7  TRP A CD1  8  
ATOM   1039 C CD2  . TRP A 1 4 ? -7.320 4.877  0.071  1.00 0.00 ? 7  TRP A CD2  8  
ATOM   1040 N NE1  . TRP A 1 4 ? -7.876 5.735  2.136  1.00 0.00 ? 7  TRP A NE1  8  
ATOM   1041 C CE2  . TRP A 1 4 ? -7.830 5.997  0.777  1.00 0.00 ? 7  TRP A CE2  8  
ATOM   1042 C CE3  . TRP A 1 4 ? -7.073 4.958  -1.315 1.00 0.00 ? 7  TRP A CE3  8  
ATOM   1043 C CZ2  . TRP A 1 4 ? -8.130 7.194  0.085  1.00 0.00 ? 7  TRP A CZ2  8  
ATOM   1044 C CZ3  . TRP A 1 4 ? -7.380 6.145  -1.984 1.00 0.00 ? 7  TRP A CZ3  8  
ATOM   1045 C CH2  . TRP A 1 4 ? -7.908 7.244  -1.294 1.00 0.00 ? 7  TRP A CH2  8  
ATOM   1046 H H    . TRP A 1 4 ? -5.236 0.173  0.455  1.00 0.00 ? 7  TRP A H    8  
ATOM   1047 H HA   . TRP A 1 4 ? -5.357 2.329  -1.082 1.00 0.00 ? 7  TRP A HA   8  
ATOM   1048 H HB2  . TRP A 1 4 ? -7.206 1.844  0.263  1.00 0.00 ? 7  TRP A HB2  8  
ATOM   1049 H HB3  . TRP A 1 4 ? -6.327 2.005  1.757  1.00 0.00 ? 7  TRP A HB3  8  
ATOM   1050 H HD1  . TRP A 1 4 ? -7.171 3.921  3.174  1.00 0.00 ? 7  TRP A HD1  8  
ATOM   1051 H HE1  . TRP A 1 4 ? -8.192 6.363  2.882  1.00 0.00 ? 7  TRP A HE1  8  
ATOM   1052 H HE3  . TRP A 1 4 ? -6.583 4.133  -1.810 1.00 0.00 ? 7  TRP A HE3  8  
ATOM   1053 H HZ2  . TRP A 1 4 ? -8.509 8.056  0.614  1.00 0.00 ? 7  TRP A HZ2  8  
ATOM   1054 H HZ3  . TRP A 1 4 ? -7.183 6.224  -3.043 1.00 0.00 ? 7  TRP A HZ3  8  
ATOM   1055 H HH2  . TRP A 1 4 ? -8.127 8.155  -1.834 1.00 0.00 ? 7  TRP A HH2  8  
HETATM 1056 N N    . NMK A 1 5 ? -3.491 3.978  1.225  1.00 0.00 ? 8  NMK A N    8  
HETATM 1057 C CA   . NMK A 1 5 ? -2.381 4.999  1.121  1.00 0.00 ? 8  NMK A CA   8  
HETATM 1058 C CB   . NMK A 1 5 ? -2.791 6.390  1.699  1.00 0.00 ? 8  NMK A CB   8  
HETATM 1059 C CG   . NMK A 1 5 ? -3.112 6.485  3.206  1.00 0.00 ? 8  NMK A CG   8  
HETATM 1060 C CD   . NMK A 1 5 ? -3.302 7.942  3.675  1.00 0.00 ? 8  NMK A CD   8  
HETATM 1061 C CE   . NMK A 1 5 ? -3.612 8.043  5.178  1.00 0.00 ? 8  NMK A CE   8  
HETATM 1062 N NZ   . NMK A 1 5 ? -3.765 9.462  5.569  1.00 0.00 ? 8  NMK A NZ   8  
HETATM 1063 C C    . NMK A 1 5 ? -0.965 4.444  1.506  1.00 0.00 ? 8  NMK A C    8  
HETATM 1064 O O    . NMK A 1 5 ? -0.220 5.067  2.271  1.00 0.00 ? 8  NMK A O    8  
HETATM 1065 C CN   . NMK A 1 5 ? -3.704 3.261  2.512  1.00 0.00 ? 8  NMK A CN   8  
HETATM 1066 H HA   . NMK A 1 5 ? -2.230 5.245  0.055  1.00 0.00 ? 8  NMK A HA   8  
HETATM 1067 H HB2  . NMK A 1 5 ? -1.980 7.105  1.455  1.00 0.00 ? 8  NMK A HB2  8  
HETATM 1068 H HB3  . NMK A 1 5 ? -3.665 6.758  1.126  1.00 0.00 ? 8  NMK A HB3  8  
HETATM 1069 H HG2  . NMK A 1 5 ? -4.030 5.900  3.411  1.00 0.00 ? 8  NMK A HG2  8  
HETATM 1070 H HG3  . NMK A 1 5 ? -2.301 5.997  3.781  1.00 0.00 ? 8  NMK A HG3  8  
HETATM 1071 H HD2  . NMK A 1 5 ? -2.385 8.518  3.436  1.00 0.00 ? 8  NMK A HD2  8  
HETATM 1072 H HD3  . NMK A 1 5 ? -4.113 8.408  3.082  1.00 0.00 ? 8  NMK A HD3  8  
HETATM 1073 H HE2  . NMK A 1 5 ? -4.536 7.476  5.418  1.00 0.00 ? 8  NMK A HE2  8  
HETATM 1074 H HE3  . NMK A 1 5 ? -2.803 7.567  5.770  1.00 0.00 ? 8  NMK A HE3  8  
HETATM 1075 H HZ1  . NMK A 1 5 ? -2.911 10.003 5.379  1.00 0.00 ? 8  NMK A HZ1  8  
HETATM 1076 H HZ3  . NMK A 1 5 ? -3.974 9.579  6.566  1.00 0.00 ? 8  NMK A HZ3  8  
HETATM 1077 H HM1  . NMK A 1 5 ? -3.501 2.181  2.412  1.00 0.00 ? 8  NMK A HM1  8  
HETATM 1078 H HM2  . NMK A 1 5 ? -3.034 3.621  3.315  1.00 0.00 ? 8  NMK A HM2  8  
HETATM 1079 H HM3  . NMK A 1 5 ? -4.737 3.386  2.886  1.00 0.00 ? 8  NMK A HM3  8  
HETATM 1080 H HZ2  . NMK A 1 5 ? -4.520 9.923  5.049  1.00 0.00 ? 8  NMK A HZ2  8  
ATOM   1081 N N    . TYR A 1 6 ? -0.608 3.252  0.977  1.00 0.00 ? 9  TYR A N    8  
ATOM   1082 C CA   . TYR A 1 6 ? 0.616  2.514  1.390  1.00 0.00 ? 9  TYR A CA   8  
ATOM   1083 C C    . TYR A 1 6 ? 0.983  1.479  0.279  1.00 0.00 ? 9  TYR A C    8  
ATOM   1084 O O    . TYR A 1 6 ? 0.267  0.491  0.098  1.00 0.00 ? 9  TYR A O    8  
ATOM   1085 C CB   . TYR A 1 6 ? 0.365  1.855  2.787  1.00 0.00 ? 9  TYR A CB   8  
ATOM   1086 C CG   . TYR A 1 6 ? 1.491  0.954  3.324  1.00 0.00 ? 9  TYR A CG   8  
ATOM   1087 C CD1  . TYR A 1 6 ? 1.482  -0.404 2.991  1.00 0.00 ? 9  TYR A CD1  8  
ATOM   1088 C CD2  . TYR A 1 6 ? 2.555  1.468  4.072  1.00 0.00 ? 9  TYR A CD2  8  
ATOM   1089 C CE1  . TYR A 1 6 ? 2.526  -1.231 3.380  1.00 0.00 ? 9  TYR A CE1  8  
ATOM   1090 C CE2  . TYR A 1 6 ? 3.607  0.634  4.457  1.00 0.00 ? 9  TYR A CE2  8  
ATOM   1091 C CZ   . TYR A 1 6 ? 3.594  -0.712 4.096  1.00 0.00 ? 9  TYR A CZ   8  
ATOM   1092 O OH   . TYR A 1 6 ? 4.696  -1.502 4.289  1.00 0.00 ? 9  TYR A OH   8  
ATOM   1093 H H    . TYR A 1 6 ? -1.370 2.782  0.447  1.00 0.00 ? 9  TYR A H    8  
ATOM   1094 H HA   . TYR A 1 6 ? 1.457  3.231  1.504  1.00 0.00 ? 9  TYR A HA   8  
ATOM   1095 H HB2  . TYR A 1 6 ? 0.152  2.644  3.532  1.00 0.00 ? 9  TYR A HB2  8  
ATOM   1096 H HB3  . TYR A 1 6 ? -0.576 1.269  2.748  1.00 0.00 ? 9  TYR A HB3  8  
ATOM   1097 H HD1  . TYR A 1 6 ? 0.685  -0.817 2.386  1.00 0.00 ? 9  TYR A HD1  8  
ATOM   1098 H HD2  . TYR A 1 6 ? 2.589  2.519  4.321  1.00 0.00 ? 9  TYR A HD2  8  
ATOM   1099 H HE1  . TYR A 1 6 ? 2.535  -2.264 3.077  1.00 0.00 ? 9  TYR A HE1  8  
ATOM   1100 H HE2  . TYR A 1 6 ? 4.457  1.037  4.988  1.00 0.00 ? 9  TYR A HE2  8  
ATOM   1101 H HH   . TYR A 1 6 ? 4.855  -2.014 3.443  1.00 0.00 ? 9  TYR A HH   8  
ATOM   1102 N N    . CYS A 1 7 ? 2.131  1.643  -0.401 1.00 0.00 ? 10 CYS A N    8  
ATOM   1103 C CA   . CYS A 1 7 ? 2.738  0.547  -1.213 1.00 0.00 ? 10 CYS A CA   8  
ATOM   1104 C C    . CYS A 1 7 ? 4.237  0.326  -0.857 1.00 0.00 ? 10 CYS A C    8  
ATOM   1105 O O    . CYS A 1 7 ? 5.143  0.828  -1.528 1.00 0.00 ? 10 CYS A O    8  
ATOM   1106 C CB   . CYS A 1 7 ? 2.399  0.749  -2.706 1.00 0.00 ? 10 CYS A CB   8  
ATOM   1107 S SG   . CYS A 1 7 ? 0.640  0.398  -2.943 1.00 0.00 ? 10 CYS A SG   8  
ATOM   1108 H H    . CYS A 1 7 ? 2.639  2.508  -0.196 1.00 0.00 ? 10 CYS A H    8  
ATOM   1109 H HA   . CYS A 1 7 ? 2.264  -0.413 -0.956 1.00 0.00 ? 10 CYS A HA   8  
ATOM   1110 H HB2  . CYS A 1 7 ? 2.641  1.772  -3.050 1.00 0.00 ? 10 CYS A HB2  8  
ATOM   1111 H HB3  . CYS A 1 7 ? 2.985  0.057  -3.340 1.00 0.00 ? 10 CYS A HB3  8  
ATOM   1112 N N    . VAL A 1 8 ? 4.466  -0.444 0.224  1.00 0.00 ? 11 VAL A N    8  
ATOM   1113 C CA   . VAL A 1 8 ? 5.814  -0.907 0.646  1.00 0.00 ? 11 VAL A CA   8  
ATOM   1114 C C    . VAL A 1 8 ? 5.588  -2.382 1.090  1.00 0.00 ? 11 VAL A C    8  
ATOM   1115 O O    . VAL A 1 8 ? 5.895  -3.305 0.301  1.00 0.00 ? 11 VAL A O    8  
ATOM   1116 C CB   . VAL A 1 8 ? 6.465  0.016  1.737  1.00 0.00 ? 11 VAL A CB   8  
ATOM   1117 C CG1  . VAL A 1 8 ? 7.822  -0.514 2.249  1.00 0.00 ? 11 VAL A CG1  8  
ATOM   1118 C CG2  . VAL A 1 8 ? 6.668  1.484  1.299  1.00 0.00 ? 11 VAL A CG2  8  
ATOM   1119 O OXT  . VAL A 1 8 ? 5.047  -2.650 2.197  1.00 0.00 ? 11 VAL A OXT  8  
ATOM   1120 H H    . VAL A 1 8 ? 3.630  -0.889 0.627  1.00 0.00 ? 11 VAL A H    8  
ATOM   1121 H HA   . VAL A 1 8 ? 6.497  -0.945 -0.224 1.00 0.00 ? 11 VAL A HA   8  
ATOM   1122 H HB   . VAL A 1 8 ? 5.781  0.036  2.600  1.00 0.00 ? 11 VAL A HB   8  
ATOM   1123 H HG11 . VAL A 1 8 ? 8.574  -0.576 1.440  1.00 0.00 ? 11 VAL A HG11 8  
ATOM   1124 H HG12 . VAL A 1 8 ? 8.238  0.121  3.053  1.00 0.00 ? 11 VAL A HG12 8  
ATOM   1125 H HG13 . VAL A 1 8 ? 7.718  -1.529 2.677  1.00 0.00 ? 11 VAL A HG13 8  
ATOM   1126 H HG21 . VAL A 1 8 ? 5.703  1.965  1.051  1.00 0.00 ? 11 VAL A HG21 8  
ATOM   1127 H HG22 . VAL A 1 8 ? 7.124  2.100  2.097  1.00 0.00 ? 11 VAL A HG22 8  
ATOM   1128 H HG23 . VAL A 1 8 ? 7.307  1.564  0.400  1.00 0.00 ? 11 VAL A HG23 8  
ATOM   1129 N N    . ASP A 1 1 ? 3.136  -5.582 0.901  1.00 0.00 ? 4  ASP A N    9  
ATOM   1130 C CA   . ASP A 1 1 ? 1.925  -5.747 0.067  1.00 0.00 ? 4  ASP A CA   9  
ATOM   1131 C C    . ASP A 1 1 ? 1.118  -4.415 -0.013 1.00 0.00 ? 4  ASP A C    9  
ATOM   1132 O O    . ASP A 1 1 ? 0.799  -3.812 1.017  1.00 0.00 ? 4  ASP A O    9  
ATOM   1133 C CB   . ASP A 1 1 ? 1.096  -6.925 0.639  1.00 0.00 ? 4  ASP A CB   9  
ATOM   1134 C CG   . ASP A 1 1 ? 1.804  -8.281 0.593  1.00 0.00 ? 4  ASP A CG   9  
ATOM   1135 O OD1  . ASP A 1 1 ? 1.237  -9.247 0.042  1.00 0.00 ? 4  ASP A OD1  9  
ATOM   1136 O OD2  . ASP A 1 1 ? 2.946  -8.362 1.096  1.00 0.00 ? 4  ASP A OD2  9  
ATOM   1137 H H1   . ASP A 1 1 ? 2.940  -5.106 1.789  1.00 0.00 ? 4  ASP A H1   9  
ATOM   1138 H H2   . ASP A 1 1 ? 3.539  -6.514 1.105  1.00 0.00 ? 4  ASP A H2   9  
ATOM   1139 H H3   . ASP A 1 1 ? 3.861  -4.928 0.488  1.00 0.00 ? 4  ASP A H3   9  
ATOM   1140 H HA   . ASP A 1 1 ? 2.256  -6.032 -0.953 1.00 0.00 ? 4  ASP A HA   9  
ATOM   1141 H HB2  . ASP A 1 1 ? 0.790  -6.727 1.682  1.00 0.00 ? 4  ASP A HB2  9  
ATOM   1142 H HB3  . ASP A 1 1 ? 0.151  -7.018 0.074  1.00 0.00 ? 4  ASP A HB3  9  
ATOM   1143 N N    . CYS A 1 2 ? 0.797  -3.944 -1.233 1.00 0.00 ? 5  CYS A N    9  
ATOM   1144 C CA   . CYS A 1 2 ? 0.215  -2.603 -1.444 1.00 0.00 ? 5  CYS A CA   9  
ATOM   1145 C C    . CYS A 1 2 ? -1.307 -2.466 -1.112 1.00 0.00 ? 5  CYS A C    9  
ATOM   1146 O O    . CYS A 1 2 ? -2.145 -3.256 -1.559 1.00 0.00 ? 5  CYS A O    9  
ATOM   1147 C CB   . CYS A 1 2 ? 0.540  -2.243 -2.909 1.00 0.00 ? 5  CYS A CB   9  
ATOM   1148 S SG   . CYS A 1 2 ? 2.304  -1.907 -3.110 1.00 0.00 ? 5  CYS A SG   9  
ATOM   1149 H H    . CYS A 1 2 ? 1.128  -4.468 -2.047 1.00 0.00 ? 5  CYS A H    9  
ATOM   1150 H HA   . CYS A 1 2 ? 0.775  -1.896 -0.806 1.00 0.00 ? 5  CYS A HA   9  
ATOM   1151 H HB2  . CYS A 1 2 ? 0.211  -3.027 -3.616 1.00 0.00 ? 5  CYS A HB2  9  
ATOM   1152 H HB3  . CYS A 1 2 ? -0.006 -1.336 -3.202 1.00 0.00 ? 5  CYS A HB3  9  
ATOM   1153 N N    . PHE A 1 3 ? -1.649 -1.420 -0.342 1.00 0.00 ? 6  PHE A N    9  
ATOM   1154 C CA   . PHE A 1 3 ? -3.052 -1.054 -0.002 1.00 0.00 ? 6  PHE A CA   9  
ATOM   1155 C C    . PHE A 1 3 ? -3.266 0.498  -0.115 1.00 0.00 ? 6  PHE A C    9  
ATOM   1156 O O    . PHE A 1 3 ? -2.339 1.256  -0.424 1.00 0.00 ? 6  PHE A O    9  
ATOM   1157 C CB   . PHE A 1 3 ? -3.450 -1.726 1.351  1.00 0.00 ? 6  PHE A CB   9  
ATOM   1158 C CG   . PHE A 1 3 ? -2.713 -1.300 2.640  1.00 0.00 ? 6  PHE A CG   9  
ATOM   1159 C CD1  . PHE A 1 3 ? -1.539 -1.953 3.030  1.00 0.00 ? 6  PHE A CD1  9  
ATOM   1160 C CD2  . PHE A 1 3 ? -3.247 -0.304 3.463  1.00 0.00 ? 6  PHE A CD2  9  
ATOM   1161 C CE1  . PHE A 1 3 ? -0.912 -1.618 4.228  1.00 0.00 ? 6  PHE A CE1  9  
ATOM   1162 C CE2  . PHE A 1 3 ? -2.611 0.042  4.654  1.00 0.00 ? 6  PHE A CE2  9  
ATOM   1163 C CZ   . PHE A 1 3 ? -1.446 -0.618 5.037  1.00 0.00 ? 6  PHE A CZ   9  
ATOM   1164 H H    . PHE A 1 3 ? -0.883 -0.777 -0.075 1.00 0.00 ? 6  PHE A H    9  
ATOM   1165 H HA   . PHE A 1 3 ? -3.723 -1.481 -0.775 1.00 0.00 ? 6  PHE A HA   9  
ATOM   1166 H HB2  . PHE A 1 3 ? -4.539 -1.605 1.501  1.00 0.00 ? 6  PHE A HB2  9  
ATOM   1167 H HB3  . PHE A 1 3 ? -3.343 -2.822 1.230  1.00 0.00 ? 6  PHE A HB3  9  
ATOM   1168 H HD1  . PHE A 1 3 ? -1.106 -2.725 2.408  1.00 0.00 ? 6  PHE A HD1  9  
ATOM   1169 H HD2  . PHE A 1 3 ? -4.164 0.192  3.189  1.00 0.00 ? 6  PHE A HD2  9  
ATOM   1170 H HE1  . PHE A 1 3 ? -0.004 -2.126 4.523  1.00 0.00 ? 6  PHE A HE1  9  
ATOM   1171 H HE2  . PHE A 1 3 ? -3.027 0.812  5.287  1.00 0.00 ? 6  PHE A HE2  9  
ATOM   1172 H HZ   . PHE A 1 3 ? -0.951 -0.352 5.959  1.00 0.00 ? 6  PHE A HZ   9  
ATOM   1173 N N    . TRP A 1 4 ? -4.511 0.977  0.086  1.00 0.00 ? 7  TRP A N    9  
ATOM   1174 C CA   . TRP A 1 4 ? -4.947 2.363  -0.280 1.00 0.00 ? 7  TRP A CA   9  
ATOM   1175 C C    . TRP A 1 4 ? -3.968 3.577  -0.082 1.00 0.00 ? 7  TRP A C    9  
ATOM   1176 O O    . TRP A 1 4 ? -3.614 4.135  -1.128 1.00 0.00 ? 7  TRP A O    9  
ATOM   1177 C CB   . TRP A 1 4 ? -6.392 2.566  0.258  1.00 0.00 ? 7  TRP A CB   9  
ATOM   1178 C CG   . TRP A 1 4 ? -7.029 3.972  0.206  1.00 0.00 ? 7  TRP A CG   9  
ATOM   1179 C CD1  . TRP A 1 4 ? -7.661 4.606  1.293  1.00 0.00 ? 7  TRP A CD1  9  
ATOM   1180 C CD2  . TRP A 1 4 ? -7.170 4.847  -0.854 1.00 0.00 ? 7  TRP A CD2  9  
ATOM   1181 N NE1  . TRP A 1 4 ? -8.235 5.845  0.934  1.00 0.00 ? 7  TRP A NE1  9  
ATOM   1182 C CE2  . TRP A 1 4 ? -7.923 5.964  -0.412 1.00 0.00 ? 7  TRP A CE2  9  
ATOM   1183 C CE3  . TRP A 1 4 ? -6.696 4.784  -2.182 1.00 0.00 ? 7  TRP A CE3  9  
ATOM   1184 C CZ2  . TRP A 1 4 ? -8.237 7.009  -1.314 1.00 0.00 ? 7  TRP A CZ2  9  
ATOM   1185 C CZ3  . TRP A 1 4 ? -7.003 5.830  -3.054 1.00 0.00 ? 7  TRP A CZ3  9  
ATOM   1186 C CH2  . TRP A 1 4 ? -7.769 6.923  -2.628 1.00 0.00 ? 7  TRP A CH2  9  
ATOM   1187 H H    . TRP A 1 4 ? -5.195 0.258  0.339  1.00 0.00 ? 7  TRP A H    9  
ATOM   1188 H HA   . TRP A 1 4 ? -5.024 2.325  -1.377 1.00 0.00 ? 7  TRP A HA   9  
ATOM   1189 H HB2  . TRP A 1 4 ? -7.068 1.870  -0.273 1.00 0.00 ? 7  TRP A HB2  9  
ATOM   1190 H HB3  . TRP A 1 4 ? -6.422 2.226  1.306  1.00 0.00 ? 7  TRP A HB3  9  
ATOM   1191 H HD1  . TRP A 1 4 ? -7.695 4.176  2.282  1.00 0.00 ? 7  TRP A HD1  9  
ATOM   1192 H HE1  . TRP A 1 4 ? -9.030 6.291  1.409  1.00 0.00 ? 7  TRP A HE1  9  
ATOM   1193 H HE3  . TRP A 1 4 ? -6.071 3.956  -2.483 1.00 0.00 ? 7  TRP A HE3  9  
ATOM   1194 H HZ2  . TRP A 1 4 ? -8.829 7.855  -0.998 1.00 0.00 ? 7  TRP A HZ2  9  
ATOM   1195 H HZ3  . TRP A 1 4 ? -6.639 5.797  -4.070 1.00 0.00 ? 7  TRP A HZ3  9  
ATOM   1196 H HH2  . TRP A 1 4 ? -7.998 7.715  -3.327 1.00 0.00 ? 7  TRP A HH2  9  
HETATM 1197 N N    . NMK A 1 5 ? -3.506 4.017  1.128  1.00 0.00 ? 8  NMK A N    9  
HETATM 1198 C CA   . NMK A 1 5 ? -2.396 5.035  1.161  1.00 0.00 ? 8  NMK A CA   9  
HETATM 1199 C CB   . NMK A 1 5 ? -2.833 6.329  1.913  1.00 0.00 ? 8  NMK A CB   9  
HETATM 1200 C CG   . NMK A 1 5 ? -4.057 7.056  1.306  1.00 0.00 ? 8  NMK A CG   9  
HETATM 1201 C CD   . NMK A 1 5 ? -4.306 8.438  1.947  1.00 0.00 ? 8  NMK A CD   9  
HETATM 1202 C CE   . NMK A 1 5 ? -5.487 9.229  1.353  1.00 0.00 ? 8  NMK A CE   9  
HETATM 1203 N NZ   . NMK A 1 5 ? -6.785 8.646  1.756  1.00 0.00 ? 8  NMK A NZ   9  
HETATM 1204 C C    . NMK A 1 5 ? -1.008 4.438  1.597  1.00 0.00 ? 8  NMK A C    9  
HETATM 1205 O O    . NMK A 1 5 ? -0.267 5.072  2.354  1.00 0.00 ? 8  NMK A O    9  
HETATM 1206 C CN   . NMK A 1 5 ? -3.990 3.423  2.403  1.00 0.00 ? 8  NMK A CN   9  
HETATM 1207 H HA   . NMK A 1 5 ? -2.198 5.399  0.137  1.00 0.00 ? 8  NMK A HA   9  
HETATM 1208 H HB2  . NMK A 1 5 ? -3.024 6.090  2.976  1.00 0.00 ? 8  NMK A HB2  9  
HETATM 1209 H HB3  . NMK A 1 5 ? -1.973 7.024  1.920  1.00 0.00 ? 8  NMK A HB3  9  
HETATM 1210 H HG2  . NMK A 1 5 ? -3.911 7.159  0.212  1.00 0.00 ? 8  NMK A HG2  9  
HETATM 1211 H HG3  . NMK A 1 5 ? -4.949 6.408  1.413  1.00 0.00 ? 8  NMK A HG3  9  
HETATM 1212 H HD2  . NMK A 1 5 ? -4.416 8.339  3.045  1.00 0.00 ? 8  NMK A HD2  9  
HETATM 1213 H HD3  . NMK A 1 5 ? -3.392 9.049  1.818  1.00 0.00 ? 8  NMK A HD3  9  
HETATM 1214 H HE2  . NMK A 1 5 ? -5.429 10.283 1.697  1.00 0.00 ? 8  NMK A HE2  9  
HETATM 1215 H HE3  . NMK A 1 5 ? -5.403 9.277  0.248  1.00 0.00 ? 8  NMK A HE3  9  
HETATM 1216 H HZ1  . NMK A 1 5 ? -6.869 8.569  2.776  1.00 0.00 ? 8  NMK A HZ1  9  
HETATM 1217 H HZ3  . NMK A 1 5 ? -6.907 7.690  1.387  1.00 0.00 ? 8  NMK A HZ3  9  
HETATM 1218 H HM1  . NMK A 1 5 ? -3.387 3.746  3.271  1.00 0.00 ? 8  NMK A HM1  9  
HETATM 1219 H HM2  . NMK A 1 5 ? -5.035 3.721  2.609  1.00 0.00 ? 8  NMK A HM2  9  
HETATM 1220 H HM3  . NMK A 1 5 ? -3.940 2.321  2.388  1.00 0.00 ? 8  NMK A HM3  9  
HETATM 1221 H HZ2  . NMK A 1 5 ? -7.588 9.193  1.426  1.00 0.00 ? 8  NMK A HZ2  9  
ATOM   1222 N N    . TYR A 1 6 ? -0.639 3.228  1.114  1.00 0.00 ? 9  TYR A N    9  
ATOM   1223 C CA   . TYR A 1 6 ? 0.619  2.543  1.522  1.00 0.00 ? 9  TYR A CA   9  
ATOM   1224 C C    . TYR A 1 6 ? 1.003  1.471  0.456  1.00 0.00 ? 9  TYR A C    9  
ATOM   1225 O O    . TYR A 1 6 ? 0.419  0.382  0.440  1.00 0.00 ? 9  TYR A O    9  
ATOM   1226 C CB   . TYR A 1 6 ? 0.437  1.925  2.945  1.00 0.00 ? 9  TYR A CB   9  
ATOM   1227 C CG   . TYR A 1 6 ? 1.716  1.361  3.588  1.00 0.00 ? 9  TYR A CG   9  
ATOM   1228 C CD1  . TYR A 1 6 ? 2.059  0.015  3.416  1.00 0.00 ? 9  TYR A CD1  9  
ATOM   1229 C CD2  . TYR A 1 6 ? 2.541  2.186  4.359  1.00 0.00 ? 9  TYR A CD2  9  
ATOM   1230 C CE1  . TYR A 1 6 ? 3.201  -0.501 4.021  1.00 0.00 ? 9  TYR A CE1  9  
ATOM   1231 C CE2  . TYR A 1 6 ? 3.691  1.670  4.954  1.00 0.00 ? 9  TYR A CE2  9  
ATOM   1232 C CZ   . TYR A 1 6 ? 4.018  0.326  4.787  1.00 0.00 ? 9  TYR A CZ   9  
ATOM   1233 O OH   . TYR A 1 6 ? 5.151  -0.185 5.360  1.00 0.00 ? 9  TYR A OH   9  
ATOM   1234 H H    . TYR A 1 6 ? -1.374 2.742  0.559  1.00 0.00 ? 9  TYR A H    9  
ATOM   1235 H HA   . TYR A 1 6 ? 1.435  3.293  1.583  1.00 0.00 ? 9  TYR A HA   9  
ATOM   1236 H HB2  . TYR A 1 6 ? 0.008  2.682  3.629  1.00 0.00 ? 9  TYR A HB2  9  
ATOM   1237 H HB3  . TYR A 1 6 ? -0.342 1.140  2.904  1.00 0.00 ? 9  TYR A HB3  9  
ATOM   1238 H HD1  . TYR A 1 6 ? 1.447  -0.635 2.808  1.00 0.00 ? 9  TYR A HD1  9  
ATOM   1239 H HD2  . TYR A 1 6 ? 2.293  3.229  4.498  1.00 0.00 ? 9  TYR A HD2  9  
ATOM   1240 H HE1  . TYR A 1 6 ? 3.466  -1.540 3.877  1.00 0.00 ? 9  TYR A HE1  9  
ATOM   1241 H HE2  . TYR A 1 6 ? 4.323  2.315  5.545  1.00 0.00 ? 9  TYR A HE2  9  
ATOM   1242 H HH   . TYR A 1 6 ? 5.611  0.518  5.820  1.00 0.00 ? 9  TYR A HH   9  
ATOM   1243 N N    . CYS A 1 7 ? 2.009  1.744  -0.400 1.00 0.00 ? 10 CYS A N    9  
ATOM   1244 C CA   . CYS A 1 7 ? 2.534  0.723  -1.349 1.00 0.00 ? 10 CYS A CA   9  
ATOM   1245 C C    . CYS A 1 7 ? 3.951  0.192  -0.964 1.00 0.00 ? 10 CYS A C    9  
ATOM   1246 O O    . CYS A 1 7 ? 4.958  0.534  -1.590 1.00 0.00 ? 10 CYS A O    9  
ATOM   1247 C CB   . CYS A 1 7 ? 2.398  1.250  -2.792 1.00 0.00 ? 10 CYS A CB   9  
ATOM   1248 S SG   . CYS A 1 7 ? 2.564  -0.110 -3.984 1.00 0.00 ? 10 CYS A SG   9  
ATOM   1249 H H    . CYS A 1 7 ? 2.414  2.681  -0.325 1.00 0.00 ? 10 CYS A H    9  
ATOM   1250 H HA   . CYS A 1 7 ? 1.877  -0.159 -1.340 1.00 0.00 ? 10 CYS A HA   9  
ATOM   1251 H HB2  . CYS A 1 7 ? 1.404  1.710  -2.954 1.00 0.00 ? 10 CYS A HB2  9  
ATOM   1252 H HB3  . CYS A 1 7 ? 3.147  2.032  -3.014 1.00 0.00 ? 10 CYS A HB3  9  
ATOM   1253 N N    . VAL A 1 8 ? 4.004  -0.683 0.056  1.00 0.00 ? 11 VAL A N    9  
ATOM   1254 C CA   . VAL A 1 8 ? 5.221  -1.468 0.406  1.00 0.00 ? 11 VAL A CA   9  
ATOM   1255 C C    . VAL A 1 8 ? 4.685  -2.888 0.739  1.00 0.00 ? 11 VAL A C    9  
ATOM   1256 O O    . VAL A 1 8 ? 4.097  -3.104 1.826  1.00 0.00 ? 11 VAL A O    9  
ATOM   1257 C CB   . VAL A 1 8 ? 6.083  -0.839 1.558  1.00 0.00 ? 11 VAL A CB   9  
ATOM   1258 C CG1  . VAL A 1 8 ? 7.364  -1.651 1.857  1.00 0.00 ? 11 VAL A CG1  9  
ATOM   1259 C CG2  . VAL A 1 8 ? 6.514  0.628  1.327  1.00 0.00 ? 11 VAL A CG2  9  
ATOM   1260 O OXT  . VAL A 1 8 ? 4.825  -3.813 -0.098 1.00 0.00 ? 11 VAL A OXT  9  
ATOM   1261 H H    . VAL A 1 8 ? 3.113  -0.889 0.521  1.00 0.00 ? 11 VAL A H    9  
ATOM   1262 H HA   . VAL A 1 8 ? 5.868  -1.579 -0.485 1.00 0.00 ? 11 VAL A HA   9  
ATOM   1263 H HB   . VAL A 1 8 ? 5.466  -0.858 2.473  1.00 0.00 ? 11 VAL A HB   9  
ATOM   1264 H HG11 . VAL A 1 8 ? 7.122  -2.699 2.122  1.00 0.00 ? 11 VAL A HG11 9  
ATOM   1265 H HG12 . VAL A 1 8 ? 8.047  -1.686 0.988  1.00 0.00 ? 11 VAL A HG12 9  
ATOM   1266 H HG13 . VAL A 1 8 ? 7.929  -1.237 2.712  1.00 0.00 ? 11 VAL A HG13 9  
ATOM   1267 H HG21 . VAL A 1 8 ? 7.109  0.743  0.401  1.00 0.00 ? 11 VAL A HG21 9  
ATOM   1268 H HG22 . VAL A 1 8 ? 5.636  1.293  1.231  1.00 0.00 ? 11 VAL A HG22 9  
ATOM   1269 H HG23 . VAL A 1 8 ? 7.114  1.025  2.166  1.00 0.00 ? 11 VAL A HG23 9  
ATOM   1270 N N    . ASP A 1 1 ? 3.187  -5.370 1.232  1.00 0.00 ? 4  ASP A N    10 
ATOM   1271 C CA   . ASP A 1 1 ? 1.707  -5.322 1.180  1.00 0.00 ? 4  ASP A CA   10 
ATOM   1272 C C    . ASP A 1 1 ? 1.209  -3.961 0.601  1.00 0.00 ? 4  ASP A C    10 
ATOM   1273 O O    . ASP A 1 1 ? 1.228  -2.941 1.299  1.00 0.00 ? 4  ASP A O    10 
ATOM   1274 C CB   . ASP A 1 1 ? 1.167  -5.614 2.602  1.00 0.00 ? 4  ASP A CB   10 
ATOM   1275 C CG   . ASP A 1 1 ? 1.530  -6.995 3.153  1.00 0.00 ? 4  ASP A CG   10 
ATOM   1276 O OD1  . ASP A 1 1 ? 0.623  -7.766 3.521  1.00 0.00 ? 4  ASP A OD1  10 
ATOM   1277 O OD2  . ASP A 1 1 ? 2.742  -7.305 3.182  1.00 0.00 ? 4  ASP A OD2  10 
ATOM   1278 H H1   . ASP A 1 1 ? 3.622  -4.434 1.489  1.00 0.00 ? 4  ASP A H1   10 
ATOM   1279 H H2   . ASP A 1 1 ? 3.464  -6.065 1.951  1.00 0.00 ? 4  ASP A H2   10 
ATOM   1280 H H3   . ASP A 1 1 ? 3.660  -5.553 0.342  1.00 0.00 ? 4  ASP A H3   10 
ATOM   1281 H HA   . ASP A 1 1 ? 1.357  -6.144 0.523  1.00 0.00 ? 4  ASP A HA   10 
ATOM   1282 H HB2  . ASP A 1 1 ? 1.514  -4.851 3.323  1.00 0.00 ? 4  ASP A HB2  10 
ATOM   1283 H HB3  . ASP A 1 1 ? 0.063  -5.527 2.605  1.00 0.00 ? 4  ASP A HB3  10 
ATOM   1284 N N    . CYS A 1 2 ? 0.769  -3.936 -0.674 1.00 0.00 ? 5  CYS A N    10 
ATOM   1285 C CA   . CYS A 1 2 ? 0.332  -2.680 -1.338 1.00 0.00 ? 5  CYS A CA   10 
ATOM   1286 C C    . CYS A 1 2 ? -1.206 -2.441 -1.217 1.00 0.00 ? 5  CYS A C    10 
ATOM   1287 O O    . CYS A 1 2 ? -2.021 -3.200 -1.750 1.00 0.00 ? 5  CYS A O    10 
ATOM   1288 C CB   . CYS A 1 2 ? 0.860  -2.695 -2.788 1.00 0.00 ? 5  CYS A CB   10 
ATOM   1289 S SG   . CYS A 1 2 ? 0.394  -1.196 -3.697 1.00 0.00 ? 5  CYS A SG   10 
ATOM   1290 H H    . CYS A 1 2 ? 0.802  -4.823 -1.185 1.00 0.00 ? 5  CYS A H    10 
ATOM   1291 H HA   . CYS A 1 2 ? 0.851  -1.846 -0.845 1.00 0.00 ? 5  CYS A HA   10 
ATOM   1292 H HB2  . CYS A 1 2 ? 1.963  -2.794 -2.807 1.00 0.00 ? 5  CYS A HB2  10 
ATOM   1293 H HB3  . CYS A 1 2 ? 0.459  -3.565 -3.336 1.00 0.00 ? 5  CYS A HB3  10 
ATOM   1294 N N    . PHE A 1 3 ? -1.590 -1.375 -0.493 1.00 0.00 ? 6  PHE A N    10 
ATOM   1295 C CA   . PHE A 1 3 ? -3.008 -1.017 -0.215 1.00 0.00 ? 6  PHE A CA   10 
ATOM   1296 C C    . PHE A 1 3 ? -3.215 0.541  -0.260 1.00 0.00 ? 6  PHE A C    10 
ATOM   1297 O O    . PHE A 1 3 ? -2.277 1.309  -0.497 1.00 0.00 ? 6  PHE A O    10 
ATOM   1298 C CB   . PHE A 1 3 ? -3.481 -1.749 1.084  1.00 0.00 ? 6  PHE A CB   10 
ATOM   1299 C CG   . PHE A 1 3 ? -4.997 -1.901 1.340  1.00 0.00 ? 6  PHE A CG   10 
ATOM   1300 C CD1  . PHE A 1 3 ? -5.675 -3.053 0.935  1.00 0.00 ? 6  PHE A CD1  10 
ATOM   1301 C CD2  . PHE A 1 3 ? -5.697 -0.901 2.024  1.00 0.00 ? 6  PHE A CD2  10 
ATOM   1302 C CE1  . PHE A 1 3 ? -7.037 -3.199 1.195  1.00 0.00 ? 6  PHE A CE1  10 
ATOM   1303 C CE2  . PHE A 1 3 ? -7.056 -1.049 2.291  1.00 0.00 ? 6  PHE A CE2  10 
ATOM   1304 C CZ   . PHE A 1 3 ? -7.725 -2.196 1.873  1.00 0.00 ? 6  PHE A CZ   10 
ATOM   1305 H H    . PHE A 1 3 ? -0.832 -0.781 -0.113 1.00 0.00 ? 6  PHE A H    10 
ATOM   1306 H HA   . PHE A 1 3 ? -3.634 -1.402 -1.046 1.00 0.00 ? 6  PHE A HA   10 
ATOM   1307 H HB2  . PHE A 1 3 ? -3.006 -2.746 1.128  1.00 0.00 ? 6  PHE A HB2  10 
ATOM   1308 H HB3  . PHE A 1 3 ? -3.028 -1.229 1.951  1.00 0.00 ? 6  PHE A HB3  10 
ATOM   1309 H HD1  . PHE A 1 3 ? -5.144 -3.845 0.432  1.00 0.00 ? 6  PHE A HD1  10 
ATOM   1310 H HD2  . PHE A 1 3 ? -5.193 -0.001 2.347  1.00 0.00 ? 6  PHE A HD2  10 
ATOM   1311 H HE1  . PHE A 1 3 ? -7.557 -4.090 0.877  1.00 0.00 ? 6  PHE A HE1  10 
ATOM   1312 H HE2  . PHE A 1 3 ? -7.591 -0.266 2.811  1.00 0.00 ? 6  PHE A HE2  10 
ATOM   1313 H HZ   . PHE A 1 3 ? -8.782 -2.305 2.074  1.00 0.00 ? 6  PHE A HZ   10 
ATOM   1314 N N    . TRP A 1 4 ? -4.467 1.010  -0.073 1.00 0.00 ? 7  TRP A N    10 
ATOM   1315 C CA   . TRP A 1 4 ? -4.894 2.422  -0.341 1.00 0.00 ? 7  TRP A CA   10 
ATOM   1316 C C    . TRP A 1 4 ? -3.904 3.611  -0.063 1.00 0.00 ? 7  TRP A C    10 
ATOM   1317 O O    . TRP A 1 4 ? -3.510 4.209  -1.072 1.00 0.00 ? 7  TRP A O    10 
ATOM   1318 C CB   . TRP A 1 4 ? -6.341 2.593  0.207  1.00 0.00 ? 7  TRP A CB   10 
ATOM   1319 C CG   . TRP A 1 4 ? -6.954 4.007  0.317  1.00 0.00 ? 7  TRP A CG   10 
ATOM   1320 C CD1  . TRP A 1 4 ? -7.564 4.526  1.475  1.00 0.00 ? 7  TRP A CD1  10 
ATOM   1321 C CD2  . TRP A 1 4 ? -7.050 5.015  -0.622 1.00 0.00 ? 7  TRP A CD2  10 
ATOM   1322 N NE1  . TRP A 1 4 ? -8.071 5.828  1.282  1.00 0.00 ? 7  TRP A NE1  10 
ATOM   1323 C CE2  . TRP A 1 4 ? -7.738 6.107  -0.035 1.00 0.00 ? 7  TRP A CE2  10 
ATOM   1324 C CE3  . TRP A 1 4 ? -6.573 5.098  -1.950 1.00 0.00 ? 7  TRP A CE3  10 
ATOM   1325 C CZ2  . TRP A 1 4 ? -7.979 7.280  -0.788 1.00 0.00 ? 7  TRP A CZ2  10 
ATOM   1326 C CZ3  . TRP A 1 4 ? -6.811 6.268  -2.674 1.00 0.00 ? 7  TRP A CZ3  10 
ATOM   1327 C CH2  . TRP A 1 4 ? -7.508 7.342  -2.103 1.00 0.00 ? 7  TRP A CH2  10 
ATOM   1328 H H    . TRP A 1 4 ? -5.158 0.276  0.108  1.00 0.00 ? 7  TRP A H    10 
ATOM   1329 H HA   . TRP A 1 4 ? -4.974 2.464  -1.437 1.00 0.00 ? 7  TRP A HA   10 
ATOM   1330 H HB2  . TRP A 1 4 ? -7.024 1.972  -0.401 1.00 0.00 ? 7  TRP A HB2  10 
ATOM   1331 H HB3  . TRP A 1 4 ? -6.386 2.139  1.211  1.00 0.00 ? 7  TRP A HB3  10 
ATOM   1332 H HD1  . TRP A 1 4 ? -7.614 3.981  2.406  1.00 0.00 ? 7  TRP A HD1  10 
ATOM   1333 H HE1  . TRP A 1 4 ? -8.849 6.257  1.796  1.00 0.00 ? 7  TRP A HE1  10 
ATOM   1334 H HE3  . TRP A 1 4 ? -6.004 4.280  -2.364 1.00 0.00 ? 7  TRP A HE3  10 
ATOM   1335 H HZ2  . TRP A 1 4 ? -8.511 8.115  -0.358 1.00 0.00 ? 7  TRP A HZ2  10 
ATOM   1336 H HZ3  . TRP A 1 4 ? -6.444 6.349  -3.686 1.00 0.00 ? 7  TRP A HZ3  10 
ATOM   1337 H HH2  . TRP A 1 4 ? -7.680 8.234  -2.689 1.00 0.00 ? 7  TRP A HH2  10 
HETATM 1338 N N    . NMK A 1 5 ? -3.472 3.995  1.180  1.00 0.00 ? 8  NMK A N    10 
HETATM 1339 C CA   . NMK A 1 5 ? -2.352 4.996  1.289  1.00 0.00 ? 8  NMK A CA   10 
HETATM 1340 C CB   . NMK A 1 5 ? -2.819 6.266  2.061  1.00 0.00 ? 8  NMK A CB   10 
HETATM 1341 C CG   . NMK A 1 5 ? -3.946 7.064  1.355  1.00 0.00 ? 8  NMK A CG   10 
HETATM 1342 C CD   . NMK A 1 5 ? -4.283 8.422  2.012  1.00 0.00 ? 8  NMK A CD   10 
HETATM 1343 C CE   . NMK A 1 5 ? -5.028 8.361  3.359  1.00 0.00 ? 8  NMK A CE   10 
HETATM 1344 N NZ   . NMK A 1 5 ? -6.438 7.952  3.167  1.00 0.00 ? 8  NMK A NZ   10 
HETATM 1345 C C    . NMK A 1 5 ? -0.989 4.367  1.754  1.00 0.00 ? 8  NMK A C    10 
HETATM 1346 O O    . NMK A 1 5 ? -0.263 4.964  2.556  1.00 0.00 ? 8  NMK A O    10 
HETATM 1347 C CN   . NMK A 1 5 ? -3.985 3.342  2.414  1.00 0.00 ? 8  NMK A CN   10 
HETATM 1348 H HA   . NMK A 1 5 ? -2.104 5.388  0.287  1.00 0.00 ? 8  NMK A HA   10 
HETATM 1349 H HB2  . NMK A 1 5 ? -3.121 5.983  3.085  1.00 0.00 ? 8  NMK A HB2  10 
HETATM 1350 H HB3  . NMK A 1 5 ? -1.944 6.932  2.187  1.00 0.00 ? 8  NMK A HB3  10 
HETATM 1351 H HG2  . NMK A 1 5 ? -3.635 7.240  0.308  1.00 0.00 ? 8  NMK A HG2  10 
HETATM 1352 H HG3  . NMK A 1 5 ? -4.853 6.435  1.256  1.00 0.00 ? 8  NMK A HG3  10 
HETATM 1353 H HD2  . NMK A 1 5 ? -3.340 8.986  2.153  1.00 0.00 ? 8  NMK A HD2  10 
HETATM 1354 H HD3  . NMK A 1 5 ? -4.854 9.042  1.291  1.00 0.00 ? 8  NMK A HD3  10 
HETATM 1355 H HE2  . NMK A 1 5 ? -4.511 7.674  4.059  1.00 0.00 ? 8  NMK A HE2  10 
HETATM 1356 H HE3  . NMK A 1 5 ? -4.992 9.356  3.848  1.00 0.00 ? 8  NMK A HE3  10 
HETATM 1357 H HZ1  . NMK A 1 5 ? -6.970 8.655  2.642  1.00 0.00 ? 8  NMK A HZ1  10 
HETATM 1358 H HZ3  . NMK A 1 5 ? -6.936 7.794  4.051  1.00 0.00 ? 8  NMK A HZ3  10 
HETATM 1359 H HM1  . NMK A 1 5 ? -5.017 3.665  2.634  1.00 0.00 ? 8  NMK A HM1  10 
HETATM 1360 H HM2  . NMK A 1 5 ? -3.974 2.243  2.332  1.00 0.00 ? 8  NMK A HM2  10 
HETATM 1361 H HM3  . NMK A 1 5 ? -3.374 3.592  3.301  1.00 0.00 ? 8  NMK A HM3  10 
HETATM 1362 H HZ2  . NMK A 1 5 ? -6.514 7.083  2.617  1.00 0.00 ? 8  NMK A HZ2  10 
ATOM   1363 N N    . TYR A 1 6 ? -0.626 3.172  1.234  1.00 0.00 ? 9  TYR A N    10 
ATOM   1364 C CA   . TYR A 1 6 ? 0.630  2.465  1.611  1.00 0.00 ? 9  TYR A CA   10 
ATOM   1365 C C    . TYR A 1 6 ? 0.967  1.422  0.503  1.00 0.00 ? 9  TYR A C    10 
ATOM   1366 O O    . TYR A 1 6 ? 0.443  0.304  0.530  1.00 0.00 ? 9  TYR A O    10 
ATOM   1367 C CB   . TYR A 1 6 ? 0.473  1.817  3.023  1.00 0.00 ? 9  TYR A CB   10 
ATOM   1368 C CG   . TYR A 1 6 ? 1.751  1.195  3.610  1.00 0.00 ? 9  TYR A CG   10 
ATOM   1369 C CD1  . TYR A 1 6 ? 2.635  1.979  4.361  1.00 0.00 ? 9  TYR A CD1  10 
ATOM   1370 C CD2  . TYR A 1 6 ? 2.040  -0.158 3.404  1.00 0.00 ? 9  TYR A CD2  10 
ATOM   1371 C CE1  . TYR A 1 6 ? 3.791  1.413  4.898  1.00 0.00 ? 9  TYR A CE1  10 
ATOM   1372 C CE2  . TYR A 1 6 ? 3.191  -0.722 3.946  1.00 0.00 ? 9  TYR A CE2  10 
ATOM   1373 C CZ   . TYR A 1 6 ? 4.065  0.064  4.691  1.00 0.00 ? 9  TYR A CZ   10 
ATOM   1374 O OH   . TYR A 1 6 ? 5.205  -0.494 5.207  1.00 0.00 ? 9  TYR A OH   10 
ATOM   1375 H H    . TYR A 1 6 ? -1.349 2.726  0.633  1.00 0.00 ? 9  TYR A H    10 
ATOM   1376 H HA   . TYR A 1 6 ? 1.458  3.202  1.667  1.00 0.00 ? 9  TYR A HA   10 
ATOM   1377 H HB2  . TYR A 1 6 ? 0.086  2.569  3.737  1.00 0.00 ? 9  TYR A HB2  10 
ATOM   1378 H HB3  . TYR A 1 6 ? -0.331 1.057  2.985  1.00 0.00 ? 9  TYR A HB3  10 
ATOM   1379 H HD1  . TYR A 1 6 ? 2.429  3.026  4.527  1.00 0.00 ? 9  TYR A HD1  10 
ATOM   1380 H HD2  . TYR A 1 6 ? 1.383  -0.776 2.809  1.00 0.00 ? 9  TYR A HD2  10 
ATOM   1381 H HE1  . TYR A 1 6 ? 4.468  2.026  5.473  1.00 0.00 ? 9  TYR A HE1  10 
ATOM   1382 H HE2  . TYR A 1 6 ? 3.419  -1.763 3.767  1.00 0.00 ? 9  TYR A HE2  10 
ATOM   1383 H HH   . TYR A 1 6 ? 5.709  0.186  5.656  1.00 0.00 ? 9  TYR A HH   10 
ATOM   1384 N N    . CYS A 1 7 ? 1.853  1.758  -0.456 1.00 0.00 ? 10 CYS A N    10 
ATOM   1385 C CA   . CYS A 1 7 ? 2.307  0.780  -1.484 1.00 0.00 ? 10 CYS A CA   10 
ATOM   1386 C C    . CYS A 1 7 ? 3.744  0.231  -1.217 1.00 0.00 ? 10 CYS A C    10 
ATOM   1387 O O    . CYS A 1 7 ? 4.704  0.588  -1.908 1.00 0.00 ? 10 CYS A O    10 
ATOM   1388 C CB   . CYS A 1 7 ? 2.055  1.356  -2.890 1.00 0.00 ? 10 CYS A CB   10 
ATOM   1389 S SG   . CYS A 1 7 ? 1.980  -0.009 -4.076 1.00 0.00 ? 10 CYS A SG   10 
ATOM   1390 H H    . CYS A 1 7 ? 2.207  2.719  -0.420 1.00 0.00 ? 10 CYS A H    10 
ATOM   1391 H HA   . CYS A 1 7 ? 1.651  -0.098 -1.476 1.00 0.00 ? 10 CYS A HA   10 
ATOM   1392 H HB2  . CYS A 1 7 ? 1.093  1.900  -2.944 1.00 0.00 ? 10 CYS A HB2  10 
ATOM   1393 H HB3  . CYS A 1 7 ? 2.844  2.074  -3.184 1.00 0.00 ? 10 CYS A HB3  10 
ATOM   1394 N N    . VAL A 1 8 ? 3.877  -0.648 -0.203 1.00 0.00 ? 11 VAL A N    10 
ATOM   1395 C CA   . VAL A 1 8 ? 5.161  -1.329 0.130  1.00 0.00 ? 11 VAL A CA   10 
ATOM   1396 C C    . VAL A 1 8 ? 4.764  -2.789 0.486  1.00 0.00 ? 11 VAL A C    10 
ATOM   1397 O O    . VAL A 1 8 ? 4.365  -3.073 1.642  1.00 0.00 ? 11 VAL A O    10 
ATOM   1398 C CB   . VAL A 1 8 ? 5.982  -0.603 1.256  1.00 0.00 ? 11 VAL A CB   10 
ATOM   1399 C CG1  . VAL A 1 8 ? 7.326  -1.305 1.567  1.00 0.00 ? 11 VAL A CG1  10 
ATOM   1400 C CG2  . VAL A 1 8 ? 6.301  0.886  0.985  1.00 0.00 ? 11 VAL A CG2  10 
ATOM   1401 O OXT  . VAL A 1 8 ? 4.825  -3.677 -0.397 1.00 0.00 ? 11 VAL A OXT  10 
ATOM   1402 H H    . VAL A 1 8 ? 3.022  -0.875 0.314  1.00 0.00 ? 11 VAL A H    10 
ATOM   1403 H HA   . VAL A 1 8 ? 5.801  -1.396 -0.771 1.00 0.00 ? 11 VAL A HA   10 
ATOM   1404 H HB   . VAL A 1 8 ? 5.372  -0.645 2.177  1.00 0.00 ? 11 VAL A HB   10 
ATOM   1405 H HG11 . VAL A 1 8 ? 7.167  -2.359 1.867  1.00 0.00 ? 11 VAL A HG11 10 
ATOM   1406 H HG12 . VAL A 1 8 ? 8.003  -1.314 0.692  1.00 0.00 ? 11 VAL A HG12 10 
ATOM   1407 H HG13 . VAL A 1 8 ? 7.863  -0.824 2.405  1.00 0.00 ? 11 VAL A HG13 10 
ATOM   1408 H HG21 . VAL A 1 8 ? 5.374  1.481  0.885  1.00 0.00 ? 11 VAL A HG21 10 
ATOM   1409 H HG22 . VAL A 1 8 ? 6.879  1.348  1.806  1.00 0.00 ? 11 VAL A HG22 10 
ATOM   1410 H HG23 . VAL A 1 8 ? 6.874  1.022  0.050  1.00 0.00 ? 11 VAL A HG23 10 
# 
